data_7W01
#
_entry.id   7W01
#
_cell.length_a   1.00
_cell.length_b   1.00
_cell.length_c   1.00
_cell.angle_alpha   90.00
_cell.angle_beta   90.00
_cell.angle_gamma   90.00
#
_symmetry.space_group_name_H-M   'P 1'
#
loop_
_entity.id
_entity.type
_entity.pdbx_description
1 polymer 'Phospholipid-transporting ATPase ABCA3'
2 non-polymer 2-acetamido-2-deoxy-beta-D-glucopyranose
3 non-polymer 1,2-DIMYRISTOYL-SN-GLYCERO-3-PHOSPHOCHOLINE
4 non-polymer '(2S)-3-(hexadecanoyloxy)-2-[(9Z)-octadec-9-enoyloxy]propyl 2-(trimethylammonio)ethyl phosphate'
#
_entity_poly.entity_id   1
_entity_poly.type   'polypeptide(L)'
_entity_poly.pdbx_seq_one_letter_code
;MADYKDDDDKSGPDEVDASGRMAVLRQLALLLWKNYTLQKRKVLVTVLELFLPLLFSGILIWLRLKIQSENVPNATIYPG
QSIQELPLFFTFPPPGDTWELAYIPSHSDAAKTVTETVRRALVINMRVRGFPSEKDFEDYIRYDNCSSSVLAAVVFEHPF
NHSKEPLPLAVKYHLRFSYTRRNYMWTQTGSFFLKETEGWHTTSLFPLFPNPGPREPTSPDGGEPGYIREGFLAVQHAVD
RAIMEYHADAATRQLFQRLTVTIKRFPYPPFIADPFLVAIQYQLPLLLLLSFTYTALTIARAVVQEKERRLKEYMRMMGL
SSWLHWSAWFLLFFLFLLIAASFMTLLFCVKVKPNVAVLSRSDPSLVLAFLLCFAISTISFSFMVSTFFSKANMAAAFGG
FLYFFTYIPYFFVAPRYNWMTLSQKLCSCLLSNVAMAMGAQLIGKFEAKGMGIQWRDLLSPVNVDDDFCFGQVLGMLLLD
SVLYGLVTWYMEAVFPGQFGVPQPWYFFIMPSYWCGKPRAVAGKEEEDSDPEKALRNEYFEAEPEDLVAGIKIKHLSKVF
RVGNKDRAAVRDLNLNLYEGQITVLLGHNGAGKTTTLSMLTGLFPPTSGRAYISGYEISQDMVQIRKSLGLCPQHDILFD
NLTVAEHLYFYAQLKGLSRQKCPEEVKQMLHIIGLEDKWNSRSRFLSGGMRRKLSIGIALIAGSKVLILDEPTSGMDAIS
RRAIWDLLQRQKSDRTIVLTTHFMDEADLLGDRIAIMAKGELQCCGSSLFLKQKYGAGYHMTLVKEPHCNPEDISQLVHH
HVPNATLESSAGAELSFILPRESTHRFEGLFAKLEKKQKELGIASFGASITTMEEVFLRVGKLVDSSMDIQAIQLPALQY
QHERRASDWAVDSNLCGAMDPSDGIGALIEEERTAVKLNTGLALHCQQFWAMFLKKAAYSWREWKMVAAQVLVPLTCVTL
ALLAINYSSELFDDPMLRLTLGEYGRTVVPFSVPGTSQLGQQLSEHLKDALQAEGQEPREVLGDLEEFLIFRASVEGGGF
NERCLVAASFRDVGERTVVNALFNNQAYHSPATALAVVDNLLFKLLCGPHASIVVSNFPQPRSALQAAKDQFNEGRKGFD
IALNLLFAMAFLASTFSILAVSERAVQAKHVQFVSGVHVASFWLSALLWDLISFLIPSLLLLVVFKAFDVRAFTRDGHMA
DTLLLLLLYGWAIIPLMYLMNFFFLGAATAYTRLTIFNILSGIATFLMVTIMRIPAVKLEELSKTLDHVFLVLPNHCLGM
AVSSFYENYETRRYCTSSEVAAHYCKKYNIQYQENFYAWSAPGVGRFVASMAASGCAYLILLFLIETNLLQRLRGILCAL
RRRRTLTELYTRMPVLPEDQDVADERTRILAPSPDSLLHTPLIIKELSKVYEQRVPLLAVDRLSLAVQKGECFGLLGFNG
AGKTTTFKMLTGEESLTSGDAFVGGHRISSDVGKVRQRIGYCPQFDALLDHMTGREMLVMYARLRGIPERHIGACVENTL
RGLLLEPHANKLVRTYSGGNKRKLSTGIALIGEPAVIFLDEPSTGMDPVARRLLWDTVARARESGKAIIITSHSMEECEA
LCTRLAIMVQGQFKCLGSPQHLKSKFGSGYSLRAKVQSEGQQEALEEFKAFVDLTFPGSVLEDEHQGMVHYHLPGRDLSW
AKVFGILEKAKEKYGVDDYSVSQISLEQVFLSFAHLQPPTAEEGRLEGSDEVDAVEGSHHHHHHHHHH
;
_entity_poly.pdbx_strand_id   A
#
loop_
_chem_comp.id
_chem_comp.type
_chem_comp.name
_chem_comp.formula
NAG D-saccharide, beta linking 2-acetamido-2-deoxy-beta-D-glucopyranose 'C8 H15 N O6'
POV non-polymer '(2S)-3-(hexadecanoyloxy)-2-[(9Z)-octadec-9-enoyloxy]propyl 2-(trimethylammonio)ethyl phosphate' 'C42 H82 N O8 P'
PX4 non-polymer 1,2-DIMYRISTOYL-SN-GLYCERO-3-PHOSPHOCHOLINE 'C36 H73 N O8 P 1'
#
# COMPACT_ATOMS: atom_id res chain seq x y z
N MET A 22 36.92 16.04 0.00
CA MET A 22 38.00 15.48 0.79
C MET A 22 37.58 14.18 1.48
N ALA A 23 36.71 14.27 2.49
CA ALA A 23 36.10 13.10 3.10
C ALA A 23 34.64 12.96 2.74
N VAL A 24 34.00 14.04 2.30
CA VAL A 24 32.66 13.93 1.75
C VAL A 24 32.66 12.98 0.58
N LEU A 25 33.68 13.06 -0.28
CA LEU A 25 33.76 12.12 -1.38
C LEU A 25 34.02 10.71 -0.90
N ARG A 26 34.60 10.53 0.28
CA ARG A 26 34.79 9.19 0.82
C ARG A 26 33.47 8.62 1.33
N GLN A 27 32.71 9.44 2.03
CA GLN A 27 31.40 9.01 2.52
C GLN A 27 30.45 8.72 1.37
N LEU A 28 30.50 9.52 0.32
CA LEU A 28 29.58 9.35 -0.79
C LEU A 28 29.83 8.07 -1.57
N ALA A 29 31.01 7.46 -1.42
CA ALA A 29 31.29 6.17 -2.01
C ALA A 29 31.06 5.02 -1.04
N LEU A 30 31.35 5.24 0.23
CA LEU A 30 31.03 4.23 1.24
C LEU A 30 29.54 4.03 1.35
N LEU A 31 28.77 5.05 1.04
CA LEU A 31 27.33 5.00 1.08
C LEU A 31 26.72 4.54 -0.23
N LEU A 32 27.53 4.34 -1.25
CA LEU A 32 27.11 3.81 -2.54
C LEU A 32 27.45 2.34 -2.70
N TRP A 33 28.56 1.91 -2.14
CA TRP A 33 28.83 0.48 -2.06
C TRP A 33 27.73 -0.24 -1.29
N LYS A 34 27.24 0.38 -0.21
CA LYS A 34 26.20 -0.25 0.59
C LYS A 34 24.93 -0.44 -0.21
N ASN A 35 24.51 0.59 -0.95
CA ASN A 35 23.30 0.50 -1.76
C ASN A 35 23.45 -0.54 -2.86
N TYR A 36 24.60 -0.53 -3.54
CA TYR A 36 24.82 -1.50 -4.61
C TYR A 36 24.75 -2.92 -4.07
N THR A 37 25.38 -3.18 -2.92
CA THR A 37 25.34 -4.53 -2.36
C THR A 37 23.94 -4.93 -1.93
N LEU A 38 23.28 -4.09 -1.15
CA LEU A 38 21.93 -4.39 -0.70
C LEU A 38 20.99 -4.64 -1.85
N GLN A 39 21.15 -3.90 -2.96
CA GLN A 39 20.24 -4.05 -4.08
C GLN A 39 20.54 -5.25 -4.94
N LYS A 40 21.81 -5.61 -5.13
CA LYS A 40 22.08 -6.79 -5.93
C LYS A 40 21.96 -8.08 -5.13
N ARG A 41 21.73 -8.01 -3.82
CA ARG A 41 21.39 -9.24 -3.09
C ARG A 41 19.94 -9.67 -3.31
N LYS A 42 19.10 -8.83 -3.89
CA LYS A 42 17.72 -9.19 -4.23
C LYS A 42 17.68 -9.55 -5.71
N VAL A 43 17.81 -10.84 -6.01
CA VAL A 43 18.00 -11.24 -7.40
C VAL A 43 16.70 -11.13 -8.19
N LEU A 44 15.57 -11.55 -7.62
CA LEU A 44 14.34 -11.56 -8.39
C LEU A 44 13.91 -10.16 -8.78
N VAL A 45 14.26 -9.14 -8.02
CA VAL A 45 13.89 -7.77 -8.37
C VAL A 45 14.82 -7.19 -9.41
N THR A 46 16.13 -7.40 -9.26
CA THR A 46 17.07 -6.91 -10.24
C THR A 46 16.88 -7.57 -11.60
N VAL A 47 16.65 -8.88 -11.64
CA VAL A 47 16.49 -9.53 -12.94
C VAL A 47 15.14 -9.22 -13.55
N LEU A 48 14.14 -8.87 -12.75
CA LEU A 48 12.84 -8.49 -13.26
C LEU A 48 12.77 -7.03 -13.64
N GLU A 49 13.73 -6.22 -13.23
CA GLU A 49 13.81 -4.84 -13.68
C GLU A 49 14.57 -4.68 -14.99
N LEU A 50 15.25 -5.72 -15.46
CA LEU A 50 15.89 -5.67 -16.77
C LEU A 50 15.14 -6.46 -17.83
N PHE A 51 14.15 -7.26 -17.45
CA PHE A 51 13.37 -8.00 -18.43
C PHE A 51 11.96 -7.49 -18.58
N LEU A 52 11.63 -6.35 -18.00
CA LEU A 52 10.45 -5.65 -18.50
C LEU A 52 10.79 -4.69 -19.62
N PRO A 53 11.79 -3.81 -19.49
CA PRO A 53 12.08 -2.85 -20.57
C PRO A 53 12.68 -3.47 -21.82
N LEU A 54 12.82 -4.79 -21.89
CA LEU A 54 13.16 -5.46 -23.11
C LEU A 54 12.02 -6.30 -23.66
N LEU A 55 11.26 -6.97 -22.80
CA LEU A 55 10.04 -7.62 -23.24
C LEU A 55 9.03 -6.63 -23.81
N PHE A 56 9.05 -5.38 -23.35
CA PHE A 56 8.10 -4.41 -23.86
C PHE A 56 8.58 -3.65 -25.08
N SER A 57 9.88 -3.66 -25.37
CA SER A 57 10.37 -3.00 -26.57
C SER A 57 10.79 -4.00 -27.64
N GLY A 58 10.73 -5.29 -27.38
CA GLY A 58 10.92 -6.26 -28.43
C GLY A 58 9.63 -6.53 -29.16
N ILE A 59 8.52 -6.10 -28.57
CA ILE A 59 7.23 -6.23 -29.24
C ILE A 59 7.22 -5.40 -30.52
N LEU A 60 7.82 -4.22 -30.47
CA LEU A 60 7.82 -3.35 -31.65
C LEU A 60 8.61 -3.96 -32.79
N ILE A 61 9.66 -4.71 -32.51
CA ILE A 61 10.39 -5.37 -33.59
C ILE A 61 9.49 -6.37 -34.30
N TRP A 62 8.75 -7.17 -33.54
CA TRP A 62 7.80 -8.09 -34.12
C TRP A 62 6.76 -7.34 -34.94
N LEU A 63 6.13 -6.35 -34.33
CA LEU A 63 5.07 -5.60 -34.96
C LEU A 63 5.54 -4.85 -36.19
N ARG A 64 6.85 -4.57 -36.29
CA ARG A 64 7.36 -3.93 -37.48
C ARG A 64 7.63 -4.93 -38.58
N LEU A 65 8.27 -6.05 -38.26
CA LEU A 65 8.53 -7.04 -39.30
C LEU A 65 7.25 -7.74 -39.75
N LYS A 66 6.13 -7.46 -39.10
CA LYS A 66 4.86 -7.99 -39.57
C LYS A 66 4.09 -7.01 -40.46
N ILE A 67 4.72 -5.93 -40.92
CA ILE A 67 4.05 -4.92 -41.74
C ILE A 67 5.01 -4.42 -42.82
N GLN A 68 4.50 -4.24 -44.04
CA GLN A 68 5.28 -3.73 -45.17
C GLN A 68 4.77 -2.37 -45.64
N SER A 69 5.62 -1.66 -46.37
CA SER A 69 5.36 -0.31 -46.86
C SER A 69 5.40 -0.31 -48.38
N GLU A 70 4.47 0.42 -49.01
CA GLU A 70 4.32 0.35 -50.45
C GLU A 70 5.20 1.38 -51.16
N ASN A 71 5.04 2.66 -50.80
CA ASN A 71 5.88 3.74 -51.31
C ASN A 71 5.83 3.90 -52.83
N VAL A 72 4.70 4.41 -53.32
CA VAL A 72 4.48 4.70 -54.75
C VAL A 72 5.56 5.62 -55.29
N PRO A 73 6.03 5.44 -56.54
CA PRO A 73 7.02 6.36 -57.10
C PRO A 73 6.52 7.79 -57.28
N ASN A 74 5.49 8.00 -58.09
CA ASN A 74 4.95 9.34 -58.33
C ASN A 74 3.74 9.25 -59.25
N ALA A 75 3.11 10.41 -59.49
CA ALA A 75 2.16 10.64 -60.56
C ALA A 75 0.90 9.78 -60.52
N THR A 76 0.04 9.97 -59.52
CA THR A 76 -1.33 9.43 -59.56
C THR A 76 -2.26 10.61 -59.85
N ILE A 77 -2.91 10.53 -61.02
CA ILE A 77 -3.81 11.58 -61.50
C ILE A 77 -5.04 10.91 -62.08
N TYR A 78 -6.13 11.66 -62.15
CA TYR A 78 -7.45 11.12 -62.45
C TYR A 78 -8.05 11.81 -63.65
N PRO A 79 -8.96 11.13 -64.35
CA PRO A 79 -9.66 11.77 -65.48
C PRO A 79 -10.82 12.61 -65.01
N GLY A 80 -11.57 13.18 -65.96
CA GLY A 80 -12.74 13.95 -65.63
C GLY A 80 -14.03 13.24 -65.95
N GLN A 81 -15.12 13.61 -65.28
CA GLN A 81 -16.43 13.03 -65.52
C GLN A 81 -17.39 14.11 -66.01
N SER A 82 -18.55 13.66 -66.44
CA SER A 82 -19.63 14.54 -66.86
C SER A 82 -20.81 14.41 -65.91
N ILE A 83 -21.50 15.51 -65.72
CA ILE A 83 -22.63 15.59 -64.82
C ILE A 83 -23.84 16.03 -65.62
N GLN A 84 -23.80 15.79 -66.92
CA GLN A 84 -24.91 16.16 -67.79
C GLN A 84 -26.08 15.19 -67.66
N GLU A 85 -25.80 13.89 -67.56
CA GLU A 85 -26.83 12.87 -67.45
C GLU A 85 -26.55 11.96 -66.27
N LEU A 86 -27.62 11.44 -65.69
CA LEU A 86 -27.51 10.56 -64.54
C LEU A 86 -26.76 9.29 -64.91
N PRO A 87 -26.19 8.59 -63.93
CA PRO A 87 -25.44 7.37 -64.25
C PRO A 87 -26.33 6.35 -64.95
N LEU A 88 -25.68 5.41 -65.64
CA LEU A 88 -26.38 4.41 -66.44
C LEU A 88 -26.88 3.27 -65.54
N PHE A 89 -27.69 3.69 -64.56
CA PHE A 89 -28.43 2.79 -63.69
C PHE A 89 -29.87 3.21 -63.54
N PHE A 90 -30.20 4.48 -63.76
CA PHE A 90 -31.56 4.97 -63.70
C PHE A 90 -32.24 4.91 -65.05
N THR A 91 -31.56 4.42 -66.09
CA THR A 91 -32.21 4.13 -67.34
C THR A 91 -33.20 2.98 -67.20
N PHE A 92 -32.75 1.88 -66.62
CA PHE A 92 -33.65 0.77 -66.34
C PHE A 92 -34.62 1.14 -65.22
N PRO A 93 -35.92 0.93 -65.40
CA PRO A 93 -36.86 1.16 -64.31
C PRO A 93 -36.73 0.08 -63.26
N PRO A 94 -37.21 0.33 -62.04
CA PRO A 94 -37.12 -0.69 -60.99
C PRO A 94 -38.20 -1.74 -61.17
N PRO A 95 -38.14 -2.83 -60.40
CA PRO A 95 -39.33 -3.67 -60.22
C PRO A 95 -40.45 -2.86 -59.59
N GLY A 96 -41.52 -2.62 -60.33
CA GLY A 96 -42.55 -1.72 -59.85
C GLY A 96 -42.95 -0.69 -60.89
N ASP A 97 -42.75 0.59 -60.59
CA ASP A 97 -43.19 1.64 -61.51
C ASP A 97 -42.04 2.56 -61.89
N THR A 98 -42.37 3.69 -62.50
CA THR A 98 -41.36 4.68 -62.83
C THR A 98 -40.84 5.34 -61.57
N TRP A 99 -39.69 6.02 -61.71
CA TRP A 99 -39.11 6.77 -60.61
C TRP A 99 -40.04 7.93 -60.23
N GLU A 100 -39.71 8.59 -59.13
CA GLU A 100 -40.51 9.71 -58.65
C GLU A 100 -39.57 10.86 -58.30
N LEU A 101 -40.12 12.07 -58.34
CA LEU A 101 -39.36 13.25 -57.94
C LEU A 101 -40.34 14.27 -57.38
N ALA A 102 -40.40 14.35 -56.05
CA ALA A 102 -41.36 15.21 -55.40
C ALA A 102 -40.77 16.58 -55.11
N TYR A 103 -41.65 17.55 -54.88
CA TYR A 103 -41.27 18.86 -54.38
C TYR A 103 -42.19 19.24 -53.25
N ILE A 104 -41.64 19.85 -52.21
CA ILE A 104 -42.39 20.03 -50.96
C ILE A 104 -43.28 21.27 -50.94
N PRO A 105 -42.85 22.42 -51.43
CA PRO A 105 -43.84 23.49 -51.62
C PRO A 105 -44.67 23.24 -52.88
N SER A 106 -45.92 22.80 -52.69
CA SER A 106 -46.79 22.42 -53.80
C SER A 106 -47.74 23.53 -54.23
N HIS A 107 -48.44 24.14 -53.27
CA HIS A 107 -49.43 25.15 -53.60
C HIS A 107 -48.81 26.33 -54.34
N SER A 108 -47.55 26.63 -54.06
CA SER A 108 -46.84 27.66 -54.79
C SER A 108 -46.63 27.24 -56.24
N ASP A 109 -47.08 28.04 -57.21
CA ASP A 109 -46.88 27.70 -58.61
C ASP A 109 -45.46 27.96 -59.08
N ALA A 110 -44.74 28.89 -58.42
CA ALA A 110 -43.37 29.17 -58.83
C ALA A 110 -42.50 27.93 -58.71
N ALA A 111 -42.62 27.21 -57.60
CA ALA A 111 -41.94 25.92 -57.49
C ALA A 111 -42.60 24.85 -58.32
N LYS A 112 -43.90 24.98 -58.59
CA LYS A 112 -44.59 23.99 -59.42
C LYS A 112 -44.02 23.93 -60.82
N THR A 113 -43.69 25.07 -61.40
CA THR A 113 -43.18 25.10 -62.76
C THR A 113 -41.66 24.90 -62.84
N VAL A 114 -40.92 25.17 -61.76
CA VAL A 114 -39.47 25.03 -61.85
C VAL A 114 -39.08 23.56 -61.95
N THR A 115 -39.88 22.66 -61.36
CA THR A 115 -39.53 21.25 -61.38
C THR A 115 -39.87 20.61 -62.73
N GLU A 116 -40.78 21.19 -63.49
CA GLU A 116 -41.15 20.58 -64.77
C GLU A 116 -40.04 20.70 -65.79
N THR A 117 -39.30 21.80 -65.78
CA THR A 117 -38.14 21.88 -66.66
C THR A 117 -37.04 20.94 -66.22
N VAL A 118 -36.92 20.67 -64.91
CA VAL A 118 -36.01 19.63 -64.47
C VAL A 118 -36.44 18.28 -65.01
N ARG A 119 -37.75 18.01 -64.97
CA ARG A 119 -38.26 16.76 -65.50
C ARG A 119 -37.96 16.64 -66.99
N ARG A 120 -38.13 17.73 -67.73
CA ARG A 120 -37.86 17.69 -69.17
C ARG A 120 -36.39 17.93 -69.47
N ALA A 121 -35.57 17.96 -68.42
CA ALA A 121 -34.13 17.87 -68.58
C ALA A 121 -33.53 16.54 -68.16
N LEU A 122 -34.20 15.77 -67.31
CA LEU A 122 -33.72 14.47 -66.85
C LEU A 122 -34.71 13.38 -67.21
N VAL A 123 -35.19 13.40 -68.45
CA VAL A 123 -36.31 12.57 -68.89
C VAL A 123 -36.00 11.09 -68.72
N ILE A 124 -36.75 10.41 -67.86
CA ILE A 124 -36.80 8.95 -67.94
C ILE A 124 -38.25 8.52 -68.08
N ASN A 125 -38.98 8.56 -66.96
CA ASN A 125 -40.45 8.57 -66.95
C ASN A 125 -40.96 9.30 -65.71
N MET A 126 -40.12 10.14 -65.10
CA MET A 126 -40.33 10.57 -63.73
C MET A 126 -41.68 11.25 -63.54
N ARG A 127 -42.39 10.85 -62.50
CA ARG A 127 -43.68 11.43 -62.15
C ARG A 127 -43.47 12.44 -61.03
N VAL A 128 -43.89 13.68 -61.26
CA VAL A 128 -43.65 14.75 -60.30
C VAL A 128 -44.83 14.82 -59.34
N ARG A 129 -44.55 14.72 -58.06
CA ARG A 129 -45.56 14.84 -57.01
C ARG A 129 -45.36 16.14 -56.26
N GLY A 130 -46.39 16.53 -55.53
CA GLY A 130 -46.34 17.75 -54.75
C GLY A 130 -46.98 17.55 -53.40
N PHE A 131 -46.36 18.07 -52.35
CA PHE A 131 -46.77 17.78 -50.99
C PHE A 131 -47.10 19.07 -50.26
N PRO A 132 -47.91 19.00 -49.20
CA PRO A 132 -48.14 20.19 -48.37
C PRO A 132 -46.87 20.72 -47.73
N SER A 133 -46.20 19.92 -46.91
CA SER A 133 -45.05 20.40 -46.17
C SER A 133 -44.18 19.22 -45.76
N GLU A 134 -43.02 19.54 -45.18
CA GLU A 134 -42.02 18.54 -44.82
C GLU A 134 -42.52 17.54 -43.81
N LYS A 135 -43.47 17.92 -42.95
CA LYS A 135 -44.11 16.94 -42.07
C LYS A 135 -44.77 15.84 -42.88
N ASP A 136 -45.53 16.22 -43.90
CA ASP A 136 -46.25 15.22 -44.68
C ASP A 136 -45.29 14.28 -45.39
N PHE A 137 -44.20 14.82 -45.94
CA PHE A 137 -43.22 13.97 -46.61
C PHE A 137 -42.52 13.05 -45.60
N GLU A 138 -42.12 13.61 -44.46
CA GLU A 138 -41.46 12.82 -43.44
C GLU A 138 -42.36 11.70 -42.94
N ASP A 139 -43.68 11.86 -43.05
CA ASP A 139 -44.60 10.79 -42.70
C ASP A 139 -44.95 9.88 -43.86
N TYR A 140 -44.85 10.36 -45.10
CA TYR A 140 -45.06 9.58 -46.30
C TYR A 140 -43.95 8.57 -46.55
N ILE A 141 -42.70 8.97 -46.32
CA ILE A 141 -41.60 8.08 -46.66
C ILE A 141 -41.56 6.87 -45.72
N ARG A 142 -41.81 7.09 -44.42
CA ARG A 142 -41.61 6.02 -43.45
C ARG A 142 -42.88 5.21 -43.16
N TYR A 143 -44.05 5.69 -43.55
CA TYR A 143 -45.34 5.06 -43.27
C TYR A 143 -46.07 4.71 -44.56
N ASP A 144 -45.38 4.02 -45.46
CA ASP A 144 -45.99 3.59 -46.71
C ASP A 144 -45.13 2.47 -47.30
N ASN A 145 -45.65 1.86 -48.37
CA ASN A 145 -44.93 0.84 -49.11
C ASN A 145 -44.57 1.24 -50.52
N CYS A 146 -45.29 2.20 -51.11
CA CYS A 146 -44.93 2.73 -52.41
C CYS A 146 -43.93 3.87 -52.34
N SER A 147 -43.66 4.37 -51.14
CA SER A 147 -42.67 5.44 -50.95
C SER A 147 -41.26 4.84 -50.88
N SER A 148 -40.88 4.17 -51.96
CA SER A 148 -39.56 3.60 -52.07
C SER A 148 -38.88 3.89 -53.40
N SER A 149 -39.60 4.42 -54.38
CA SER A 149 -39.01 4.80 -55.66
C SER A 149 -38.78 6.30 -55.76
N VAL A 150 -38.94 7.04 -54.67
CA VAL A 150 -38.69 8.47 -54.69
C VAL A 150 -37.19 8.69 -54.83
N LEU A 151 -36.82 9.56 -55.78
CA LEU A 151 -35.41 9.77 -56.09
C LEU A 151 -34.86 10.98 -55.34
N ALA A 152 -35.48 12.14 -55.53
CA ALA A 152 -35.03 13.37 -54.89
C ALA A 152 -36.25 14.09 -54.35
N ALA A 153 -36.02 15.24 -53.71
CA ALA A 153 -37.12 16.02 -53.14
C ALA A 153 -36.66 17.46 -52.97
N VAL A 154 -37.19 18.35 -53.81
CA VAL A 154 -36.81 19.76 -53.76
C VAL A 154 -37.64 20.47 -52.70
N VAL A 155 -36.96 21.18 -51.81
CA VAL A 155 -37.59 21.83 -50.66
C VAL A 155 -37.16 23.28 -50.65
N PHE A 156 -38.10 24.21 -50.50
CA PHE A 156 -37.76 25.63 -50.49
C PHE A 156 -37.95 26.23 -49.09
N GLU A 157 -37.55 27.50 -48.96
CA GLU A 157 -37.54 28.18 -47.66
C GLU A 157 -38.34 29.47 -47.66
N HIS A 158 -39.57 29.45 -48.15
CA HIS A 158 -40.36 30.67 -48.16
C HIS A 158 -41.84 30.34 -47.95
N PRO A 159 -42.58 31.14 -47.19
CA PRO A 159 -44.03 30.91 -47.09
C PRO A 159 -44.76 31.06 -48.41
N PHE A 160 -44.27 31.94 -49.28
CA PHE A 160 -44.69 32.08 -50.68
C PHE A 160 -46.05 32.72 -50.92
N ASN A 161 -46.70 33.27 -49.89
CA ASN A 161 -47.84 34.18 -50.13
C ASN A 161 -48.88 33.50 -51.00
N HIS A 162 -49.69 32.64 -50.40
CA HIS A 162 -50.12 31.33 -50.91
C HIS A 162 -50.10 31.11 -52.42
N SER A 163 -50.80 31.90 -53.21
CA SER A 163 -51.08 31.38 -54.56
C SER A 163 -49.97 31.69 -55.54
N LYS A 164 -49.64 32.96 -55.74
CA LYS A 164 -48.68 33.34 -56.77
C LYS A 164 -47.62 34.25 -56.17
N GLU A 165 -46.36 33.97 -56.52
CA GLU A 165 -45.23 34.80 -56.17
C GLU A 165 -44.01 34.34 -56.94
N PRO A 166 -43.16 35.24 -57.42
CA PRO A 166 -41.94 34.82 -58.09
C PRO A 166 -40.92 34.28 -57.09
N LEU A 167 -39.83 33.73 -57.62
CA LEU A 167 -38.76 33.25 -56.77
C LEU A 167 -37.81 34.39 -56.45
N PRO A 168 -37.70 34.80 -55.19
CA PRO A 168 -36.77 35.88 -54.84
C PRO A 168 -35.34 35.49 -55.18
N LEU A 169 -34.52 36.46 -55.55
CA LEU A 169 -33.18 36.18 -56.08
C LEU A 169 -32.30 35.47 -55.04
N ALA A 170 -32.70 35.54 -53.76
CA ALA A 170 -32.08 34.72 -52.73
C ALA A 170 -32.85 33.40 -52.64
N VAL A 171 -32.23 32.33 -53.09
CA VAL A 171 -32.87 31.01 -53.16
C VAL A 171 -32.04 30.03 -52.34
N LYS A 172 -32.72 29.22 -51.54
CA LYS A 172 -32.10 28.13 -50.80
C LYS A 172 -32.99 26.90 -50.94
N TYR A 173 -32.38 25.71 -50.97
CA TYR A 173 -33.19 24.52 -51.17
C TYR A 173 -32.42 23.27 -50.75
N HIS A 174 -33.14 22.16 -50.68
CA HIS A 174 -32.60 20.84 -50.35
C HIS A 174 -32.68 19.97 -51.60
N LEU A 175 -32.21 18.73 -51.51
CA LEU A 175 -32.58 17.73 -52.50
C LEU A 175 -33.06 16.42 -51.88
N ARG A 176 -32.44 16.00 -50.80
CA ARG A 176 -32.95 15.18 -49.71
C ARG A 176 -33.05 13.65 -49.77
N PHE A 177 -33.48 12.92 -50.81
CA PHE A 177 -32.68 11.82 -51.35
C PHE A 177 -33.24 10.41 -51.24
N SER A 178 -32.42 9.43 -51.59
CA SER A 178 -32.49 8.14 -50.93
C SER A 178 -31.80 8.22 -49.56
N TYR A 179 -31.76 7.10 -48.85
CA TYR A 179 -31.02 7.04 -47.60
C TYR A 179 -29.85 6.07 -47.62
N THR A 180 -29.96 4.96 -48.32
CA THR A 180 -28.88 4.02 -48.51
C THR A 180 -28.49 3.97 -49.97
N ARG A 181 -27.23 3.66 -50.24
CA ARG A 181 -26.71 3.64 -51.59
C ARG A 181 -27.55 2.76 -52.49
N ARG A 182 -28.08 3.35 -53.55
CA ARG A 182 -28.96 2.66 -54.50
C ARG A 182 -28.15 1.98 -55.61
N ASN A 183 -27.34 2.75 -56.33
CA ASN A 183 -26.55 2.17 -57.41
C ASN A 183 -25.59 1.11 -56.88
N TYR A 184 -25.20 1.24 -55.61
CA TYR A 184 -24.20 0.38 -55.01
C TYR A 184 -24.82 -0.65 -54.07
N GLU A 198 -23.89 2.13 -46.05
CA GLU A 198 -23.59 3.31 -45.25
C GLU A 198 -24.37 4.53 -45.74
N GLY A 199 -24.39 5.57 -44.93
CA GLY A 199 -25.18 6.75 -45.21
C GLY A 199 -24.41 7.84 -45.92
N TRP A 200 -24.89 9.07 -45.76
CA TRP A 200 -24.30 10.22 -46.42
C TRP A 200 -23.26 10.93 -45.57
N HIS A 201 -23.01 10.46 -44.35
CA HIS A 201 -21.98 11.03 -43.49
C HIS A 201 -22.19 12.52 -43.28
N THR A 202 -23.45 12.92 -43.03
CA THR A 202 -23.70 14.33 -42.77
C THR A 202 -23.36 14.73 -41.34
N THR A 203 -23.21 13.76 -40.45
CA THR A 203 -22.89 14.07 -39.06
C THR A 203 -21.49 14.65 -38.92
N SER A 204 -20.55 14.17 -39.71
CA SER A 204 -19.17 14.60 -39.62
C SER A 204 -18.85 15.54 -40.77
N LEU A 205 -17.58 15.89 -40.91
CA LEU A 205 -17.12 16.69 -42.03
C LEU A 205 -15.79 16.24 -42.60
N PHE A 206 -14.98 15.49 -41.85
CA PHE A 206 -13.77 14.84 -42.30
C PHE A 206 -13.76 13.43 -41.74
N PRO A 207 -13.05 12.49 -42.37
CA PRO A 207 -12.99 11.13 -41.83
C PRO A 207 -12.38 11.12 -40.44
N LEU A 208 -12.89 10.23 -39.59
CA LEU A 208 -12.42 10.16 -38.21
C LEU A 208 -11.07 9.44 -38.10
N PHE A 209 -10.82 8.42 -38.93
CA PHE A 209 -9.62 7.61 -38.86
C PHE A 209 -8.93 7.64 -40.23
N PRO A 210 -8.21 8.73 -40.53
CA PRO A 210 -7.67 8.90 -41.88
C PRO A 210 -6.48 7.98 -42.13
N ASN A 211 -6.65 7.07 -43.09
CA ASN A 211 -5.54 6.27 -43.59
C ASN A 211 -4.56 7.14 -44.36
N PRO A 212 -3.32 6.69 -44.52
CA PRO A 212 -2.35 7.45 -45.32
C PRO A 212 -2.52 7.17 -46.81
N GLY A 213 -2.68 8.23 -47.59
CA GLY A 213 -2.86 8.12 -49.02
C GLY A 213 -4.19 8.68 -49.48
N PRO A 214 -4.56 8.41 -50.73
CA PRO A 214 -5.88 8.82 -51.22
C PRO A 214 -7.00 8.06 -50.53
N ARG A 215 -8.13 8.75 -50.33
CA ARG A 215 -9.28 8.12 -49.69
C ARG A 215 -9.77 6.91 -50.47
N GLU A 216 -9.91 7.07 -51.78
CA GLU A 216 -10.26 5.96 -52.65
C GLU A 216 -9.21 5.89 -53.74
N PRO A 217 -8.25 4.98 -53.66
CA PRO A 217 -7.18 4.98 -54.67
C PRO A 217 -7.71 4.70 -56.07
N THR A 218 -8.56 3.71 -56.20
CA THR A 218 -9.35 3.51 -57.40
C THR A 218 -10.61 4.37 -57.27
N SER A 219 -11.62 4.12 -58.10
CA SER A 219 -12.83 4.94 -58.10
C SER A 219 -12.49 6.39 -58.44
N PRO A 220 -12.25 6.69 -59.71
CA PRO A 220 -11.79 8.03 -60.09
C PRO A 220 -12.89 9.07 -60.07
N ASP A 221 -14.07 8.70 -59.57
CA ASP A 221 -15.22 9.60 -59.52
C ASP A 221 -15.76 9.61 -58.10
N GLY A 222 -15.17 10.44 -57.25
CA GLY A 222 -15.68 10.55 -55.90
C GLY A 222 -15.25 9.40 -55.03
N GLY A 223 -16.14 8.43 -54.85
CA GLY A 223 -15.81 7.30 -54.02
C GLY A 223 -16.94 6.85 -53.11
N GLU A 224 -16.71 6.96 -51.80
CA GLU A 224 -17.63 6.36 -50.84
C GLU A 224 -18.92 7.14 -50.69
N PRO A 225 -18.93 8.41 -50.29
CA PRO A 225 -20.19 9.03 -49.86
C PRO A 225 -21.23 9.07 -50.93
N GLY A 226 -20.84 8.99 -52.20
CA GLY A 226 -21.75 9.08 -53.30
C GLY A 226 -21.47 10.30 -54.16
N TYR A 227 -22.50 11.12 -54.36
CA TYR A 227 -22.44 12.38 -55.09
C TYR A 227 -22.23 12.20 -56.58
N ILE A 228 -21.84 11.02 -57.02
CA ILE A 228 -21.68 10.78 -58.45
C ILE A 228 -22.48 9.53 -58.80
N ARG A 229 -22.20 8.44 -58.09
CA ARG A 229 -22.94 7.22 -58.32
C ARG A 229 -24.42 7.42 -58.05
N GLU A 230 -24.74 8.08 -56.94
CA GLU A 230 -26.13 8.25 -56.54
C GLU A 230 -26.87 9.18 -57.48
N GLY A 231 -26.28 10.34 -57.76
CA GLY A 231 -26.88 11.28 -58.68
C GLY A 231 -27.14 12.63 -58.07
N PHE A 232 -26.44 12.96 -56.98
CA PHE A 232 -26.66 14.24 -56.32
C PHE A 232 -26.32 15.39 -57.26
N LEU A 233 -25.18 15.28 -57.96
CA LEU A 233 -24.67 16.38 -58.76
C LEU A 233 -25.52 16.64 -59.99
N ALA A 234 -25.99 15.59 -60.66
CA ALA A 234 -26.80 15.78 -61.85
C ALA A 234 -28.07 16.55 -61.52
N VAL A 235 -28.76 16.14 -60.45
CA VAL A 235 -29.96 16.85 -60.01
C VAL A 235 -29.65 18.27 -59.57
N GLN A 236 -28.57 18.49 -58.83
CA GLN A 236 -28.26 19.85 -58.41
C GLN A 236 -27.98 20.76 -59.61
N HIS A 237 -27.23 20.28 -60.58
CA HIS A 237 -26.94 21.07 -61.78
C HIS A 237 -28.22 21.36 -62.55
N ALA A 238 -29.10 20.35 -62.67
CA ALA A 238 -30.35 20.56 -63.39
C ALA A 238 -31.21 21.61 -62.70
N VAL A 239 -31.30 21.55 -61.37
CA VAL A 239 -32.09 22.54 -60.64
C VAL A 239 -31.49 23.92 -60.81
N ASP A 240 -30.16 24.03 -60.79
CA ASP A 240 -29.53 25.34 -61.02
C ASP A 240 -29.85 25.89 -62.40
N ARG A 241 -29.78 25.04 -63.42
CA ARG A 241 -30.14 25.48 -64.77
C ARG A 241 -31.61 25.89 -64.85
N ALA A 242 -32.48 25.18 -64.13
CA ALA A 242 -33.89 25.58 -64.06
C ALA A 242 -34.04 26.97 -63.47
N ILE A 243 -33.37 27.23 -62.35
CA ILE A 243 -33.45 28.55 -61.74
C ILE A 243 -32.86 29.63 -62.62
N MET A 244 -31.87 29.29 -63.45
CA MET A 244 -31.35 30.27 -64.41
C MET A 244 -32.33 30.58 -65.53
N GLU A 245 -32.94 29.56 -66.14
CA GLU A 245 -33.94 29.80 -67.17
C GLU A 245 -35.20 30.47 -66.64
N TYR A 246 -35.51 30.30 -65.36
CA TYR A 246 -36.66 31.00 -64.80
C TYR A 246 -36.49 32.51 -64.78
N HIS A 247 -35.27 33.01 -64.86
CA HIS A 247 -35.03 34.45 -64.83
C HIS A 247 -34.51 35.01 -66.14
N ALA A 248 -33.69 34.26 -66.87
CA ALA A 248 -33.20 34.74 -68.16
C ALA A 248 -33.98 34.14 -69.33
N ASP A 249 -33.94 32.81 -69.47
CA ASP A 249 -34.70 32.05 -70.44
C ASP A 249 -34.21 32.30 -71.87
N ALA A 250 -33.38 33.32 -72.07
CA ALA A 250 -32.89 33.64 -73.39
C ALA A 250 -31.36 33.66 -73.42
N ALA A 251 -30.75 34.47 -72.55
CA ALA A 251 -29.30 34.54 -72.50
C ALA A 251 -28.72 33.22 -72.02
N THR A 252 -29.52 32.46 -71.26
CA THR A 252 -29.07 31.17 -70.76
C THR A 252 -28.76 30.21 -71.89
N ARG A 253 -29.64 30.15 -72.90
CA ARG A 253 -29.44 29.24 -74.01
C ARG A 253 -28.16 29.58 -74.76
N GLN A 254 -27.95 30.88 -74.99
CA GLN A 254 -26.72 31.33 -75.64
C GLN A 254 -25.49 30.95 -74.81
N LEU A 255 -25.55 31.19 -73.50
CA LEU A 255 -24.38 31.01 -72.66
C LEU A 255 -24.03 29.53 -72.54
N PHE A 256 -25.04 28.68 -72.40
CA PHE A 256 -24.83 27.24 -72.27
C PHE A 256 -24.68 26.55 -73.62
N GLN A 257 -24.84 27.28 -74.72
CA GLN A 257 -24.52 26.74 -76.02
C GLN A 257 -23.02 26.71 -76.29
N ARG A 258 -22.24 27.48 -75.53
CA ARG A 258 -20.80 27.60 -75.74
C ARG A 258 -20.03 27.41 -74.44
N LEU A 259 -20.60 26.68 -73.49
CA LEU A 259 -19.96 26.48 -72.19
C LEU A 259 -20.53 25.23 -71.55
N THR A 260 -19.65 24.30 -71.19
CA THR A 260 -20.01 23.10 -70.44
C THR A 260 -19.12 22.99 -69.21
N VAL A 261 -19.66 22.36 -68.16
CA VAL A 261 -18.96 22.24 -66.89
C VAL A 261 -18.71 20.76 -66.62
N THR A 262 -17.49 20.42 -66.25
CA THR A 262 -17.12 19.07 -65.87
C THR A 262 -16.50 19.10 -64.46
N ILE A 263 -16.25 17.91 -63.93
CA ILE A 263 -15.74 17.76 -62.57
C ILE A 263 -14.52 16.86 -62.60
N LYS A 264 -13.47 17.26 -61.90
CA LYS A 264 -12.26 16.45 -61.76
C LYS A 264 -11.82 16.44 -60.31
N ARG A 265 -11.09 15.40 -59.94
CA ARG A 265 -10.56 15.26 -58.60
C ARG A 265 -9.13 15.76 -58.55
N PHE A 266 -8.72 16.29 -57.41
CA PHE A 266 -7.32 16.65 -57.25
C PHE A 266 -6.43 15.47 -57.59
N PRO A 267 -5.29 15.69 -58.23
CA PRO A 267 -4.28 14.63 -58.32
C PRO A 267 -3.46 14.58 -57.04
N TYR A 268 -3.06 13.40 -56.67
CA TYR A 268 -2.47 13.28 -55.34
C TYR A 268 -0.98 12.99 -55.49
N PRO A 269 -0.14 13.55 -54.64
CA PRO A 269 1.31 13.45 -54.86
C PRO A 269 1.83 12.06 -54.52
N PRO A 270 3.09 11.75 -54.84
CA PRO A 270 3.70 10.53 -54.32
C PRO A 270 3.84 10.59 -52.80
N PHE A 271 3.63 9.44 -52.16
CA PHE A 271 3.44 9.38 -50.72
C PHE A 271 4.11 8.12 -50.15
N ILE A 272 4.25 8.11 -48.83
CA ILE A 272 4.71 6.95 -48.07
C ILE A 272 3.50 6.20 -47.55
N ALA A 273 3.38 4.92 -47.92
CA ALA A 273 2.15 4.20 -47.65
C ALA A 273 2.18 3.42 -46.36
N ASP A 274 3.24 3.53 -45.58
CA ASP A 274 3.40 2.66 -44.43
C ASP A 274 2.39 3.01 -43.33
N PRO A 275 1.60 2.06 -42.87
CA PRO A 275 0.66 2.33 -41.78
C PRO A 275 1.26 2.21 -40.39
N PHE A 276 2.41 1.57 -40.25
CA PHE A 276 3.04 1.43 -38.95
C PHE A 276 3.43 2.78 -38.37
N LEU A 277 3.94 3.70 -39.20
CA LEU A 277 4.36 5.00 -38.72
C LEU A 277 3.20 5.79 -38.15
N VAL A 278 1.97 5.37 -38.43
CA VAL A 278 0.82 5.97 -37.81
C VAL A 278 0.51 5.35 -36.45
N ALA A 279 0.88 4.09 -36.25
CA ALA A 279 0.67 3.40 -34.99
C ALA A 279 1.81 3.59 -34.02
N ILE A 280 2.81 4.40 -34.37
CA ILE A 280 3.92 4.69 -33.48
C ILE A 280 3.58 5.86 -32.56
N GLN A 281 2.51 6.59 -32.84
CA GLN A 281 2.12 7.73 -32.01
C GLN A 281 1.13 7.36 -30.93
N TYR A 282 0.68 6.11 -30.88
CA TYR A 282 -0.20 5.66 -29.81
C TYR A 282 0.27 4.38 -29.14
N GLN A 283 1.29 3.70 -29.67
CA GLN A 283 1.87 2.54 -29.02
C GLN A 283 3.28 2.78 -28.50
N LEU A 284 3.95 3.83 -28.93
CA LEU A 284 5.27 4.12 -28.34
C LEU A 284 5.14 4.69 -26.94
N PRO A 285 4.36 5.75 -26.69
CA PRO A 285 4.31 6.28 -25.32
C PRO A 285 3.88 5.27 -24.29
N LEU A 286 2.87 4.47 -24.60
CA LEU A 286 2.37 3.49 -23.65
C LEU A 286 3.39 2.42 -23.38
N LEU A 287 4.13 1.96 -24.39
CA LEU A 287 5.11 0.93 -24.18
C LEU A 287 6.41 1.45 -23.58
N LEU A 288 6.63 2.77 -23.56
CA LEU A 288 7.73 3.32 -22.77
C LEU A 288 7.35 3.41 -21.30
N LEU A 289 6.17 3.97 -21.03
CA LEU A 289 5.70 4.08 -19.66
C LEU A 289 5.56 2.71 -19.01
N LEU A 290 4.96 1.75 -19.69
CA LEU A 290 4.82 0.44 -19.09
C LEU A 290 6.15 -0.26 -18.91
N SER A 291 7.22 0.25 -19.50
CA SER A 291 8.53 -0.34 -19.33
C SER A 291 9.25 0.23 -18.12
N PHE A 292 9.13 1.53 -17.89
CA PHE A 292 9.79 2.10 -16.72
C PHE A 292 8.94 2.05 -15.45
N THR A 293 7.67 1.64 -15.54
CA THR A 293 6.81 1.75 -14.37
C THR A 293 7.12 0.76 -13.26
N TYR A 294 7.99 -0.22 -13.47
CA TYR A 294 8.34 -1.10 -12.35
C TYR A 294 9.56 -0.61 -11.59
N THR A 295 10.58 -0.21 -12.30
CA THR A 295 11.74 0.40 -11.67
C THR A 295 11.44 1.80 -11.19
N ALA A 296 10.24 2.31 -11.46
CA ALA A 296 9.80 3.51 -10.77
C ALA A 296 9.05 3.25 -9.47
N LEU A 297 8.72 2.00 -9.15
CA LEU A 297 8.12 1.70 -7.86
C LEU A 297 9.02 0.86 -6.98
N THR A 298 10.11 0.32 -7.51
CA THR A 298 11.12 -0.20 -6.60
C THR A 298 12.09 0.86 -6.12
N ILE A 299 11.87 2.12 -6.49
CA ILE A 299 12.64 3.21 -5.91
C ILE A 299 11.95 3.74 -4.67
N ALA A 300 10.63 3.92 -4.72
CA ALA A 300 9.89 4.34 -3.55
C ALA A 300 9.99 3.34 -2.42
N ARG A 301 9.87 2.05 -2.72
CA ARG A 301 9.99 1.05 -1.67
C ARG A 301 11.37 1.07 -1.03
N ALA A 302 12.42 1.16 -1.84
CA ALA A 302 13.78 1.17 -1.30
C ALA A 302 14.04 2.39 -0.46
N VAL A 303 13.50 3.54 -0.86
CA VAL A 303 13.73 4.77 -0.11
C VAL A 303 12.96 4.77 1.19
N VAL A 304 11.74 4.24 1.20
CA VAL A 304 10.92 4.30 2.41
C VAL A 304 11.22 3.16 3.37
N GLN A 305 11.71 2.03 2.87
CA GLN A 305 12.02 0.92 3.75
C GLN A 305 13.15 1.25 4.70
N GLU A 306 14.05 2.14 4.29
CA GLU A 306 15.17 2.54 5.12
C GLU A 306 14.83 3.70 6.03
N LYS A 307 13.69 4.36 5.82
CA LYS A 307 13.18 5.35 6.74
C LYS A 307 12.25 4.74 7.78
N GLU A 308 11.61 3.64 7.42
CA GLU A 308 10.73 2.94 8.34
C GLU A 308 11.51 2.21 9.43
N ARG A 309 12.69 1.71 9.11
CA ARG A 309 13.54 1.02 10.07
C ARG A 309 14.42 1.96 10.87
N ARG A 310 14.24 3.27 10.73
CA ARG A 310 14.98 4.26 11.49
C ARG A 310 16.48 4.11 11.32
N LEU A 311 16.93 3.70 10.15
CA LEU A 311 18.36 3.67 9.87
C LEU A 311 18.89 5.01 9.41
N LYS A 312 18.11 5.74 8.64
CA LYS A 312 18.51 7.08 8.26
C LYS A 312 18.62 8.00 9.47
N GLU A 313 17.70 7.89 10.42
CA GLU A 313 17.79 8.70 11.63
C GLU A 313 19.01 8.35 12.45
N TYR A 314 19.45 7.09 12.41
CA TYR A 314 20.66 6.72 13.13
C TYR A 314 21.89 7.27 12.45
N MET A 315 21.96 7.21 11.12
CA MET A 315 23.13 7.76 10.44
C MET A 315 23.19 9.27 10.57
N ARG A 316 22.05 9.94 10.55
CA ARG A 316 22.04 11.39 10.66
C ARG A 316 22.57 11.86 12.02
N MET A 317 22.54 11.01 13.03
CA MET A 317 23.08 11.34 14.35
C MET A 317 24.53 10.94 14.50
N MET A 318 25.15 10.46 13.44
CA MET A 318 26.57 10.19 13.41
C MET A 318 27.36 11.25 12.67
N GLY A 319 26.69 12.23 12.07
CA GLY A 319 27.37 13.25 11.32
C GLY A 319 26.99 13.37 9.86
N LEU A 320 26.52 12.29 9.25
CA LEU A 320 26.15 12.33 7.84
C LEU A 320 25.02 13.31 7.61
N SER A 321 25.19 14.20 6.63
CA SER A 321 24.11 15.13 6.31
C SER A 321 22.99 14.39 5.61
N SER A 322 21.91 15.12 5.37
CA SER A 322 20.73 14.47 4.83
C SER A 322 20.66 14.49 3.32
N TRP A 323 21.67 15.02 2.65
CA TRP A 323 21.72 14.98 1.19
C TRP A 323 22.68 13.94 0.68
N LEU A 324 23.57 13.43 1.53
CA LEU A 324 24.46 12.36 1.13
C LEU A 324 23.70 11.10 0.83
N HIS A 325 22.47 10.98 1.32
CA HIS A 325 21.64 9.82 1.07
C HIS A 325 20.88 9.93 -0.23
N TRP A 326 20.34 11.10 -0.53
CA TRP A 326 19.71 11.31 -1.82
C TRP A 326 20.72 11.17 -2.95
N SER A 327 21.92 11.72 -2.78
CA SER A 327 22.91 11.60 -3.84
C SER A 327 23.28 10.15 -4.09
N ALA A 328 23.40 9.34 -3.04
CA ALA A 328 23.79 7.95 -3.23
C ALA A 328 22.65 7.11 -3.78
N TRP A 329 21.39 7.49 -3.52
CA TRP A 329 20.30 6.80 -4.19
C TRP A 329 20.26 7.17 -5.66
N PHE A 330 20.48 8.45 -5.97
CA PHE A 330 20.43 8.91 -7.35
C PHE A 330 21.53 8.29 -8.20
N LEU A 331 22.77 8.32 -7.73
CA LEU A 331 23.86 7.80 -8.53
C LEU A 331 23.78 6.30 -8.74
N LEU A 332 23.01 5.58 -7.93
CA LEU A 332 22.77 4.18 -8.19
C LEU A 332 21.65 3.95 -9.17
N PHE A 333 20.49 4.55 -8.92
CA PHE A 333 19.37 4.26 -9.79
C PHE A 333 19.52 4.87 -11.17
N PHE A 334 20.22 6.00 -11.30
CA PHE A 334 20.51 6.53 -12.62
C PHE A 334 21.47 5.66 -13.40
N LEU A 335 22.59 5.27 -12.81
CA LEU A 335 23.52 4.37 -13.46
C LEU A 335 22.90 3.01 -13.73
N PHE A 336 21.79 2.69 -13.06
CA PHE A 336 21.13 1.42 -13.27
C PHE A 336 20.05 1.50 -14.34
N LEU A 337 19.46 2.69 -14.54
CA LEU A 337 18.54 2.95 -15.65
C LEU A 337 19.26 3.26 -16.95
N LEU A 338 20.50 3.73 -16.89
CA LEU A 338 21.27 4.01 -18.10
C LEU A 338 21.70 2.76 -18.84
N ILE A 339 21.74 1.60 -18.18
CA ILE A 339 21.93 0.35 -18.88
C ILE A 339 20.70 -0.05 -19.67
N ALA A 340 19.51 0.07 -19.11
CA ALA A 340 18.28 -0.18 -19.84
C ALA A 340 18.04 0.80 -20.97
N ALA A 341 18.27 2.10 -20.75
CA ALA A 341 18.07 3.06 -21.82
C ALA A 341 19.01 2.83 -22.99
N SER A 342 20.27 2.47 -22.75
CA SER A 342 21.18 2.20 -23.86
C SER A 342 20.72 1.00 -24.67
N PHE A 343 20.29 -0.06 -24.01
CA PHE A 343 19.84 -1.26 -24.71
C PHE A 343 18.59 -0.96 -25.51
N MET A 344 17.68 -0.18 -24.94
CA MET A 344 16.46 0.20 -25.62
C MET A 344 16.79 1.02 -26.86
N THR A 345 17.72 1.97 -26.73
CA THR A 345 18.15 2.75 -27.87
C THR A 345 18.74 1.85 -28.95
N LEU A 346 19.54 0.87 -28.54
CA LEU A 346 20.19 0.01 -29.51
C LEU A 346 19.17 -0.81 -30.27
N LEU A 347 18.27 -1.49 -29.58
CA LEU A 347 17.35 -2.34 -30.31
C LEU A 347 16.16 -1.57 -30.88
N PHE A 348 16.06 -0.26 -30.67
CA PHE A 348 15.17 0.49 -31.56
C PHE A 348 15.77 0.67 -32.94
N CYS A 349 17.07 0.95 -33.03
CA CYS A 349 17.66 1.54 -34.21
C CYS A 349 18.75 0.66 -34.84
N VAL A 350 18.53 -0.65 -34.92
CA VAL A 350 19.44 -1.55 -35.62
C VAL A 350 18.77 -2.03 -36.89
N LYS A 351 19.43 -1.82 -38.03
CA LYS A 351 18.82 -2.11 -39.31
C LYS A 351 18.68 -3.62 -39.44
N VAL A 352 17.55 -4.15 -38.96
CA VAL A 352 17.32 -5.59 -39.05
C VAL A 352 17.39 -6.05 -40.48
N LYS A 353 16.74 -5.31 -41.37
CA LYS A 353 16.67 -5.52 -42.80
C LYS A 353 16.86 -4.16 -43.46
N PRO A 354 17.19 -4.13 -44.75
CA PRO A 354 17.37 -2.84 -45.41
C PRO A 354 16.25 -1.84 -45.16
N ASN A 355 16.56 -0.76 -44.47
CA ASN A 355 15.62 0.34 -44.21
C ASN A 355 14.34 -0.15 -43.51
N VAL A 356 14.56 -0.76 -42.35
CA VAL A 356 13.53 -1.21 -41.44
C VAL A 356 13.96 -0.66 -40.10
N ALA A 357 13.53 -1.27 -38.99
CA ALA A 357 14.03 -0.86 -37.68
C ALA A 357 13.44 0.45 -37.24
N VAL A 358 12.26 0.34 -36.62
CA VAL A 358 11.50 1.48 -36.13
C VAL A 358 12.41 2.58 -35.63
N LEU A 359 12.06 3.82 -36.00
CA LEU A 359 12.96 4.97 -35.90
C LEU A 359 14.17 4.74 -36.81
N SER A 360 13.88 4.54 -38.10
CA SER A 360 14.89 4.11 -39.05
C SER A 360 15.97 5.18 -39.29
N ARG A 361 15.57 6.40 -39.58
CA ARG A 361 16.54 7.48 -39.82
C ARG A 361 16.38 8.55 -38.77
N SER A 362 16.96 8.34 -37.59
CA SER A 362 16.63 9.25 -36.50
C SER A 362 17.76 9.55 -35.51
N ASP A 363 19.02 9.36 -35.90
CA ASP A 363 20.14 9.81 -35.07
C ASP A 363 20.14 9.25 -33.65
N PRO A 364 20.60 8.01 -33.45
CA PRO A 364 20.36 7.34 -32.16
C PRO A 364 20.85 8.10 -30.93
N SER A 365 21.84 8.97 -31.07
CA SER A 365 22.29 9.74 -29.91
C SER A 365 21.18 10.61 -29.35
N LEU A 366 20.32 11.16 -30.20
CA LEU A 366 19.24 12.00 -29.70
C LEU A 366 18.16 11.17 -29.03
N VAL A 367 17.89 9.97 -29.54
CA VAL A 367 16.97 9.07 -28.86
C VAL A 367 17.48 8.76 -27.47
N LEU A 368 18.77 8.45 -27.35
CA LEU A 368 19.35 8.17 -26.03
C LEU A 368 19.28 9.39 -25.12
N ALA A 369 19.58 10.57 -25.66
CA ALA A 369 19.56 11.76 -24.82
C ALA A 369 18.16 12.19 -24.43
N PHE A 370 17.13 11.70 -25.11
CA PHE A 370 15.76 11.91 -24.66
C PHE A 370 15.34 10.89 -23.62
N LEU A 371 15.79 9.64 -23.78
CA LEU A 371 15.50 8.62 -22.78
C LEU A 371 16.18 8.95 -21.45
N LEU A 372 17.38 9.53 -21.48
CA LEU A 372 18.03 9.91 -20.23
C LEU A 372 17.29 11.00 -19.48
N CYS A 373 16.76 12.00 -20.18
CA CYS A 373 15.94 13.00 -19.52
C CYS A 373 14.68 12.39 -18.94
N PHE A 374 14.06 11.45 -19.65
CA PHE A 374 12.94 10.72 -19.07
C PHE A 374 13.34 9.96 -17.81
N ALA A 375 14.52 9.35 -17.79
CA ALA A 375 14.99 8.64 -16.61
C ALA A 375 15.23 9.56 -15.42
N ILE A 376 15.88 10.69 -15.62
CA ILE A 376 16.07 11.63 -14.51
C ILE A 376 14.73 12.08 -13.97
N SER A 377 13.78 12.40 -14.85
CA SER A 377 12.47 12.80 -14.38
C SER A 377 11.77 11.70 -13.60
N THR A 378 11.83 10.45 -14.05
CA THR A 378 11.13 9.37 -13.36
C THR A 378 11.83 8.89 -12.11
N ILE A 379 13.08 9.28 -11.88
CA ILE A 379 13.67 9.08 -10.56
C ILE A 379 13.23 10.18 -9.61
N SER A 380 13.32 11.43 -10.07
CA SER A 380 12.96 12.55 -9.23
C SER A 380 11.49 12.57 -8.87
N PHE A 381 10.65 11.90 -9.66
CA PHE A 381 9.24 11.75 -9.29
C PHE A 381 9.06 10.81 -8.12
N SER A 382 9.75 9.67 -8.13
CA SER A 382 9.65 8.70 -7.05
C SER A 382 10.23 9.19 -5.75
N PHE A 383 11.32 9.96 -5.79
CA PHE A 383 11.79 10.57 -4.56
C PHE A 383 10.70 11.40 -3.91
N MET A 384 10.01 12.23 -4.69
CA MET A 384 8.94 13.06 -4.15
C MET A 384 7.79 12.23 -3.62
N VAL A 385 7.41 11.18 -4.34
CA VAL A 385 6.33 10.34 -3.86
C VAL A 385 6.67 9.66 -2.55
N SER A 386 7.92 9.30 -2.32
CA SER A 386 8.27 8.55 -1.13
C SER A 386 8.28 9.38 0.14
N THR A 387 8.04 10.69 0.07
CA THR A 387 8.01 11.51 1.27
C THR A 387 6.60 11.73 1.79
N PHE A 388 5.63 10.98 1.28
CA PHE A 388 4.26 11.06 1.76
C PHE A 388 3.86 9.87 2.61
N PHE A 389 4.65 8.80 2.63
CA PHE A 389 4.24 7.56 3.24
C PHE A 389 5.20 7.18 4.35
N SER A 390 4.70 6.40 5.30
CA SER A 390 5.51 5.87 6.39
C SER A 390 5.83 4.40 6.19
N LYS A 391 4.87 3.62 5.71
CA LYS A 391 5.10 2.20 5.49
C LYS A 391 5.65 1.96 4.10
N ALA A 392 6.45 0.91 3.95
CA ALA A 392 7.05 0.58 2.65
C ALA A 392 6.04 -0.06 1.71
N ASN A 393 5.15 -0.89 2.26
CA ASN A 393 4.16 -1.58 1.44
C ASN A 393 3.20 -0.60 0.79
N MET A 394 2.71 0.37 1.57
CA MET A 394 1.80 1.36 1.02
C MET A 394 2.46 2.19 -0.05
N ALA A 395 3.69 2.64 0.19
CA ALA A 395 4.36 3.46 -0.80
C ALA A 395 4.63 2.69 -2.08
N ALA A 396 5.10 1.45 -1.96
CA ALA A 396 5.36 0.66 -3.16
C ALA A 396 4.09 0.41 -3.93
N ALA A 397 2.99 0.13 -3.25
CA ALA A 397 1.71 -0.12 -3.90
C ALA A 397 1.10 1.11 -4.54
N PHE A 398 1.23 2.27 -3.91
CA PHE A 398 0.45 3.42 -4.28
C PHE A 398 1.29 4.49 -4.92
N GLY A 399 2.57 4.22 -5.18
CA GLY A 399 3.38 5.09 -6.00
C GLY A 399 3.73 4.45 -7.31
N GLY A 400 3.33 3.20 -7.50
CA GLY A 400 3.40 2.58 -8.80
C GLY A 400 2.10 2.79 -9.56
N PHE A 401 1.08 3.23 -8.83
CA PHE A 401 -0.23 3.58 -9.35
C PHE A 401 -0.31 5.05 -9.75
N LEU A 402 0.30 5.94 -8.98
CA LEU A 402 0.30 7.34 -9.38
C LEU A 402 1.10 7.56 -10.64
N TYR A 403 2.08 6.69 -10.90
CA TYR A 403 2.78 6.75 -12.19
C TYR A 403 1.79 6.64 -13.35
N PHE A 404 0.92 5.63 -13.30
CA PHE A 404 -0.13 5.50 -14.30
C PHE A 404 -1.05 6.71 -14.27
N PHE A 405 -1.57 7.02 -13.09
CA PHE A 405 -2.58 8.05 -12.93
C PHE A 405 -2.12 9.41 -13.39
N THR A 406 -0.82 9.63 -13.53
CA THR A 406 -0.31 10.86 -14.10
C THR A 406 -0.23 10.80 -15.61
N TYR A 407 -0.52 9.66 -16.23
CA TYR A 407 -0.54 9.51 -17.67
C TYR A 407 -1.92 9.67 -18.29
N ILE A 408 -2.98 9.66 -17.47
CA ILE A 408 -4.34 9.75 -18.00
C ILE A 408 -4.56 10.96 -18.91
N PRO A 409 -4.13 12.16 -18.56
CA PRO A 409 -4.51 13.32 -19.38
C PRO A 409 -3.86 13.35 -20.74
N TYR A 410 -3.27 12.24 -21.18
CA TYR A 410 -2.79 12.16 -22.55
C TYR A 410 -3.79 11.51 -23.48
N PHE A 411 -4.67 10.65 -22.96
CA PHE A 411 -5.73 10.13 -23.82
C PHE A 411 -6.70 11.21 -24.26
N PHE A 412 -6.72 12.36 -23.58
CA PHE A 412 -7.56 13.49 -23.94
C PHE A 412 -6.75 14.61 -24.56
N VAL A 413 -5.49 14.36 -24.91
CA VAL A 413 -4.68 15.33 -25.63
C VAL A 413 -4.10 14.76 -26.90
N ALA A 414 -3.99 13.44 -27.04
CA ALA A 414 -3.48 12.88 -28.29
C ALA A 414 -4.30 13.32 -29.50
N PRO A 415 -5.63 13.20 -29.53
CA PRO A 415 -6.36 13.67 -30.71
C PRO A 415 -6.47 15.18 -30.78
N ARG A 416 -6.86 15.83 -29.69
CA ARG A 416 -7.14 17.26 -29.73
C ARG A 416 -5.88 18.09 -29.69
N TYR A 417 -4.94 17.79 -30.57
CA TYR A 417 -3.61 18.39 -30.53
C TYR A 417 -3.44 19.54 -31.51
N ASN A 418 -4.19 19.55 -32.62
CA ASN A 418 -3.96 20.56 -33.63
C ASN A 418 -4.61 21.89 -33.29
N TRP A 419 -5.48 21.92 -32.29
CA TRP A 419 -6.13 23.17 -31.88
C TRP A 419 -5.40 23.88 -30.75
N MET A 420 -4.76 23.12 -29.86
CA MET A 420 -4.25 23.68 -28.62
C MET A 420 -3.17 24.72 -28.89
N THR A 421 -3.19 25.81 -28.13
CA THR A 421 -2.17 26.83 -28.28
C THR A 421 -0.89 26.40 -27.56
N LEU A 422 0.18 27.17 -27.81
CA LEU A 422 1.48 26.79 -27.27
C LEU A 422 1.47 26.76 -25.75
N SER A 423 0.87 27.77 -25.12
CA SER A 423 0.91 27.85 -23.67
C SER A 423 0.19 26.68 -23.02
N GLN A 424 -0.96 26.29 -23.58
CA GLN A 424 -1.66 25.14 -23.03
C GLN A 424 -0.84 23.87 -23.19
N LYS A 425 -0.17 23.71 -24.33
CA LYS A 425 0.68 22.54 -24.52
C LYS A 425 1.83 22.53 -23.54
N LEU A 426 2.48 23.67 -23.32
CA LEU A 426 3.58 23.74 -22.38
C LEU A 426 3.12 23.52 -20.95
N CYS A 427 1.92 23.96 -20.62
CA CYS A 427 1.40 23.77 -19.27
C CYS A 427 0.96 22.33 -19.03
N SER A 428 0.59 21.63 -20.09
CA SER A 428 0.25 20.22 -19.92
C SER A 428 1.48 19.37 -19.66
N CYS A 429 2.67 19.89 -19.95
CA CYS A 429 3.91 19.16 -19.72
C CYS A 429 4.36 19.15 -18.27
N LEU A 430 3.68 19.86 -17.37
CA LEU A 430 4.12 19.83 -15.98
C LEU A 430 3.93 18.46 -15.33
N LEU A 431 3.15 17.58 -15.95
CA LEU A 431 3.14 16.18 -15.58
C LEU A 431 4.16 15.50 -16.47
N SER A 432 5.21 14.95 -15.87
CA SER A 432 6.33 14.45 -16.66
C SER A 432 5.92 13.35 -17.61
N ASN A 433 4.98 12.50 -17.19
CA ASN A 433 4.52 11.41 -18.05
C ASN A 433 3.81 11.90 -19.29
N VAL A 434 3.33 13.14 -19.29
CA VAL A 434 2.70 13.71 -20.47
C VAL A 434 3.72 14.46 -21.32
N ALA A 435 4.69 15.09 -20.69
CA ALA A 435 5.78 15.69 -21.45
C ALA A 435 6.56 14.65 -22.21
N MET A 436 6.64 13.43 -21.70
CA MET A 436 7.29 12.36 -22.46
C MET A 436 6.45 11.93 -23.65
N ALA A 437 5.13 11.82 -23.48
CA ALA A 437 4.29 11.35 -24.56
C ALA A 437 4.20 12.37 -25.68
N MET A 438 4.10 13.65 -25.36
CA MET A 438 4.09 14.61 -26.44
C MET A 438 5.44 14.73 -27.12
N GLY A 439 6.48 14.12 -26.58
CA GLY A 439 7.75 14.07 -27.28
C GLY A 439 7.92 12.78 -28.05
N ALA A 440 7.25 11.73 -27.59
CA ALA A 440 7.21 10.48 -28.34
C ALA A 440 6.28 10.54 -29.53
N GLN A 441 5.36 11.51 -29.55
CA GLN A 441 4.56 11.78 -30.73
C GLN A 441 5.39 12.46 -31.83
N LEU A 442 6.21 13.45 -31.46
CA LEU A 442 7.03 14.13 -32.45
C LEU A 442 7.97 13.17 -33.14
N ILE A 443 8.45 12.14 -32.43
CA ILE A 443 9.33 11.17 -33.07
C ILE A 443 8.60 10.37 -34.14
N GLY A 444 7.28 10.41 -34.16
CA GLY A 444 6.55 9.80 -35.25
C GLY A 444 6.22 10.81 -36.31
N LYS A 445 5.86 12.02 -35.88
CA LYS A 445 5.52 13.08 -36.82
C LYS A 445 6.72 13.56 -37.62
N PHE A 446 7.93 13.33 -37.15
CA PHE A 446 9.14 13.57 -37.93
C PHE A 446 9.55 12.36 -38.75
N GLU A 447 9.37 11.17 -38.19
CA GLU A 447 9.75 9.94 -38.85
C GLU A 447 8.86 9.64 -40.05
N ALA A 448 7.64 10.16 -40.06
CA ALA A 448 6.72 10.01 -41.18
C ALA A 448 6.90 11.10 -42.22
N LYS A 449 8.05 11.77 -42.23
CA LYS A 449 8.31 12.79 -43.23
C LYS A 449 9.69 12.68 -43.84
N GLY A 450 10.57 11.82 -43.31
CA GLY A 450 11.92 11.70 -43.82
C GLY A 450 12.96 12.45 -43.02
N MET A 451 12.56 13.44 -42.21
CA MET A 451 13.57 14.13 -41.40
C MET A 451 14.10 13.22 -40.30
N GLY A 452 13.25 12.86 -39.34
CA GLY A 452 13.75 11.95 -38.33
C GLY A 452 14.74 12.56 -37.38
N ILE A 453 14.29 13.24 -36.32
CA ILE A 453 15.02 14.28 -35.58
C ILE A 453 16.54 14.11 -35.52
N GLN A 454 17.28 15.20 -35.80
CA GLN A 454 18.69 15.11 -36.14
C GLN A 454 19.53 16.21 -35.49
N TRP A 455 19.26 16.53 -34.22
CA TRP A 455 20.05 17.50 -33.45
C TRP A 455 20.03 18.93 -33.97
N ARG A 456 19.64 19.13 -35.21
CA ARG A 456 19.71 20.44 -35.83
C ARG A 456 18.34 21.00 -36.07
N ASP A 457 17.30 20.30 -35.62
CA ASP A 457 15.93 20.76 -35.64
C ASP A 457 15.37 20.82 -34.22
N LEU A 458 16.24 20.95 -33.22
CA LEU A 458 15.74 21.07 -31.86
C LEU A 458 14.83 22.28 -31.70
N LEU A 459 15.05 23.32 -32.50
CA LEU A 459 14.27 24.53 -32.37
C LEU A 459 13.23 24.69 -33.47
N SER A 460 13.48 24.12 -34.64
CA SER A 460 12.60 24.31 -35.77
C SER A 460 11.27 23.59 -35.55
N PRO A 461 10.14 24.27 -35.66
CA PRO A 461 8.84 23.60 -35.48
C PRO A 461 8.60 22.49 -36.48
N VAL A 462 7.44 21.85 -36.41
CA VAL A 462 7.21 20.66 -37.22
C VAL A 462 6.83 21.03 -38.65
N ASN A 463 5.66 21.65 -38.85
CA ASN A 463 5.25 21.82 -40.24
C ASN A 463 5.74 23.10 -40.88
N VAL A 464 5.03 24.20 -40.67
CA VAL A 464 5.52 25.54 -40.94
C VAL A 464 4.90 26.50 -39.93
N ASP A 465 3.85 26.04 -39.27
CA ASP A 465 2.94 26.92 -38.55
C ASP A 465 2.67 26.50 -37.11
N ASP A 466 2.99 25.28 -36.74
CA ASP A 466 2.80 24.80 -35.38
C ASP A 466 4.11 24.96 -34.63
N ASP A 467 4.22 26.04 -33.86
CA ASP A 467 5.49 26.41 -33.23
C ASP A 467 5.65 25.64 -31.92
N PHE A 468 5.99 24.36 -32.03
CA PHE A 468 6.30 23.52 -30.88
C PHE A 468 7.39 22.54 -31.25
N CYS A 469 8.62 22.85 -30.91
CA CYS A 469 9.76 22.07 -31.35
C CYS A 469 10.00 20.89 -30.43
N PHE A 470 11.15 20.27 -30.60
CA PHE A 470 11.62 19.18 -29.75
C PHE A 470 12.55 19.62 -28.74
N GLY A 471 12.77 20.92 -28.58
CA GLY A 471 13.64 21.39 -27.53
C GLY A 471 12.84 21.64 -26.27
N GLN A 472 11.62 22.10 -26.46
CA GLN A 472 10.72 22.38 -25.35
C GLN A 472 10.15 21.12 -24.73
N VAL A 473 10.42 19.95 -25.30
CA VAL A 473 10.13 18.70 -24.62
C VAL A 473 11.26 18.34 -23.66
N LEU A 474 12.50 18.39 -24.13
CA LEU A 474 13.63 18.10 -23.25
C LEU A 474 13.71 19.12 -22.12
N GLY A 475 13.49 20.39 -22.43
CA GLY A 475 13.49 21.39 -21.39
C GLY A 475 12.43 21.19 -20.34
N MET A 476 11.21 20.86 -20.75
CA MET A 476 10.15 20.61 -19.80
C MET A 476 10.32 19.30 -19.05
N LEU A 477 11.10 18.37 -19.59
CA LEU A 477 11.46 17.17 -18.86
C LEU A 477 12.48 17.45 -17.79
N LEU A 478 13.46 18.30 -18.07
CA LEU A 478 14.48 18.65 -17.08
C LEU A 478 14.05 19.76 -16.15
N LEU A 479 12.91 20.40 -16.39
CA LEU A 479 12.38 21.37 -15.45
C LEU A 479 11.53 20.71 -14.36
N ASP A 480 10.79 19.66 -14.71
CA ASP A 480 10.00 18.96 -13.73
C ASP A 480 10.87 18.24 -12.71
N SER A 481 12.07 17.83 -13.09
CA SER A 481 13.00 17.27 -12.12
C SER A 481 13.27 18.25 -10.99
N VAL A 482 13.59 19.50 -11.33
CA VAL A 482 13.85 20.50 -10.30
C VAL A 482 12.59 20.87 -9.55
N LEU A 483 11.47 21.00 -10.27
CA LEU A 483 10.23 21.35 -9.61
C LEU A 483 9.75 20.25 -8.69
N TYR A 484 10.24 19.02 -8.83
CA TYR A 484 9.94 17.97 -7.89
C TYR A 484 10.95 17.89 -6.76
N GLY A 485 12.21 18.20 -7.04
CA GLY A 485 13.18 18.30 -5.98
C GLY A 485 12.79 19.35 -4.96
N LEU A 486 12.20 20.45 -5.43
CA LEU A 486 11.77 21.50 -4.52
C LEU A 486 10.59 21.07 -3.65
N VAL A 487 9.83 20.05 -4.05
CA VAL A 487 8.77 19.58 -3.18
C VAL A 487 9.28 18.55 -2.19
N THR A 488 10.21 17.68 -2.61
CA THR A 488 10.76 16.74 -1.64
C THR A 488 11.59 17.47 -0.59
N TRP A 489 12.35 18.49 -0.98
CA TRP A 489 13.19 19.17 -0.01
C TRP A 489 12.38 19.94 1.01
N TYR A 490 11.14 20.25 0.70
CA TYR A 490 10.27 20.93 1.65
C TYR A 490 9.48 19.95 2.51
N MET A 491 8.95 18.89 1.92
CA MET A 491 8.20 17.94 2.72
C MET A 491 9.09 17.07 3.59
N GLU A 492 10.38 16.95 3.27
CA GLU A 492 11.28 16.21 4.13
C GLU A 492 11.71 17.04 5.33
N ALA A 493 11.56 18.35 5.26
CA ALA A 493 11.98 19.23 6.32
C ALA A 493 10.84 19.75 7.19
N VAL A 494 9.64 19.89 6.65
CA VAL A 494 8.53 20.40 7.43
C VAL A 494 7.60 19.30 7.93
N PHE A 495 7.49 18.18 7.24
CA PHE A 495 6.64 17.08 7.66
C PHE A 495 7.49 15.82 7.73
N PRO A 496 8.42 15.76 8.69
CA PRO A 496 9.46 14.74 8.63
C PRO A 496 8.94 13.35 8.90
N GLY A 497 7.80 13.23 9.55
CA GLY A 497 7.28 11.93 9.91
C GLY A 497 7.06 11.80 11.39
N GLN A 498 7.26 10.60 11.92
CA GLN A 498 7.01 10.34 13.33
C GLN A 498 8.24 10.54 14.20
N PHE A 499 9.42 10.33 13.63
CA PHE A 499 10.65 10.31 14.40
C PHE A 499 11.43 11.61 14.30
N GLY A 500 11.53 12.22 13.13
CA GLY A 500 12.27 13.45 12.99
C GLY A 500 11.61 14.58 13.75
N VAL A 501 12.26 15.73 13.72
CA VAL A 501 11.77 16.93 14.40
C VAL A 501 11.43 17.98 13.34
N PRO A 502 10.20 18.50 13.30
CA PRO A 502 9.83 19.43 12.24
C PRO A 502 10.54 20.76 12.33
N GLN A 503 10.26 21.63 11.36
CA GLN A 503 10.79 22.98 11.28
C GLN A 503 9.65 23.93 10.96
N PRO A 504 9.80 25.22 11.27
CA PRO A 504 8.74 26.17 10.95
C PRO A 504 8.54 26.27 9.45
N TRP A 505 7.29 26.49 9.04
CA TRP A 505 6.96 26.44 7.62
C TRP A 505 7.64 27.53 6.82
N TYR A 506 8.21 28.53 7.49
CA TYR A 506 8.91 29.63 6.84
C TYR A 506 10.41 29.50 6.98
N PHE A 507 10.92 28.28 7.09
CA PHE A 507 12.31 28.06 7.44
C PHE A 507 13.30 28.50 6.37
N PHE A 508 12.86 28.69 5.12
CA PHE A 508 13.78 29.10 4.07
C PHE A 508 13.95 30.60 3.99
N ILE A 509 13.73 31.30 5.11
CA ILE A 509 13.86 32.75 5.16
C ILE A 509 15.12 33.10 5.94
N MET A 510 15.14 32.74 7.21
CA MET A 510 16.21 33.15 8.10
C MET A 510 17.52 32.48 7.71
N PRO A 511 18.63 33.19 7.75
CA PRO A 511 19.93 32.62 7.36
C PRO A 511 20.67 31.97 8.53
N SER A 512 19.96 31.15 9.29
CA SER A 512 20.53 30.57 10.50
C SER A 512 20.51 29.04 10.45
N ASN A 537 23.76 18.96 48.48
CA ASN A 537 22.98 18.64 49.67
C ASN A 537 23.63 17.54 50.48
N GLU A 538 22.83 16.83 51.26
CA GLU A 538 23.29 15.67 52.01
C GLU A 538 22.84 14.36 51.41
N TYR A 539 22.12 14.41 50.29
CA TYR A 539 21.72 13.24 49.54
C TYR A 539 22.68 12.89 48.42
N PHE A 540 23.77 13.64 48.29
CA PHE A 540 24.71 13.48 47.20
C PHE A 540 26.04 12.98 47.76
N GLU A 541 26.56 11.89 47.21
CA GLU A 541 27.79 11.34 47.74
C GLU A 541 28.96 12.17 47.22
N ALA A 542 30.13 11.96 47.81
CA ALA A 542 31.34 12.67 47.42
C ALA A 542 31.92 12.04 46.17
N GLU A 543 32.07 12.85 45.12
CA GLU A 543 32.53 12.34 43.84
C GLU A 543 33.97 11.85 43.93
N PRO A 544 34.36 10.90 43.09
CA PRO A 544 35.72 10.35 43.18
C PRO A 544 36.79 11.39 42.87
N GLU A 545 38.02 11.05 43.23
CA GLU A 545 39.17 11.91 43.03
C GLU A 545 40.19 11.36 42.04
N ASP A 546 40.32 10.05 41.95
CA ASP A 546 41.25 9.47 40.98
C ASP A 546 40.78 9.71 39.56
N LEU A 547 39.48 9.69 39.34
CA LEU A 547 38.89 9.63 38.02
C LEU A 547 38.68 11.02 37.45
N VAL A 548 38.77 11.13 36.13
CA VAL A 548 38.67 12.41 35.43
C VAL A 548 37.33 12.49 34.73
N ALA A 549 36.65 13.63 34.88
CA ALA A 549 35.31 13.76 34.34
C ALA A 549 35.33 13.65 32.82
N GLY A 550 34.28 13.07 32.28
CA GLY A 550 34.18 12.88 30.84
C GLY A 550 32.91 13.47 30.29
N ILE A 551 32.02 13.91 31.17
CA ILE A 551 30.85 14.69 30.80
C ILE A 551 30.57 15.63 31.95
N LYS A 552 30.70 16.93 31.74
CA LYS A 552 30.44 17.90 32.77
C LYS A 552 29.21 18.72 32.39
N ILE A 553 28.27 18.83 33.31
CA ILE A 553 27.05 19.59 33.08
C ILE A 553 26.98 20.67 34.14
N LYS A 554 26.62 21.88 33.73
CA LYS A 554 26.57 23.01 34.66
C LYS A 554 25.33 23.83 34.38
N HIS A 555 24.42 23.88 35.36
CA HIS A 555 23.22 24.70 35.31
C HIS A 555 22.40 24.48 34.05
N LEU A 556 22.40 23.27 33.51
CA LEU A 556 21.65 23.01 32.31
C LEU A 556 20.17 23.21 32.56
N SER A 557 19.45 23.62 31.52
CA SER A 557 18.02 23.86 31.67
C SER A 557 17.37 23.83 30.29
N LYS A 558 16.08 23.56 30.28
CA LYS A 558 15.30 23.70 29.06
C LYS A 558 13.84 23.88 29.41
N VAL A 559 13.21 24.83 28.74
CA VAL A 559 11.78 25.07 28.86
C VAL A 559 11.17 24.98 27.48
N PHE A 560 10.04 24.30 27.39
CA PHE A 560 9.43 24.02 26.11
C PHE A 560 8.47 25.14 25.73
N ARG A 561 7.65 24.87 24.70
CA ARG A 561 6.81 25.89 24.09
C ARG A 561 5.62 26.19 24.99
N VAL A 562 4.59 26.83 24.44
CA VAL A 562 3.41 27.18 25.21
C VAL A 562 2.77 25.93 25.80
N GLY A 563 1.74 26.11 26.62
CA GLY A 563 1.21 25.05 27.46
C GLY A 563 0.92 23.73 26.75
N ASN A 564 0.98 23.73 25.42
CA ASN A 564 1.03 22.48 24.69
C ASN A 564 2.38 21.81 24.95
N LYS A 565 2.55 21.25 26.14
CA LYS A 565 3.87 20.78 26.57
C LYS A 565 4.26 19.48 25.84
N ASP A 566 3.56 18.39 26.15
CA ASP A 566 3.74 17.10 25.48
C ASP A 566 5.15 16.52 25.61
N ARG A 567 6.05 17.21 26.32
CA ARG A 567 7.40 16.70 26.56
C ARG A 567 7.77 17.04 28.00
N ALA A 568 9.05 16.86 28.32
CA ALA A 568 9.55 16.96 29.68
C ALA A 568 10.62 18.03 29.80
N ALA A 569 10.53 18.83 30.86
CA ALA A 569 11.41 19.98 31.07
C ALA A 569 12.46 19.64 32.11
N VAL A 570 13.64 20.14 31.91
CA VAL A 570 14.73 20.04 32.88
C VAL A 570 14.84 21.39 33.59
N ARG A 571 15.21 21.37 34.87
CA ARG A 571 15.41 22.64 35.59
C ARG A 571 16.68 22.52 36.45
N ASP A 572 17.73 23.22 36.02
CA ASP A 572 18.96 23.37 36.78
C ASP A 572 19.63 22.04 37.12
N LEU A 573 20.03 21.29 36.10
CA LEU A 573 20.77 20.07 36.30
C LEU A 573 22.23 20.39 36.60
N ASN A 574 22.84 19.63 37.50
CA ASN A 574 24.25 19.84 37.84
C ASN A 574 24.98 18.51 37.99
N LEU A 575 24.74 17.60 37.07
CA LEU A 575 25.30 16.26 37.16
C LEU A 575 26.78 16.29 36.77
N ASN A 576 27.42 15.13 36.78
CA ASN A 576 28.82 14.97 36.45
C ASN A 576 29.17 13.50 36.32
N LEU A 577 29.74 13.08 35.19
CA LEU A 577 29.98 11.68 34.91
C LEU A 577 31.47 11.44 34.69
N TYR A 578 31.98 10.29 35.12
CA TYR A 578 33.40 10.05 35.23
C TYR A 578 33.87 8.92 34.33
N GLU A 579 35.18 8.81 34.18
CA GLU A 579 35.78 7.85 33.26
C GLU A 579 36.10 6.55 33.96
N GLY A 580 36.07 5.47 33.20
CA GLY A 580 36.32 4.17 33.78
C GLY A 580 35.31 3.79 34.83
N GLN A 581 34.03 4.00 34.52
CA GLN A 581 32.97 3.79 35.49
C GLN A 581 31.61 3.87 34.80
N ILE A 582 30.71 2.96 35.13
CA ILE A 582 29.38 2.91 34.55
C ILE A 582 28.43 3.72 35.43
N THR A 583 27.68 4.62 34.81
CA THR A 583 26.73 5.47 35.53
C THR A 583 25.34 5.18 34.99
N VAL A 584 24.42 4.87 35.90
CA VAL A 584 23.07 4.50 35.52
C VAL A 584 22.17 5.69 35.77
N LEU A 585 21.40 6.09 34.78
CA LEU A 585 20.53 7.24 34.87
C LEU A 585 19.09 6.78 34.94
N LEU A 586 18.54 6.74 36.14
CA LEU A 586 17.14 6.42 36.32
C LEU A 586 16.34 7.70 36.22
N GLY A 587 15.03 7.61 36.33
CA GLY A 587 14.21 8.78 36.28
C GLY A 587 12.75 8.40 36.17
N HIS A 588 11.89 9.11 36.89
CA HIS A 588 10.49 8.73 36.94
C HIS A 588 9.84 9.08 35.62
N ASN A 589 8.51 9.04 35.60
CA ASN A 589 7.80 9.00 34.32
C ASN A 589 7.94 10.31 33.56
N GLY A 590 7.51 11.41 34.16
CA GLY A 590 7.49 12.67 33.41
C GLY A 590 8.78 13.46 33.53
N ALA A 591 9.69 13.04 34.41
CA ALA A 591 10.84 13.84 34.80
C ALA A 591 12.03 13.76 33.85
N GLY A 592 12.17 14.73 32.96
CA GLY A 592 13.34 14.86 32.12
C GLY A 592 13.91 13.55 31.61
N LYS A 593 15.23 13.41 31.65
CA LYS A 593 15.92 12.15 31.45
C LYS A 593 15.83 11.64 30.02
N THR A 594 14.95 12.20 29.22
CA THR A 594 15.01 12.03 27.78
C THR A 594 15.10 13.34 27.04
N THR A 595 14.68 14.44 27.67
CA THR A 595 15.13 15.74 27.23
C THR A 595 16.63 15.87 27.39
N THR A 596 17.15 15.43 28.53
CA THR A 596 18.57 15.57 28.83
C THR A 596 19.42 14.78 27.84
N LEU A 597 19.09 13.52 27.64
CA LEU A 597 19.82 12.68 26.69
C LEU A 597 19.61 13.13 25.26
N SER A 598 18.61 13.95 24.99
CA SER A 598 18.46 14.54 23.67
C SER A 598 19.30 15.77 23.49
N MET A 599 19.45 16.60 24.53
CA MET A 599 20.35 17.73 24.43
C MET A 599 21.79 17.28 24.29
N LEU A 600 22.19 16.27 25.07
CA LEU A 600 23.57 15.81 25.01
C LEU A 600 23.92 15.19 23.67
N THR A 601 22.97 14.56 23.02
CA THR A 601 23.23 13.86 21.77
C THR A 601 22.99 14.76 20.56
N GLY A 602 22.56 15.99 20.76
CA GLY A 602 22.44 16.93 19.67
C GLY A 602 21.19 16.78 18.85
N LEU A 603 20.03 16.96 19.47
CA LEU A 603 18.78 17.10 18.76
C LEU A 603 18.19 18.49 18.83
N PHE A 604 18.33 19.18 19.96
CA PHE A 604 17.94 20.58 20.05
C PHE A 604 18.82 21.25 21.07
N PRO A 605 19.00 22.56 20.98
CA PRO A 605 19.94 23.24 21.87
C PRO A 605 19.32 23.48 23.23
N PRO A 606 20.14 23.75 24.22
CA PRO A 606 19.61 24.07 25.55
C PRO A 606 18.98 25.44 25.60
N THR A 607 18.59 25.88 26.79
CA THR A 607 18.04 27.21 27.01
C THR A 607 18.94 28.09 27.87
N SER A 608 19.32 27.64 29.06
CA SER A 608 20.09 28.48 29.95
C SER A 608 21.21 27.70 30.61
N GLY A 609 21.96 26.93 29.84
CA GLY A 609 23.04 26.17 30.44
C GLY A 609 24.11 25.81 29.46
N ARG A 610 25.18 25.26 30.00
CA ARG A 610 26.30 24.77 29.22
C ARG A 610 26.70 23.40 29.74
N ALA A 611 27.18 22.55 28.84
CA ALA A 611 27.54 21.18 29.18
C ALA A 611 28.67 20.73 28.28
N TYR A 612 29.79 20.36 28.88
CA TYR A 612 30.97 19.94 28.14
C TYR A 612 30.98 18.43 28.00
N ILE A 613 31.40 17.94 26.84
CA ILE A 613 31.55 16.50 26.72
C ILE A 613 32.99 16.12 26.92
N SER A 614 33.84 16.41 25.95
CA SER A 614 35.22 15.98 26.11
C SER A 614 36.14 17.19 26.02
N GLY A 615 35.77 18.24 26.74
CA GLY A 615 36.42 19.53 26.62
C GLY A 615 35.76 20.46 25.64
N TYR A 616 34.83 19.96 24.83
CA TYR A 616 34.08 20.78 23.90
C TYR A 616 32.85 21.34 24.61
N GLU A 617 31.88 21.85 23.87
CA GLU A 617 30.67 22.34 24.51
C GLU A 617 29.51 22.16 23.54
N ILE A 618 28.44 21.53 24.02
CA ILE A 618 27.41 21.00 23.12
C ILE A 618 26.75 22.09 22.29
N SER A 619 26.84 23.34 22.70
CA SER A 619 26.16 24.39 21.95
C SER A 619 27.05 25.00 20.88
N GLN A 620 28.36 25.05 21.08
CA GLN A 620 29.24 25.60 20.05
C GLN A 620 29.56 24.56 18.98
N ASP A 621 30.33 23.53 19.33
CA ASP A 621 30.90 22.63 18.34
C ASP A 621 30.49 21.18 18.61
N MET A 622 29.27 20.84 18.21
CA MET A 622 28.84 19.46 18.29
C MET A 622 29.49 18.62 17.19
N VAL A 623 29.86 19.26 16.08
CA VAL A 623 30.39 18.55 14.94
C VAL A 623 31.66 17.82 15.28
N GLN A 624 32.42 18.30 16.27
CA GLN A 624 33.61 17.62 16.71
C GLN A 624 33.34 16.66 17.86
N ILE A 625 32.28 16.89 18.64
CA ILE A 625 31.89 15.96 19.67
C ILE A 625 31.47 14.63 19.07
N ARG A 626 30.67 14.69 18.02
CA ARG A 626 30.15 13.48 17.40
C ARG A 626 31.25 12.58 16.86
N LYS A 627 32.51 12.99 17.02
CA LYS A 627 33.60 12.16 16.55
C LYS A 627 33.84 10.98 17.49
N SER A 628 33.81 11.23 18.80
CA SER A 628 34.07 10.22 19.80
C SER A 628 32.81 9.64 20.42
N LEU A 629 31.74 10.42 20.48
CA LEU A 629 30.49 9.94 21.01
C LEU A 629 29.89 8.84 20.13
N GLY A 630 29.88 7.61 20.63
CA GLY A 630 29.17 6.53 20.00
C GLY A 630 27.96 6.17 20.84
N LEU A 631 26.95 5.57 20.22
CA LEU A 631 25.71 5.31 20.95
C LEU A 631 24.90 4.23 20.24
N CYS A 632 24.15 3.46 21.02
CA CYS A 632 23.26 2.44 20.48
C CYS A 632 21.87 2.63 21.06
N PRO A 633 20.82 2.57 20.25
CA PRO A 633 19.48 2.90 20.72
C PRO A 633 18.69 1.70 21.22
N GLN A 634 17.43 1.94 21.59
CA GLN A 634 16.52 0.86 21.94
C GLN A 634 16.42 -0.18 20.84
N HIS A 635 16.15 0.25 19.62
CA HIS A 635 15.82 -0.64 18.51
C HIS A 635 17.08 -1.30 17.98
N ASP A 636 16.96 -1.97 16.84
CA ASP A 636 18.09 -2.63 16.20
C ASP A 636 18.48 -1.89 14.94
N ILE A 637 19.76 -1.60 14.81
CA ILE A 637 20.28 -0.83 13.68
C ILE A 637 21.15 -1.72 12.82
N LEU A 638 20.54 -2.47 11.92
CA LEU A 638 21.25 -3.48 11.17
C LEU A 638 20.53 -3.67 9.85
N PHE A 639 21.29 -3.85 8.79
CA PHE A 639 20.71 -4.12 7.47
C PHE A 639 20.64 -5.62 7.26
N ASP A 640 19.44 -6.15 7.12
CA ASP A 640 19.31 -7.51 6.66
C ASP A 640 19.91 -7.60 5.27
N ASN A 641 20.63 -8.69 5.01
CA ASN A 641 21.39 -8.99 3.80
C ASN A 641 22.79 -8.39 3.78
N LEU A 642 23.29 -7.85 4.88
CA LEU A 642 24.71 -7.62 5.04
C LEU A 642 25.25 -8.58 6.10
N THR A 643 26.54 -8.85 6.03
CA THR A 643 27.14 -9.82 6.92
C THR A 643 27.55 -9.16 8.23
N VAL A 644 27.90 -10.00 9.20
CA VAL A 644 28.47 -9.51 10.45
C VAL A 644 29.77 -8.78 10.18
N ALA A 645 30.55 -9.27 9.22
CA ALA A 645 31.85 -8.70 8.94
C ALA A 645 31.77 -7.43 8.10
N GLU A 646 30.65 -7.18 7.45
CA GLU A 646 30.47 -5.98 6.65
C GLU A 646 29.94 -4.81 7.46
N HIS A 647 29.15 -5.04 8.49
CA HIS A 647 28.68 -3.95 9.33
C HIS A 647 29.85 -3.26 10.01
N LEU A 648 30.80 -4.03 10.51
CA LEU A 648 31.95 -3.42 11.16
C LEU A 648 32.81 -2.68 10.16
N TYR A 649 33.06 -3.25 8.99
CA TYR A 649 33.85 -2.58 7.97
C TYR A 649 33.17 -1.33 7.44
N PHE A 650 31.85 -1.26 7.53
CA PHE A 650 31.12 -0.08 7.07
C PHE A 650 31.11 1.00 8.13
N TYR A 651 30.75 0.67 9.37
CA TYR A 651 30.65 1.66 10.42
C TYR A 651 32.00 2.14 10.93
N ALA A 652 33.03 1.29 10.92
CA ALA A 652 34.35 1.74 11.32
C ALA A 652 34.82 2.86 10.43
N GLN A 653 34.63 2.73 9.13
CA GLN A 653 35.07 3.75 8.20
C GLN A 653 34.13 4.95 8.18
N LEU A 654 32.83 4.73 8.34
CA LEU A 654 31.94 5.86 8.46
C LEU A 654 32.26 6.72 9.67
N LYS A 655 32.81 6.12 10.72
CA LYS A 655 33.21 6.87 11.90
C LYS A 655 34.56 7.55 11.76
N GLY A 656 35.23 7.39 10.62
CA GLY A 656 36.42 8.17 10.33
C GLY A 656 37.72 7.45 10.62
N LEU A 657 37.81 6.18 10.23
CA LEU A 657 38.99 5.37 10.46
C LEU A 657 39.70 5.13 9.14
N SER A 658 41.02 5.13 9.18
CA SER A 658 41.83 5.02 7.97
C SER A 658 41.72 3.62 7.37
N ARG A 659 41.91 3.56 6.05
CA ARG A 659 41.62 2.31 5.33
C ARG A 659 42.67 1.25 5.56
N GLN A 660 43.94 1.64 5.67
CA GLN A 660 45.01 0.67 5.85
C GLN A 660 45.04 0.10 7.26
N LYS A 661 44.49 0.83 8.23
CA LYS A 661 44.54 0.43 9.63
C LYS A 661 43.18 -0.01 10.16
N CYS A 662 42.27 -0.43 9.29
CA CYS A 662 40.98 -0.96 9.69
C CYS A 662 40.96 -2.46 10.02
N PRO A 663 41.54 -3.33 9.18
CA PRO A 663 41.27 -4.77 9.35
C PRO A 663 41.66 -5.35 10.70
N GLU A 664 42.73 -4.87 11.33
CA GLU A 664 43.09 -5.42 12.64
C GLU A 664 42.07 -5.04 13.71
N GLU A 665 41.48 -3.84 13.64
CA GLU A 665 40.41 -3.50 14.58
C GLU A 665 39.13 -4.25 14.28
N VAL A 666 38.83 -4.54 13.02
CA VAL A 666 37.69 -5.42 12.80
C VAL A 666 37.96 -6.80 13.39
N LYS A 667 39.19 -7.28 13.25
CA LYS A 667 39.54 -8.59 13.81
C LYS A 667 39.48 -8.58 15.33
N GLN A 668 39.90 -7.48 15.96
CA GLN A 668 39.88 -7.40 17.40
C GLN A 668 38.46 -7.27 17.94
N MET A 669 37.63 -6.47 17.28
CA MET A 669 36.26 -6.33 17.75
C MET A 669 35.46 -7.60 17.53
N LEU A 670 35.70 -8.32 16.44
CA LEU A 670 35.04 -9.61 16.31
C LEU A 670 35.42 -10.56 17.43
N HIS A 671 36.52 -10.29 18.13
CA HIS A 671 36.92 -11.08 19.28
C HIS A 671 36.34 -10.55 20.58
N ILE A 672 36.33 -9.23 20.75
CA ILE A 672 35.77 -8.63 21.95
C ILE A 672 34.31 -9.01 22.09
N ILE A 673 33.55 -8.90 20.99
CA ILE A 673 32.16 -9.33 21.06
C ILE A 673 32.08 -10.84 21.21
N GLY A 674 32.97 -11.57 20.57
CA GLY A 674 32.88 -13.01 20.59
C GLY A 674 32.02 -13.56 19.47
N LEU A 675 32.37 -13.26 18.23
CA LEU A 675 31.66 -13.75 17.05
C LEU A 675 32.63 -14.20 15.98
N GLU A 676 33.67 -14.94 16.36
CA GLU A 676 34.62 -15.46 15.38
C GLU A 676 33.92 -16.40 14.40
N ASP A 677 33.22 -17.39 14.92
CA ASP A 677 32.26 -18.14 14.13
C ASP A 677 31.02 -17.29 13.95
N LYS A 678 30.08 -17.78 13.16
CA LYS A 678 28.93 -17.00 12.71
C LYS A 678 29.37 -15.75 11.96
N TRP A 679 30.66 -15.67 11.64
CA TRP A 679 31.21 -14.66 10.78
C TRP A 679 30.58 -14.74 9.40
N ASN A 680 30.53 -13.59 8.72
CA ASN A 680 29.86 -13.39 7.43
C ASN A 680 28.55 -14.16 7.32
N SER A 681 27.82 -14.26 8.42
CA SER A 681 26.42 -14.62 8.31
C SER A 681 25.63 -13.35 8.07
N ARG A 682 24.55 -13.48 7.30
CA ARG A 682 23.68 -12.32 7.13
C ARG A 682 23.20 -11.83 8.48
N SER A 683 22.71 -10.60 8.52
CA SER A 683 22.22 -10.07 9.78
C SER A 683 20.84 -10.60 10.12
N ARG A 684 20.11 -11.11 9.14
CA ARG A 684 19.07 -12.05 9.46
C ARG A 684 19.75 -13.37 9.82
N PHE A 685 18.97 -14.33 10.31
CA PHE A 685 19.47 -15.63 10.68
C PHE A 685 20.41 -15.63 11.88
N LEU A 686 20.64 -14.51 12.55
CA LEU A 686 21.52 -14.59 13.72
C LEU A 686 20.77 -15.03 14.97
N SER A 687 19.92 -14.16 15.50
CA SER A 687 19.38 -14.36 16.83
C SER A 687 18.42 -13.26 17.19
N GLY A 688 18.05 -13.19 18.47
CA GLY A 688 17.63 -11.94 19.06
C GLY A 688 18.66 -11.49 20.07
N GLY A 689 19.70 -12.29 20.26
CA GLY A 689 20.62 -12.08 21.35
C GLY A 689 22.08 -11.95 20.95
N MET A 690 22.38 -12.21 19.68
CA MET A 690 23.65 -11.80 19.11
C MET A 690 23.54 -10.52 18.32
N ARG A 691 22.32 -10.12 17.98
CA ARG A 691 22.11 -8.82 17.36
C ARG A 691 22.26 -7.69 18.38
N ARG A 692 21.78 -7.89 19.61
CA ARG A 692 22.06 -6.91 20.65
C ARG A 692 23.53 -6.88 21.00
N LYS A 693 24.30 -7.88 20.61
CA LYS A 693 25.73 -7.85 20.83
C LYS A 693 26.47 -7.21 19.66
N LEU A 694 25.98 -7.39 18.44
CA LEU A 694 26.58 -6.67 17.31
C LEU A 694 26.28 -5.18 17.36
N SER A 695 25.08 -4.79 17.81
CA SER A 695 24.79 -3.38 17.99
C SER A 695 25.71 -2.74 19.01
N ILE A 696 25.94 -3.42 20.14
CA ILE A 696 26.90 -2.92 21.12
C ILE A 696 28.30 -2.86 20.51
N GLY A 697 28.65 -3.82 19.65
CA GLY A 697 29.93 -3.76 18.98
C GLY A 697 30.07 -2.54 18.10
N ILE A 698 29.03 -2.22 17.33
CA ILE A 698 29.05 -1.03 16.49
C ILE A 698 29.14 0.22 17.33
N ALA A 699 28.54 0.22 18.52
CA ALA A 699 28.55 1.41 19.35
C ALA A 699 29.96 1.83 19.74
N LEU A 700 30.90 0.89 19.78
CA LEU A 700 32.23 1.17 20.33
C LEU A 700 33.35 0.72 19.39
N ILE A 701 33.10 0.68 18.11
CA ILE A 701 34.12 0.37 17.11
C ILE A 701 34.82 1.67 16.77
N ALA A 702 36.07 1.56 16.32
CA ALA A 702 36.93 2.66 15.91
C ALA A 702 37.37 3.55 17.07
N GLY A 703 37.16 3.15 18.31
CA GLY A 703 37.66 3.93 19.43
C GLY A 703 36.76 5.11 19.70
N SER A 704 36.07 5.08 20.84
CA SER A 704 35.07 6.10 21.14
C SER A 704 35.03 6.24 22.64
N LYS A 705 35.18 7.47 23.14
CA LYS A 705 35.30 7.64 24.59
C LYS A 705 33.94 7.61 25.26
N VAL A 706 33.15 8.66 25.07
CA VAL A 706 31.81 8.63 25.65
C VAL A 706 31.01 7.56 24.93
N LEU A 707 30.05 6.98 25.63
CA LEU A 707 29.31 5.85 25.06
C LEU A 707 27.95 5.80 25.74
N ILE A 708 26.93 6.34 25.09
CA ILE A 708 25.59 6.48 25.65
C ILE A 708 24.71 5.40 25.05
N LEU A 709 24.50 4.31 25.78
CA LEU A 709 23.64 3.23 25.32
C LEU A 709 22.47 3.09 26.27
N ASP A 710 21.31 2.69 25.73
CA ASP A 710 20.12 2.62 26.58
C ASP A 710 19.38 1.29 26.41
N GLU A 711 18.81 0.83 27.52
CA GLU A 711 18.13 -0.45 27.65
C GLU A 711 18.81 -1.56 26.84
N PRO A 712 20.04 -1.92 27.19
CA PRO A 712 20.83 -2.77 26.31
C PRO A 712 20.50 -4.25 26.41
N THR A 713 19.78 -4.67 27.42
CA THR A 713 19.54 -6.09 27.66
C THR A 713 18.06 -6.36 27.76
N SER A 714 17.28 -5.81 26.84
CA SER A 714 15.83 -5.87 26.90
C SER A 714 15.34 -7.06 26.11
N GLY A 715 14.57 -7.93 26.76
CA GLY A 715 13.99 -9.08 26.10
C GLY A 715 15.01 -10.15 25.76
N MET A 716 15.72 -10.64 26.76
CA MET A 716 16.74 -11.66 26.55
C MET A 716 16.77 -12.60 27.74
N ASP A 717 17.13 -13.85 27.48
CA ASP A 717 17.18 -14.84 28.53
C ASP A 717 18.31 -14.52 29.50
N ALA A 718 18.48 -15.37 30.50
CA ALA A 718 19.35 -15.03 31.61
C ALA A 718 20.82 -15.38 31.37
N ILE A 719 21.15 -15.97 30.24
CA ILE A 719 22.55 -16.24 29.91
C ILE A 719 23.09 -15.21 28.94
N SER A 720 22.33 -14.93 27.90
CA SER A 720 22.69 -13.90 26.94
C SER A 720 22.71 -12.53 27.55
N ARG A 721 22.19 -12.39 28.76
CA ARG A 721 22.21 -11.15 29.50
C ARG A 721 23.46 -11.01 30.35
N ARG A 722 23.89 -12.06 31.03
CA ARG A 722 25.16 -12.05 31.71
C ARG A 722 26.33 -11.92 30.75
N ALA A 723 26.22 -12.46 29.54
CA ALA A 723 27.31 -12.27 28.59
C ALA A 723 27.51 -10.78 28.27
N ILE A 724 26.43 -10.05 28.06
CA ILE A 724 26.53 -8.63 27.76
C ILE A 724 27.02 -7.86 28.98
N TRP A 725 26.56 -8.23 30.17
CA TRP A 725 27.07 -7.60 31.37
C TRP A 725 28.56 -7.74 31.48
N ASP A 726 29.07 -8.95 31.24
CA ASP A 726 30.50 -9.18 31.33
C ASP A 726 31.25 -8.36 30.29
N LEU A 727 30.71 -8.30 29.07
CA LEU A 727 31.33 -7.47 28.03
C LEU A 727 31.50 -6.03 28.51
N LEU A 728 30.42 -5.44 29.00
CA LEU A 728 30.46 -4.05 29.44
C LEU A 728 31.35 -3.84 30.65
N GLN A 729 31.49 -4.83 31.51
CA GLN A 729 32.41 -4.70 32.62
C GLN A 729 33.86 -4.75 32.18
N ARG A 730 34.20 -5.62 31.24
CA ARG A 730 35.57 -5.65 30.76
C ARG A 730 35.91 -4.46 29.88
N GLN A 731 34.93 -3.81 29.28
CA GLN A 731 35.21 -2.81 28.27
C GLN A 731 35.14 -1.37 28.75
N LYS A 732 34.97 -1.10 30.04
CA LYS A 732 34.95 0.33 30.35
C LYS A 732 36.36 0.86 30.47
N SER A 733 36.96 0.74 31.65
CA SER A 733 38.40 0.78 31.88
C SER A 733 39.09 2.02 31.31
N ASP A 734 38.45 2.69 30.34
CA ASP A 734 39.11 3.76 29.61
C ASP A 734 38.09 4.83 29.24
N ARG A 735 36.83 4.45 29.18
CA ARG A 735 35.77 5.26 28.61
C ARG A 735 34.63 5.42 29.60
N THR A 736 33.77 6.39 29.34
CA THR A 736 32.64 6.67 30.22
C THR A 736 31.40 6.06 29.60
N ILE A 737 30.67 5.26 30.36
CA ILE A 737 29.46 4.63 29.89
C ILE A 737 28.29 5.19 30.66
N VAL A 738 27.20 5.47 29.97
CA VAL A 738 25.99 6.04 30.55
C VAL A 738 24.83 5.12 30.18
N LEU A 739 24.37 4.32 31.11
CA LEU A 739 23.24 3.44 30.88
C LEU A 739 21.94 4.13 31.19
N THR A 740 20.85 3.49 30.79
CA THR A 740 19.53 3.74 31.36
C THR A 740 18.65 2.55 31.06
N THR A 741 18.15 1.91 32.11
CA THR A 741 17.45 0.64 32.03
C THR A 741 16.07 0.78 32.66
N HIS A 742 15.26 -0.27 32.47
CA HIS A 742 14.00 -0.40 33.17
C HIS A 742 14.03 -1.51 34.21
N PHE A 743 15.10 -2.30 34.26
CA PHE A 743 15.27 -3.32 35.27
C PHE A 743 16.02 -2.73 36.45
N MET A 744 15.52 -2.98 37.65
CA MET A 744 16.07 -2.37 38.85
C MET A 744 17.07 -3.26 39.57
N ASP A 745 17.50 -4.37 38.97
CA ASP A 745 18.65 -5.09 39.47
C ASP A 745 19.84 -5.05 38.51
N GLU A 746 19.60 -4.86 37.22
CA GLU A 746 20.67 -4.49 36.32
C GLU A 746 21.21 -3.11 36.65
N ALA A 747 20.35 -2.22 37.13
CA ALA A 747 20.78 -0.90 37.57
C ALA A 747 21.55 -0.93 38.85
N ASP A 748 21.76 -2.10 39.40
CA ASP A 748 22.43 -2.28 40.67
C ASP A 748 23.67 -3.15 40.57
N LEU A 749 23.59 -4.24 39.81
CA LEU A 749 24.72 -5.14 39.69
C LEU A 749 25.83 -4.53 38.85
N LEU A 750 25.49 -3.93 37.72
CA LEU A 750 26.46 -3.15 36.95
C LEU A 750 26.00 -1.69 36.93
N GLY A 751 26.43 -0.96 37.95
CA GLY A 751 26.30 0.48 37.97
C GLY A 751 27.05 0.96 39.17
N ASP A 752 28.00 1.85 38.96
CA ASP A 752 28.90 2.23 40.04
C ASP A 752 28.50 3.54 40.68
N ARG A 753 27.53 4.23 40.11
CA ARG A 753 27.08 5.52 40.61
C ARG A 753 25.76 5.81 39.96
N ILE A 754 24.71 6.01 40.76
CA ILE A 754 23.34 6.06 40.25
C ILE A 754 22.75 7.45 40.46
N ALA A 755 21.80 7.81 39.62
CA ALA A 755 21.15 9.12 39.69
C ALA A 755 19.67 8.99 39.38
N ILE A 756 18.82 9.68 40.13
CA ILE A 756 17.38 9.56 39.99
C ILE A 756 16.77 10.95 39.83
N MET A 757 15.91 11.12 38.85
CA MET A 757 15.23 12.37 38.57
C MET A 757 13.73 12.22 38.78
N ALA A 758 13.11 13.17 39.47
CA ALA A 758 11.72 12.98 39.87
C ALA A 758 10.77 13.96 39.21
N LYS A 759 11.11 15.24 39.14
CA LYS A 759 10.24 16.24 38.53
C LYS A 759 11.04 17.17 37.65
N GLY A 760 11.88 16.61 36.80
CA GLY A 760 12.83 17.40 36.05
C GLY A 760 13.88 18.02 36.94
N GLU A 761 14.34 17.29 37.94
CA GLU A 761 15.27 17.84 38.91
C GLU A 761 15.94 16.70 39.63
N LEU A 762 17.26 16.63 39.55
CA LEU A 762 18.02 15.50 40.09
C LEU A 762 17.80 15.41 41.59
N GLN A 763 17.38 14.22 42.06
CA GLN A 763 16.96 14.07 43.45
C GLN A 763 18.07 13.54 44.35
N CYS A 764 18.65 12.40 44.00
CA CYS A 764 19.72 11.82 44.78
C CYS A 764 20.73 11.22 43.83
N CYS A 765 21.98 11.15 44.27
CA CYS A 765 23.04 10.56 43.48
C CYS A 765 24.02 9.88 44.41
N GLY A 766 24.75 8.91 43.90
CA GLY A 766 25.67 8.17 44.73
C GLY A 766 25.68 6.70 44.42
N SER A 767 26.46 5.91 45.14
CA SER A 767 26.59 4.50 44.83
C SER A 767 25.39 3.74 45.35
N SER A 768 25.38 2.43 45.12
CA SER A 768 24.22 1.65 45.54
C SER A 768 24.17 1.48 47.04
N LEU A 769 25.30 1.15 47.66
CA LEU A 769 25.32 1.01 49.11
C LEU A 769 25.09 2.34 49.82
N PHE A 770 25.45 3.46 49.19
CA PHE A 770 25.13 4.74 49.78
C PHE A 770 23.62 4.99 49.78
N LEU A 771 22.95 4.63 48.71
CA LEU A 771 21.51 4.90 48.59
C LEU A 771 20.68 3.94 49.41
N LYS A 772 21.09 2.68 49.50
CA LYS A 772 20.28 1.71 50.21
C LYS A 772 20.25 1.99 51.70
N GLN A 773 21.37 2.43 52.26
CA GLN A 773 21.43 2.75 53.68
C GLN A 773 20.66 4.02 54.04
N LYS A 774 20.29 4.82 53.06
CA LYS A 774 19.64 6.10 53.33
C LYS A 774 18.17 6.11 52.98
N TYR A 775 17.76 5.36 51.95
CA TYR A 775 16.39 5.39 51.47
C TYR A 775 15.65 4.09 51.71
N GLY A 776 16.21 3.16 52.48
CA GLY A 776 15.54 1.89 52.65
C GLY A 776 15.32 1.49 54.09
N ALA A 777 14.43 0.52 54.30
CA ALA A 777 14.22 -0.06 55.61
C ALA A 777 15.28 -1.13 55.86
N GLY A 778 15.08 -1.97 56.86
CA GLY A 778 16.13 -2.89 57.24
C GLY A 778 16.31 -4.09 56.34
N TYR A 779 16.47 -5.27 56.94
CA TYR A 779 16.69 -6.49 56.19
C TYR A 779 15.36 -7.14 55.87
N HIS A 780 15.40 -8.36 55.31
CA HIS A 780 14.20 -9.04 54.85
C HIS A 780 14.20 -10.49 55.29
N MET A 781 14.36 -10.74 56.59
CA MET A 781 14.45 -12.11 57.06
C MET A 781 13.19 -12.89 56.73
N THR A 782 13.38 -14.12 56.27
CA THR A 782 12.31 -14.96 55.73
C THR A 782 12.44 -16.38 56.25
N LEU A 783 11.33 -16.97 56.68
CA LEU A 783 11.30 -18.32 57.20
C LEU A 783 10.68 -19.26 56.18
N VAL A 784 10.60 -20.53 56.54
CA VAL A 784 9.84 -21.53 55.78
C VAL A 784 9.09 -22.37 56.80
N LYS A 785 7.83 -22.04 57.05
CA LYS A 785 7.06 -22.75 58.06
C LYS A 785 6.55 -24.08 57.51
N GLU A 786 6.20 -24.97 58.43
CA GLU A 786 5.73 -26.32 58.14
C GLU A 786 4.29 -26.48 58.61
N PRO A 787 3.60 -27.57 58.28
CA PRO A 787 2.19 -27.68 58.66
C PRO A 787 1.92 -27.49 60.14
N HIS A 788 2.78 -28.01 61.01
CA HIS A 788 2.56 -27.93 62.45
C HIS A 788 3.24 -26.69 63.03
N CYS A 789 2.86 -25.54 62.48
CA CYS A 789 3.50 -24.28 62.82
C CYS A 789 2.44 -23.26 63.21
N ASN A 790 2.87 -22.28 64.02
CA ASN A 790 2.01 -21.18 64.45
C ASN A 790 2.75 -19.88 64.17
N PRO A 791 2.24 -19.03 63.28
CA PRO A 791 2.81 -17.68 63.15
C PRO A 791 2.77 -16.89 64.43
N GLU A 792 1.75 -17.11 65.27
CA GLU A 792 1.65 -16.39 66.52
C GLU A 792 2.78 -16.75 67.47
N ASP A 793 3.27 -17.98 67.42
CA ASP A 793 4.34 -18.40 68.32
C ASP A 793 5.72 -17.94 67.88
N ILE A 794 5.85 -17.42 66.66
CA ILE A 794 7.13 -16.94 66.16
C ILE A 794 7.14 -15.42 66.23
N SER A 795 5.99 -14.80 65.98
CA SER A 795 5.93 -13.35 66.05
C SER A 795 6.24 -12.85 67.46
N GLN A 796 5.79 -13.58 68.49
CA GLN A 796 6.17 -13.20 69.84
C GLN A 796 7.68 -13.23 70.01
N LEU A 797 8.32 -14.29 69.53
CA LEU A 797 9.77 -14.38 69.63
C LEU A 797 10.43 -13.18 68.97
N VAL A 798 10.06 -12.89 67.74
CA VAL A 798 10.74 -11.85 66.97
C VAL A 798 10.52 -10.49 67.62
N HIS A 799 9.28 -10.16 67.97
CA HIS A 799 9.02 -8.84 68.54
C HIS A 799 9.61 -8.70 69.93
N HIS A 800 9.48 -9.74 70.77
CA HIS A 800 10.01 -9.68 72.12
C HIS A 800 11.52 -9.62 72.12
N HIS A 801 12.17 -10.07 71.05
CA HIS A 801 13.63 -10.03 71.05
C HIS A 801 14.11 -8.71 70.45
N VAL A 802 13.70 -8.42 69.21
CA VAL A 802 13.94 -7.14 68.58
C VAL A 802 12.63 -6.35 68.57
N PRO A 803 12.58 -5.15 69.14
CA PRO A 803 11.30 -4.47 69.34
C PRO A 803 10.58 -4.12 68.05
N ASN A 804 11.24 -3.34 67.20
CA ASN A 804 10.61 -2.91 65.96
C ASN A 804 10.75 -3.98 64.91
N ALA A 805 9.64 -4.32 64.26
CA ALA A 805 9.61 -5.30 63.20
C ALA A 805 8.25 -5.15 62.52
N THR A 806 8.03 -5.93 61.47
CA THR A 806 6.76 -5.91 60.79
C THR A 806 6.58 -7.25 60.09
N LEU A 807 5.45 -7.89 60.30
CA LEU A 807 5.13 -9.08 59.53
C LEU A 807 4.70 -8.61 58.15
N GLU A 808 5.65 -8.57 57.22
CA GLU A 808 5.41 -7.98 55.91
C GLU A 808 4.35 -8.75 55.14
N SER A 809 4.43 -10.08 55.14
CA SER A 809 3.46 -10.91 54.43
C SER A 809 3.57 -12.34 54.94
N SER A 810 2.53 -13.12 54.65
CA SER A 810 2.52 -14.53 54.99
C SER A 810 1.87 -15.33 53.86
N ALA A 811 2.26 -15.01 52.63
CA ALA A 811 1.74 -15.68 51.45
C ALA A 811 2.47 -17.00 51.24
N GLY A 812 1.74 -18.01 50.83
CA GLY A 812 2.33 -19.34 50.70
C GLY A 812 2.64 -19.88 52.06
N ALA A 813 3.87 -20.39 52.23
CA ALA A 813 4.40 -20.71 53.55
C ALA A 813 5.78 -20.05 53.63
N GLU A 814 5.77 -18.75 53.94
CA GLU A 814 7.03 -18.02 54.05
C GLU A 814 7.22 -17.30 55.37
N LEU A 815 6.27 -16.43 55.74
CA LEU A 815 6.45 -15.57 56.91
C LEU A 815 7.69 -14.69 56.78
N SER A 816 7.64 -13.63 55.99
CA SER A 816 8.75 -12.70 55.89
C SER A 816 8.55 -11.49 56.80
N PHE A 817 9.64 -11.02 57.40
CA PHE A 817 9.63 -9.89 58.32
C PHE A 817 10.41 -8.72 57.74
N ILE A 818 10.50 -7.64 58.51
CA ILE A 818 11.28 -6.45 58.14
C ILE A 818 12.03 -6.03 59.40
N LEU A 819 13.32 -6.30 59.45
CA LEU A 819 14.09 -5.98 60.64
C LEU A 819 14.89 -4.71 60.39
N PRO A 820 14.50 -3.58 60.95
CA PRO A 820 15.19 -2.32 60.63
C PRO A 820 16.67 -2.37 60.98
N ARG A 821 17.49 -1.72 60.16
CA ARG A 821 18.92 -1.87 60.22
C ARG A 821 19.58 -0.94 61.21
N GLU A 822 18.81 -0.15 61.95
CA GLU A 822 19.34 0.58 63.09
C GLU A 822 19.28 -0.25 64.36
N SER A 823 19.10 -1.55 64.23
CA SER A 823 19.13 -2.48 65.36
C SER A 823 19.87 -3.75 64.98
N THR A 824 21.03 -3.61 64.35
CA THR A 824 21.79 -4.78 63.94
C THR A 824 22.56 -5.41 65.10
N HIS A 825 22.55 -4.81 66.28
CA HIS A 825 23.23 -5.41 67.41
C HIS A 825 22.40 -6.47 68.13
N ARG A 826 21.11 -6.56 67.87
CA ARG A 826 20.27 -7.61 68.42
C ARG A 826 20.16 -8.81 67.49
N PHE A 827 20.74 -8.73 66.30
CA PHE A 827 20.68 -9.84 65.37
C PHE A 827 21.45 -11.04 65.89
N GLU A 828 22.54 -10.81 66.61
CA GLU A 828 23.24 -11.91 67.26
C GLU A 828 22.30 -12.74 68.10
N GLY A 829 21.57 -12.11 69.01
CA GLY A 829 20.67 -12.82 69.88
C GLY A 829 19.55 -13.46 69.11
N LEU A 830 18.96 -12.72 68.17
CA LEU A 830 17.81 -13.24 67.43
C LEU A 830 18.18 -14.51 66.68
N PHE A 831 19.25 -14.45 65.89
CA PHE A 831 19.60 -15.59 65.07
C PHE A 831 20.14 -16.74 65.90
N ALA A 832 20.93 -16.44 66.94
CA ALA A 832 21.42 -17.50 67.81
C ALA A 832 20.28 -18.24 68.49
N LYS A 833 19.29 -17.51 69.00
CA LYS A 833 18.16 -18.13 69.66
C LYS A 833 17.30 -18.91 68.68
N LEU A 834 16.92 -18.29 67.56
CA LEU A 834 16.06 -18.94 66.59
C LEU A 834 16.74 -20.10 65.89
N GLU A 835 18.07 -20.22 66.00
CA GLU A 835 18.74 -21.40 65.50
C GLU A 835 18.35 -22.63 66.29
N LYS A 836 18.17 -22.49 67.61
CA LYS A 836 17.90 -23.64 68.46
C LYS A 836 16.53 -24.24 68.16
N LYS A 837 15.47 -23.47 68.38
CA LYS A 837 14.12 -23.98 68.25
C LYS A 837 13.75 -24.12 66.77
N GLN A 838 14.41 -25.09 66.12
CA GLN A 838 14.08 -25.40 64.74
C GLN A 838 12.84 -26.30 64.68
N LYS A 839 12.93 -27.49 65.26
CA LYS A 839 11.79 -28.40 65.26
C LYS A 839 10.71 -27.96 66.24
N GLU A 840 11.10 -27.36 67.36
CA GLU A 840 10.12 -26.99 68.37
C GLU A 840 9.19 -25.90 67.88
N LEU A 841 9.69 -24.94 67.10
CA LEU A 841 8.87 -23.87 66.56
C LEU A 841 8.21 -24.22 65.24
N GLY A 842 8.82 -25.07 64.43
CA GLY A 842 8.31 -25.41 63.13
C GLY A 842 9.02 -24.74 61.97
N ILE A 843 10.13 -24.08 62.20
CA ILE A 843 10.88 -23.38 61.17
C ILE A 843 11.84 -24.36 60.51
N ALA A 844 12.01 -24.24 59.20
CA ALA A 844 13.04 -24.97 58.48
C ALA A 844 13.69 -24.05 57.46
N SER A 845 14.99 -23.79 57.63
CA SER A 845 15.78 -23.07 56.63
C SER A 845 15.28 -21.65 56.43
N PHE A 846 15.61 -20.79 57.39
CA PHE A 846 15.41 -19.36 57.26
C PHE A 846 16.60 -18.69 56.58
N GLY A 847 16.49 -17.39 56.32
CA GLY A 847 17.55 -16.63 55.68
C GLY A 847 17.24 -15.15 55.73
N ALA A 848 18.19 -14.34 55.24
CA ALA A 848 18.02 -12.90 55.30
C ALA A 848 18.75 -12.24 54.14
N SER A 849 18.33 -11.01 53.84
CA SER A 849 18.90 -10.25 52.73
C SER A 849 18.54 -8.79 52.94
N ILE A 850 19.14 -7.92 52.15
CA ILE A 850 18.98 -6.48 52.33
C ILE A 850 18.04 -5.96 51.26
N THR A 851 17.66 -4.70 51.38
CA THR A 851 16.63 -4.13 50.52
C THR A 851 17.06 -4.16 49.06
N THR A 852 16.08 -4.04 48.20
CA THR A 852 16.30 -4.01 46.77
C THR A 852 16.39 -2.58 46.28
N MET A 853 16.75 -2.41 45.01
CA MET A 853 16.81 -1.07 44.45
C MET A 853 15.45 -0.60 43.94
N GLU A 854 14.51 -1.52 43.70
CA GLU A 854 13.18 -1.08 43.34
C GLU A 854 12.54 -0.28 44.47
N GLU A 855 12.75 -0.70 45.71
CA GLU A 855 12.19 0.04 46.83
C GLU A 855 12.76 1.44 46.90
N VAL A 856 14.07 1.58 46.73
CA VAL A 856 14.70 2.90 46.75
C VAL A 856 14.12 3.79 45.67
N PHE A 857 14.00 3.25 44.45
CA PHE A 857 13.48 4.03 43.34
C PHE A 857 12.03 4.42 43.59
N LEU A 858 11.23 3.51 44.11
CA LEU A 858 9.82 3.81 44.34
C LEU A 858 9.62 4.80 45.47
N ARG A 859 10.54 4.83 46.43
CA ARG A 859 10.42 5.75 47.55
C ARG A 859 10.90 7.15 47.23
N VAL A 860 11.98 7.27 46.46
CA VAL A 860 12.46 8.59 46.09
C VAL A 860 11.37 9.38 45.38
N GLY A 861 10.72 8.76 44.42
CA GLY A 861 9.66 9.44 43.71
C GLY A 861 8.39 9.61 44.48
N LYS A 862 8.16 8.80 45.51
CA LYS A 862 6.99 8.99 46.35
C LYS A 862 7.15 10.18 47.27
N LEU A 863 8.37 10.46 47.74
CA LEU A 863 8.55 11.64 48.58
C LEU A 863 8.35 12.95 47.83
N VAL A 864 8.55 12.98 46.52
CA VAL A 864 8.61 14.25 45.80
C VAL A 864 7.63 14.19 44.62
N ASP A 865 6.51 13.49 44.79
CA ASP A 865 5.51 13.46 43.74
C ASP A 865 4.13 13.27 44.33
N SER A 866 3.12 13.65 43.56
CA SER A 866 1.73 13.67 44.03
C SER A 866 0.76 13.13 43.00
N SER A 867 1.22 12.37 42.01
CA SER A 867 0.31 11.84 41.01
C SER A 867 -0.61 10.78 41.63
N MET A 868 -1.57 10.34 40.84
CA MET A 868 -2.51 9.34 41.32
C MET A 868 -1.86 7.98 41.47
N ASP A 869 -0.93 7.63 40.56
CA ASP A 869 -0.37 6.29 40.56
C ASP A 869 0.71 6.13 41.62
N ILE A 870 1.70 7.03 41.65
CA ILE A 870 2.80 6.87 42.58
C ILE A 870 2.32 6.92 44.01
N GLN A 871 1.16 7.52 44.26
CA GLN A 871 0.60 7.58 45.59
C GLN A 871 -0.16 6.31 45.98
N ALA A 872 -0.27 5.33 45.07
CA ALA A 872 -0.96 4.09 45.37
C ALA A 872 -0.04 3.02 45.94
N ILE A 873 1.22 3.02 45.54
CA ILE A 873 2.16 2.00 46.01
C ILE A 873 2.37 2.10 47.50
N GLN A 874 2.46 0.95 48.16
CA GLN A 874 2.78 0.87 49.58
C GLN A 874 4.16 0.22 49.75
N LEU A 875 4.95 0.77 50.65
CA LEU A 875 6.28 0.28 50.97
C LEU A 875 6.38 0.15 52.47
N PRO A 876 7.38 -0.58 52.96
CA PRO A 876 7.63 -0.60 54.41
C PRO A 876 7.84 0.81 54.94
N ALA A 877 7.29 1.07 56.12
CA ALA A 877 7.23 2.44 56.63
C ALA A 877 8.56 2.88 57.23
N LEU A 878 8.84 4.18 57.08
CA LEU A 878 10.04 4.82 57.61
C LEU A 878 11.30 4.18 57.07
N VAL A 916 -21.34 -17.75 39.08
CA VAL A 916 -22.29 -17.67 37.98
C VAL A 916 -22.11 -18.91 37.13
N LYS A 917 -23.17 -19.33 36.45
CA LYS A 917 -23.13 -20.50 35.59
C LYS A 917 -22.96 -20.08 34.14
N LEU A 918 -21.95 -20.61 33.48
CA LEU A 918 -21.66 -20.24 32.11
C LEU A 918 -22.68 -20.86 31.16
N ASN A 919 -23.01 -20.12 30.10
CA ASN A 919 -23.94 -20.60 29.10
C ASN A 919 -23.35 -21.78 28.36
N THR A 920 -24.22 -22.58 27.74
CA THR A 920 -23.76 -23.73 26.97
C THR A 920 -24.90 -24.17 26.06
N GLY A 921 -24.54 -24.88 25.00
CA GLY A 921 -25.52 -25.48 24.12
C GLY A 921 -25.93 -24.60 22.96
N LEU A 922 -27.09 -23.97 23.08
CA LEU A 922 -27.57 -23.08 22.03
C LEU A 922 -27.28 -21.61 22.34
N ALA A 923 -27.47 -21.20 23.58
CA ALA A 923 -27.20 -19.81 23.93
C ALA A 923 -25.74 -19.47 23.73
N LEU A 924 -24.84 -20.41 24.03
CA LEU A 924 -23.43 -20.13 23.83
C LEU A 924 -23.11 -19.90 22.35
N HIS A 925 -23.57 -20.79 21.47
CA HIS A 925 -23.27 -20.61 20.06
C HIS A 925 -23.93 -19.36 19.48
N CYS A 926 -25.17 -19.08 19.85
CA CYS A 926 -25.83 -17.87 19.39
C CYS A 926 -25.26 -16.61 20.02
N GLN A 927 -24.45 -16.75 21.06
CA GLN A 927 -23.82 -15.59 21.67
C GLN A 927 -22.46 -15.31 21.05
N GLN A 928 -21.73 -16.38 20.73
CA GLN A 928 -20.51 -16.24 19.96
C GLN A 928 -20.79 -15.69 18.57
N PHE A 929 -21.88 -16.10 17.93
CA PHE A 929 -22.20 -15.56 16.61
C PHE A 929 -22.38 -14.05 16.66
N TRP A 930 -23.14 -13.54 17.63
CA TRP A 930 -23.31 -12.10 17.75
C TRP A 930 -22.00 -11.41 18.05
N ALA A 931 -21.19 -12.00 18.94
CA ALA A 931 -19.91 -11.40 19.29
C ALA A 931 -18.98 -11.28 18.10
N MET A 932 -18.97 -12.29 17.23
CA MET A 932 -18.12 -12.25 16.06
C MET A 932 -18.71 -11.43 14.91
N PHE A 933 -20.03 -11.23 14.89
CA PHE A 933 -20.66 -10.39 13.87
C PHE A 933 -20.41 -8.93 14.13
N LEU A 934 -20.48 -8.52 15.39
CA LEU A 934 -20.24 -7.12 15.71
C LEU A 934 -18.79 -6.73 15.44
N LYS A 935 -17.85 -7.64 15.66
CA LYS A 935 -16.44 -7.33 15.45
C LYS A 935 -16.18 -7.02 14.00
N LYS A 936 -16.77 -7.79 13.09
CA LYS A 936 -16.58 -7.55 11.67
C LYS A 936 -17.36 -6.33 11.21
N ALA A 937 -18.56 -6.13 11.76
CA ALA A 937 -19.36 -4.98 11.36
C ALA A 937 -18.70 -3.67 11.73
N ALA A 938 -18.20 -3.55 12.97
CA ALA A 938 -17.69 -2.28 13.46
C ALA A 938 -16.40 -1.85 12.79
N TYR A 939 -15.95 -2.55 11.77
CA TYR A 939 -14.75 -2.15 11.07
C TYR A 939 -15.03 -1.32 9.85
N SER A 940 -16.25 -1.39 9.34
CA SER A 940 -16.59 -0.65 8.14
C SER A 940 -16.92 0.80 8.40
N TRP A 941 -17.16 1.18 9.65
CA TRP A 941 -17.42 2.57 9.94
C TRP A 941 -16.42 3.19 10.93
N ARG A 942 -15.48 2.42 11.45
CA ARG A 942 -14.34 2.98 12.14
C ARG A 942 -13.09 2.97 11.29
N GLU A 943 -13.17 2.49 10.06
CA GLU A 943 -12.14 2.68 9.06
C GLU A 943 -12.90 2.87 7.76
N TRP A 944 -13.15 4.13 7.42
CA TRP A 944 -14.06 4.49 6.34
C TRP A 944 -13.37 4.55 4.97
N LYS A 945 -12.10 4.22 4.92
CA LYS A 945 -11.45 3.96 3.64
C LYS A 945 -12.07 2.80 2.91
N MET A 946 -12.76 1.88 3.58
CA MET A 946 -13.42 0.78 2.90
C MET A 946 -14.85 1.07 2.49
N VAL A 947 -15.51 2.03 3.10
CA VAL A 947 -16.80 2.47 2.60
C VAL A 947 -16.64 3.41 1.42
N ALA A 948 -15.75 4.39 1.50
CA ALA A 948 -15.50 5.22 0.34
C ALA A 948 -14.71 4.51 -0.75
N ALA A 949 -14.57 3.20 -0.68
CA ALA A 949 -13.92 2.44 -1.75
C ALA A 949 -14.70 1.18 -2.08
N GLN A 950 -15.78 0.90 -1.36
CA GLN A 950 -16.77 -0.07 -1.79
C GLN A 950 -17.98 0.57 -2.43
N VAL A 951 -18.30 1.82 -2.10
CA VAL A 951 -19.46 2.47 -2.71
C VAL A 951 -19.08 3.47 -3.79
N LEU A 952 -17.91 4.09 -3.72
CA LEU A 952 -17.58 5.18 -4.63
C LEU A 952 -16.70 4.76 -5.80
N VAL A 953 -15.96 3.66 -5.71
CA VAL A 953 -15.12 3.27 -6.83
C VAL A 953 -15.95 2.58 -7.91
N PRO A 954 -16.80 1.61 -7.59
CA PRO A 954 -17.63 1.04 -8.65
C PRO A 954 -18.51 2.04 -9.37
N LEU A 955 -19.09 3.00 -8.65
CA LEU A 955 -20.00 3.94 -9.26
C LEU A 955 -19.29 4.78 -10.31
N THR A 956 -18.14 5.38 -9.96
CA THR A 956 -17.43 6.16 -10.95
C THR A 956 -16.91 5.28 -12.07
N CYS A 957 -16.32 4.14 -11.73
CA CYS A 957 -15.75 3.29 -12.78
C CYS A 957 -16.81 2.88 -13.79
N VAL A 958 -18.08 2.84 -13.36
CA VAL A 958 -19.12 2.47 -14.31
C VAL A 958 -19.74 3.66 -15.03
N THR A 959 -19.94 4.80 -14.37
CA THR A 959 -20.56 5.93 -15.05
C THR A 959 -19.58 6.68 -15.96
N LEU A 960 -18.38 6.96 -15.46
CA LEU A 960 -17.42 7.74 -16.22
C LEU A 960 -16.99 7.03 -17.48
N ALA A 961 -17.15 5.72 -17.53
CA ALA A 961 -16.77 4.99 -18.73
C ALA A 961 -17.96 4.47 -19.52
N LEU A 962 -19.19 4.69 -19.04
CA LEU A 962 -20.32 4.69 -19.96
C LEU A 962 -20.38 6.00 -20.72
N LEU A 963 -19.96 7.10 -20.08
CA LEU A 963 -19.93 8.38 -20.79
C LEU A 963 -18.96 8.35 -21.95
N ALA A 964 -17.74 7.87 -21.72
CA ALA A 964 -16.72 7.85 -22.75
C ALA A 964 -17.09 6.94 -23.92
N ILE A 965 -17.98 5.99 -23.72
CA ILE A 965 -18.54 5.22 -24.82
C ILE A 965 -19.63 6.01 -25.55
N ASN A 966 -20.22 7.02 -24.92
CA ASN A 966 -21.44 7.65 -25.40
C ASN A 966 -22.48 6.57 -25.67
N TYR A 967 -22.91 5.91 -24.61
CA TYR A 967 -23.97 4.93 -24.76
C TYR A 967 -25.22 5.64 -25.26
N SER A 968 -25.86 5.03 -26.25
CA SER A 968 -26.90 5.71 -27.01
C SER A 968 -28.33 5.24 -26.70
N SER A 969 -28.61 3.97 -26.98
CA SER A 969 -29.94 3.37 -26.91
C SER A 969 -30.95 4.02 -27.86
N GLU A 970 -30.52 4.93 -28.71
CA GLU A 970 -31.40 5.64 -29.64
C GLU A 970 -30.60 6.01 -30.86
N LEU A 971 -31.31 6.26 -31.96
CA LEU A 971 -30.67 6.59 -33.23
C LEU A 971 -31.32 7.83 -33.83
N PHE A 972 -30.51 8.67 -34.43
CA PHE A 972 -30.99 9.89 -35.05
C PHE A 972 -30.97 9.74 -36.58
N ASP A 973 -31.24 10.83 -37.30
CA ASP A 973 -31.59 10.74 -38.71
C ASP A 973 -30.77 11.70 -39.55
N ASP A 974 -29.46 11.79 -39.31
CA ASP A 974 -28.56 12.51 -40.21
C ASP A 974 -28.96 13.96 -40.47
N PRO A 975 -28.56 14.86 -39.61
CA PRO A 975 -29.09 16.23 -39.67
C PRO A 975 -28.69 17.03 -40.90
N MET A 976 -29.08 18.31 -40.94
CA MET A 976 -28.68 19.22 -42.00
C MET A 976 -27.19 19.14 -42.27
N LEU A 977 -26.78 19.58 -43.45
CA LEU A 977 -25.40 19.97 -43.69
C LEU A 977 -25.40 20.93 -44.87
N ARG A 978 -25.22 22.21 -44.57
CA ARG A 978 -25.35 23.26 -45.56
C ARG A 978 -24.13 23.25 -46.47
N LEU A 979 -24.33 22.97 -47.75
CA LEU A 979 -23.23 22.84 -48.71
C LEU A 979 -22.81 24.21 -49.19
N THR A 980 -21.98 24.87 -48.39
CA THR A 980 -21.43 26.17 -48.75
C THR A 980 -20.14 26.36 -48.00
N LEU A 981 -19.10 26.79 -48.70
CA LEU A 981 -17.81 27.02 -48.08
C LEU A 981 -17.97 27.98 -46.91
N GLY A 982 -17.41 27.59 -45.76
CA GLY A 982 -17.58 28.38 -44.57
C GLY A 982 -17.83 27.57 -43.32
N GLU A 983 -18.47 26.40 -43.45
CA GLU A 983 -18.52 25.50 -42.31
C GLU A 983 -17.13 24.99 -41.95
N TYR A 984 -16.22 24.95 -42.91
CA TYR A 984 -14.84 24.56 -42.63
C TYR A 984 -14.11 25.66 -41.86
N GLY A 985 -14.03 26.84 -42.44
CA GLY A 985 -13.32 27.97 -41.90
C GLY A 985 -12.75 28.78 -43.03
N ARG A 986 -11.85 29.70 -42.70
CA ARG A 986 -11.18 30.49 -43.72
C ARG A 986 -10.33 29.58 -44.58
N THR A 987 -10.75 29.38 -45.82
CA THR A 987 -10.01 28.54 -46.76
C THR A 987 -9.11 29.43 -47.61
N VAL A 988 -8.48 28.82 -48.61
CA VAL A 988 -7.76 29.56 -49.64
C VAL A 988 -8.02 28.84 -50.97
N VAL A 989 -8.60 29.57 -51.92
CA VAL A 989 -9.10 28.98 -53.17
C VAL A 989 -8.24 29.50 -54.32
N PRO A 990 -7.48 28.64 -54.98
CA PRO A 990 -6.77 29.05 -56.20
C PRO A 990 -7.67 29.04 -57.42
N PHE A 991 -7.22 29.73 -58.46
CA PHE A 991 -7.90 29.68 -59.76
C PHE A 991 -6.96 30.17 -60.83
N SER A 992 -6.95 29.50 -61.96
CA SER A 992 -6.11 29.87 -63.08
C SER A 992 -6.96 30.40 -64.22
N VAL A 993 -6.31 31.01 -65.20
CA VAL A 993 -6.97 31.49 -66.40
C VAL A 993 -6.14 31.10 -67.62
N PRO A 994 -6.02 29.81 -67.93
CA PRO A 994 -5.13 29.40 -69.03
C PRO A 994 -5.76 29.65 -70.39
N GLY A 995 -6.36 30.83 -70.55
CA GLY A 995 -7.13 31.13 -71.74
C GLY A 995 -6.43 32.11 -72.66
N THR A 996 -7.05 32.33 -73.82
CA THR A 996 -6.54 33.25 -74.82
C THR A 996 -7.66 34.17 -75.28
N SER A 997 -8.89 33.77 -75.02
CA SER A 997 -10.10 34.45 -75.48
C SER A 997 -10.94 34.87 -74.28
N GLN A 998 -12.16 35.33 -74.54
CA GLN A 998 -13.03 35.91 -73.52
C GLN A 998 -13.71 34.77 -72.76
N LEU A 999 -14.69 35.11 -71.91
CA LEU A 999 -15.41 34.17 -71.05
C LEU A 999 -14.53 33.71 -69.88
N GLY A 1000 -13.39 34.35 -69.73
CA GLY A 1000 -12.55 34.04 -68.58
C GLY A 1000 -12.30 35.20 -67.65
N GLN A 1001 -12.16 36.40 -68.20
CA GLN A 1001 -11.73 37.52 -67.38
C GLN A 1001 -12.85 37.97 -66.45
N GLN A 1002 -14.04 38.12 -67.00
CA GLN A 1002 -15.22 38.53 -66.25
C GLN A 1002 -15.51 37.48 -65.18
N LEU A 1003 -15.38 36.21 -65.54
CA LEU A 1003 -15.63 35.14 -64.59
C LEU A 1003 -14.63 35.18 -63.45
N SER A 1004 -13.35 35.40 -63.76
CA SER A 1004 -12.34 35.49 -62.71
C SER A 1004 -12.60 36.68 -61.80
N GLU A 1005 -13.00 37.81 -62.37
CA GLU A 1005 -13.31 38.98 -61.54
C GLU A 1005 -14.50 38.72 -60.62
N HIS A 1006 -15.55 38.09 -61.16
CA HIS A 1006 -16.69 37.73 -60.33
C HIS A 1006 -16.28 36.77 -59.22
N LEU A 1007 -15.40 35.82 -59.55
CA LEU A 1007 -14.90 34.90 -58.53
C LEU A 1007 -14.15 35.66 -57.45
N LYS A 1008 -13.30 36.61 -57.85
CA LYS A 1008 -12.59 37.43 -56.88
C LYS A 1008 -13.54 38.24 -56.02
N ASP A 1009 -14.72 38.56 -56.54
CA ASP A 1009 -15.75 39.24 -55.75
C ASP A 1009 -16.47 38.31 -54.80
N ALA A 1010 -15.95 37.09 -54.57
CA ALA A 1010 -16.60 36.15 -53.66
C ALA A 1010 -16.66 36.72 -52.24
N LEU A 1011 -15.51 37.15 -51.74
CA LEU A 1011 -15.43 37.71 -50.40
C LEU A 1011 -16.29 36.96 -49.40
N GLN A 1012 -16.27 35.63 -49.51
CA GLN A 1012 -17.05 34.78 -48.61
C GLN A 1012 -16.14 34.17 -47.55
N ALA A 1013 -15.22 33.31 -47.99
CA ALA A 1013 -14.28 32.66 -47.08
C ALA A 1013 -12.89 33.26 -47.23
N GLU A 1014 -12.08 32.64 -48.09
CA GLU A 1014 -10.72 33.10 -48.33
C GLU A 1014 -10.69 34.15 -49.43
N GLY A 1015 -9.49 34.58 -49.79
CA GLY A 1015 -9.32 35.59 -50.83
C GLY A 1015 -9.52 35.02 -52.22
N GLN A 1016 -8.42 34.58 -52.83
CA GLN A 1016 -8.46 34.01 -54.17
C GLN A 1016 -7.22 33.18 -54.44
N GLU A 1017 -6.07 33.71 -54.02
CA GLU A 1017 -4.78 33.04 -54.19
C GLU A 1017 -4.56 32.55 -55.62
N PRO A 1018 -4.73 33.45 -56.59
CA PRO A 1018 -4.56 33.12 -58.02
C PRO A 1018 -3.19 32.54 -58.33
N ARG A 1019 -3.16 31.57 -59.23
CA ARG A 1019 -1.90 30.93 -59.63
C ARG A 1019 -1.71 31.02 -61.13
N GLU A 1020 -0.93 30.10 -61.68
CA GLU A 1020 -0.65 30.08 -63.11
C GLU A 1020 -0.17 28.71 -63.57
N LEU A 1025 -1.73 24.67 -62.67
CA LEU A 1025 -2.94 24.19 -62.03
C LEU A 1025 -2.80 22.74 -61.61
N GLU A 1026 -2.88 21.83 -62.60
CA GLU A 1026 -2.76 20.41 -62.31
C GLU A 1026 -1.42 20.08 -61.68
N GLU A 1027 -0.34 20.64 -62.21
CA GLU A 1027 1.00 20.47 -61.66
C GLU A 1027 1.26 21.38 -60.48
N PHE A 1028 0.64 22.55 -60.46
CA PHE A 1028 0.79 23.46 -59.33
C PHE A 1028 0.28 22.81 -58.06
N LEU A 1029 -0.85 22.13 -58.14
CA LEU A 1029 -1.37 21.42 -56.98
C LEU A 1029 -0.44 20.30 -56.54
N ILE A 1030 0.14 19.56 -57.49
CA ILE A 1030 1.04 18.47 -57.11
C ILE A 1030 2.24 19.00 -56.36
N PHE A 1031 2.85 20.07 -56.87
CA PHE A 1031 3.97 20.65 -56.13
C PHE A 1031 3.53 21.17 -54.78
N ARG A 1032 2.41 21.91 -54.74
CA ARG A 1032 1.99 22.51 -53.49
C ARG A 1032 1.68 21.46 -52.44
N ALA A 1033 1.20 20.28 -52.85
CA ALA A 1033 0.80 19.26 -51.88
C ALA A 1033 1.96 18.39 -51.41
N SER A 1034 3.09 19.02 -51.15
CA SER A 1034 4.27 18.30 -50.68
C SER A 1034 5.04 19.14 -49.67
N VAL A 1035 4.81 20.44 -49.75
CA VAL A 1035 5.47 21.39 -48.84
C VAL A 1035 4.46 21.93 -47.82
N GLU A 1036 3.19 21.74 -48.12
CA GLU A 1036 2.12 22.21 -47.24
C GLU A 1036 1.81 21.18 -46.16
N GLY A 1037 1.71 19.91 -46.58
CA GLY A 1037 1.42 18.83 -45.65
C GLY A 1037 -0.05 18.77 -45.26
N GLY A 1038 -0.31 18.99 -43.97
CA GLY A 1038 -1.67 18.96 -43.45
C GLY A 1038 -2.43 20.25 -43.70
N GLY A 1039 -1.71 21.30 -44.10
CA GLY A 1039 -2.33 22.58 -44.36
C GLY A 1039 -3.15 22.56 -45.64
N PHE A 1040 -2.73 21.72 -46.58
CA PHE A 1040 -3.42 21.59 -47.85
C PHE A 1040 -4.80 20.98 -47.67
N ASN A 1041 -4.91 20.06 -46.72
CA ASN A 1041 -6.18 19.40 -46.44
C ASN A 1041 -6.88 20.03 -45.25
N GLU A 1042 -6.88 21.36 -45.22
CA GLU A 1042 -7.52 22.11 -44.13
C GLU A 1042 -7.79 23.55 -44.55
N ARG A 1043 -7.15 23.97 -45.63
CA ARG A 1043 -7.32 25.33 -46.15
C ARG A 1043 -7.60 25.36 -47.65
N CYS A 1044 -7.60 24.22 -48.34
CA CYS A 1044 -7.82 24.25 -49.78
C CYS A 1044 -8.67 23.04 -50.15
N LEU A 1045 -9.92 23.28 -50.54
CA LEU A 1045 -10.86 22.22 -50.86
C LEU A 1045 -11.38 22.27 -52.29
N VAL A 1046 -11.39 23.41 -52.95
CA VAL A 1046 -11.93 23.53 -54.30
C VAL A 1046 -10.90 24.20 -55.22
N ALA A 1047 -11.30 24.49 -56.46
CA ALA A 1047 -10.41 25.10 -57.43
C ALA A 1047 -11.26 25.70 -58.55
N ALA A 1048 -10.59 26.11 -59.64
CA ALA A 1048 -11.26 26.61 -60.83
C ALA A 1048 -10.23 26.71 -61.95
N SER A 1049 -10.66 26.41 -63.17
CA SER A 1049 -9.75 26.47 -64.31
C SER A 1049 -10.58 26.68 -65.58
N PHE A 1050 -10.53 27.90 -66.11
CA PHE A 1050 -11.30 28.27 -67.31
C PHE A 1050 -10.39 28.12 -68.53
N ARG A 1051 -10.52 26.99 -69.22
CA ARG A 1051 -9.69 26.64 -70.37
C ARG A 1051 -10.60 26.48 -71.58
N ASP A 1052 -10.68 27.51 -72.41
CA ASP A 1052 -11.57 27.47 -73.56
C ASP A 1052 -10.83 27.03 -74.82
N VAL A 1053 -11.42 26.08 -75.53
CA VAL A 1053 -10.87 25.63 -76.80
C VAL A 1053 -11.55 26.36 -77.95
N GLY A 1054 -11.37 27.67 -78.02
CA GLY A 1054 -11.98 28.48 -79.05
C GLY A 1054 -13.41 28.88 -78.73
N GLU A 1055 -14.37 28.22 -79.36
CA GLU A 1055 -15.78 28.50 -79.07
C GLU A 1055 -16.22 27.85 -77.77
N ARG A 1056 -16.06 26.53 -77.68
CA ARG A 1056 -16.39 25.80 -76.46
C ARG A 1056 -15.51 26.29 -75.31
N THR A 1057 -16.14 26.55 -74.17
CA THR A 1057 -15.48 27.10 -73.00
C THR A 1057 -15.78 26.19 -71.82
N VAL A 1058 -14.88 25.26 -71.54
CA VAL A 1058 -15.10 24.35 -70.42
C VAL A 1058 -14.62 25.03 -69.13
N VAL A 1059 -15.23 24.62 -68.02
CA VAL A 1059 -14.84 25.09 -66.70
C VAL A 1059 -14.64 23.88 -65.81
N ASN A 1060 -13.40 23.44 -65.65
CA ASN A 1060 -13.11 22.34 -64.75
C ASN A 1060 -13.17 22.81 -63.31
N ALA A 1061 -13.91 22.08 -62.48
CA ALA A 1061 -13.97 22.35 -61.04
C ALA A 1061 -13.35 21.15 -60.33
N LEU A 1062 -12.41 21.43 -59.43
CA LEU A 1062 -11.69 20.38 -58.73
C LEU A 1062 -12.13 20.33 -57.28
N PHE A 1063 -12.23 19.10 -56.75
CA PHE A 1063 -12.66 18.89 -55.37
C PHE A 1063 -11.63 18.04 -54.63
N ASN A 1064 -11.46 18.35 -53.35
CA ASN A 1064 -10.47 17.67 -52.52
C ASN A 1064 -11.09 16.43 -51.91
N ASN A 1065 -10.67 15.26 -52.38
CA ASN A 1065 -11.36 14.03 -52.00
C ASN A 1065 -11.21 13.73 -50.53
N GLN A 1066 -10.19 14.28 -49.86
CA GLN A 1066 -10.01 13.97 -48.44
C GLN A 1066 -11.20 14.42 -47.62
N ALA A 1067 -12.02 15.32 -48.16
CA ALA A 1067 -13.25 15.67 -47.51
C ALA A 1067 -14.40 14.84 -48.08
N TYR A 1068 -15.52 14.83 -47.36
CA TYR A 1068 -16.67 14.08 -47.84
C TYR A 1068 -17.50 14.89 -48.82
N HIS A 1069 -17.81 16.13 -48.49
CA HIS A 1069 -18.83 16.91 -49.18
C HIS A 1069 -18.22 17.98 -50.10
N SER A 1070 -17.10 17.69 -50.72
CA SER A 1070 -16.43 18.62 -51.61
C SER A 1070 -17.04 18.66 -53.02
N PRO A 1071 -17.37 17.50 -53.63
CA PRO A 1071 -17.84 17.52 -55.02
C PRO A 1071 -19.12 18.31 -55.20
N ALA A 1072 -19.83 18.57 -54.12
CA ALA A 1072 -21.03 19.39 -54.16
C ALA A 1072 -20.72 20.86 -53.93
N THR A 1073 -19.82 21.17 -52.98
CA THR A 1073 -19.46 22.55 -52.72
C THR A 1073 -18.81 23.19 -53.93
N ALA A 1074 -17.98 22.42 -54.64
CA ALA A 1074 -17.32 22.95 -55.83
C ALA A 1074 -18.35 23.44 -56.84
N LEU A 1075 -19.29 22.56 -57.20
CA LEU A 1075 -20.31 22.96 -58.15
C LEU A 1075 -21.17 24.08 -57.58
N ALA A 1076 -21.37 24.06 -56.26
CA ALA A 1076 -22.18 25.10 -55.64
C ALA A 1076 -21.62 26.47 -55.95
N VAL A 1077 -20.32 26.66 -55.67
CA VAL A 1077 -19.74 27.98 -55.90
C VAL A 1077 -19.67 28.29 -57.39
N VAL A 1078 -19.37 27.28 -58.21
CA VAL A 1078 -19.23 27.53 -59.64
C VAL A 1078 -20.54 28.04 -60.23
N ASP A 1079 -21.62 27.32 -59.96
CA ASP A 1079 -22.91 27.75 -60.52
C ASP A 1079 -23.45 28.97 -59.78
N ASN A 1080 -23.05 29.18 -58.53
CA ASN A 1080 -23.46 30.40 -57.83
C ASN A 1080 -22.93 31.64 -58.54
N LEU A 1081 -21.66 31.62 -58.94
CA LEU A 1081 -21.16 32.77 -59.68
C LEU A 1081 -21.65 32.81 -61.12
N LEU A 1082 -21.76 31.65 -61.77
CA LEU A 1082 -22.25 31.63 -63.15
C LEU A 1082 -23.70 32.06 -63.25
N PHE A 1083 -24.45 32.00 -62.15
CA PHE A 1083 -25.81 32.54 -62.12
C PHE A 1083 -25.82 34.04 -61.90
N LYS A 1084 -24.91 34.58 -61.09
CA LYS A 1084 -24.76 36.02 -60.99
C LYS A 1084 -24.27 36.65 -62.27
N LEU A 1085 -23.59 35.88 -63.13
CA LEU A 1085 -23.20 36.41 -64.43
C LEU A 1085 -24.40 37.05 -65.14
N LEU A 1086 -25.35 36.22 -65.55
CA LEU A 1086 -26.53 36.69 -66.28
C LEU A 1086 -27.67 37.00 -65.30
N CYS A 1087 -27.34 37.83 -64.34
CA CYS A 1087 -28.29 38.38 -63.38
C CYS A 1087 -27.63 39.58 -62.72
N GLY A 1088 -28.37 40.25 -61.85
CA GLY A 1088 -27.83 41.36 -61.09
C GLY A 1088 -27.17 40.88 -59.81
N PRO A 1089 -25.86 41.12 -59.68
CA PRO A 1089 -25.13 40.58 -58.53
C PRO A 1089 -25.60 41.14 -57.20
N HIS A 1090 -26.78 40.70 -56.78
CA HIS A 1090 -27.29 41.00 -55.44
C HIS A 1090 -27.98 39.76 -54.88
N ALA A 1091 -27.82 38.63 -55.57
CA ALA A 1091 -28.54 37.38 -55.30
C ALA A 1091 -27.64 36.37 -54.58
N SER A 1092 -28.14 35.14 -54.42
CA SER A 1092 -27.42 34.07 -53.75
C SER A 1092 -28.10 32.73 -54.02
N ILE A 1093 -27.33 31.64 -53.89
CA ILE A 1093 -27.81 30.27 -54.00
C ILE A 1093 -26.97 29.40 -53.07
N VAL A 1094 -27.61 28.76 -52.09
CA VAL A 1094 -26.97 27.76 -51.25
C VAL A 1094 -27.91 26.56 -51.21
N VAL A 1095 -27.38 25.38 -50.87
CA VAL A 1095 -28.38 24.32 -50.82
C VAL A 1095 -28.55 23.58 -49.49
N SER A 1096 -27.97 22.39 -49.35
CA SER A 1096 -28.10 21.54 -48.17
C SER A 1096 -27.73 20.11 -48.56
N ASN A 1097 -27.70 19.18 -47.62
CA ASN A 1097 -27.84 17.79 -48.05
C ASN A 1097 -29.04 17.10 -47.40
N PHE A 1098 -29.00 16.94 -46.09
CA PHE A 1098 -30.07 16.44 -45.23
C PHE A 1098 -30.82 15.23 -45.80
N PRO A 1099 -30.24 14.04 -45.76
CA PRO A 1099 -30.86 12.87 -46.40
C PRO A 1099 -32.22 12.55 -45.82
N GLN A 1100 -32.90 11.60 -46.46
CA GLN A 1100 -34.24 11.21 -46.05
C GLN A 1100 -34.23 10.49 -44.71
N PRO A 1101 -35.34 10.51 -44.00
CA PRO A 1101 -35.44 9.74 -42.76
C PRO A 1101 -35.55 8.26 -43.02
N ARG A 1102 -35.18 7.47 -42.02
CA ARG A 1102 -35.23 6.03 -42.13
C ARG A 1102 -36.67 5.56 -42.15
N SER A 1103 -36.90 4.41 -42.79
CA SER A 1103 -38.22 3.80 -42.75
C SER A 1103 -38.39 3.06 -41.45
N ALA A 1104 -39.48 2.31 -41.30
CA ALA A 1104 -39.64 1.46 -40.13
C ALA A 1104 -38.75 0.23 -40.18
N LEU A 1105 -38.58 -0.37 -41.35
CA LEU A 1105 -37.77 -1.59 -41.47
C LEU A 1105 -36.29 -1.30 -41.51
N GLN A 1106 -35.88 -0.05 -41.64
CA GLN A 1106 -34.45 0.27 -41.67
C GLN A 1106 -33.95 0.62 -40.29
N ALA A 1107 -34.76 1.32 -39.49
CA ALA A 1107 -34.36 1.60 -38.12
C ALA A 1107 -34.23 0.32 -37.31
N ALA A 1108 -35.16 -0.61 -37.49
CA ALA A 1108 -35.13 -1.87 -36.75
C ALA A 1108 -33.95 -2.74 -37.12
N LYS A 1109 -33.24 -2.43 -38.20
CA LYS A 1109 -32.04 -3.16 -38.58
C LYS A 1109 -30.78 -2.38 -38.30
N ASP A 1110 -30.85 -1.06 -38.32
CA ASP A 1110 -29.72 -0.24 -37.93
C ASP A 1110 -29.60 -0.11 -36.42
N GLN A 1111 -30.62 -0.53 -35.68
CA GLN A 1111 -30.55 -0.62 -34.24
C GLN A 1111 -30.06 -1.97 -33.76
N PHE A 1112 -30.25 -3.00 -34.56
CA PHE A 1112 -29.82 -4.35 -34.20
C PHE A 1112 -28.32 -4.53 -34.31
N ASN A 1113 -27.65 -3.74 -35.13
CA ASN A 1113 -26.19 -3.86 -35.29
C ASN A 1113 -25.42 -3.05 -34.26
N GLU A 1114 -25.99 -2.87 -33.07
CA GLU A 1114 -25.23 -2.37 -31.94
C GLU A 1114 -24.78 -3.52 -31.06
N GLY A 1115 -23.97 -4.41 -31.62
CA GLY A 1115 -23.33 -5.48 -30.89
C GLY A 1115 -22.06 -5.09 -30.19
N ARG A 1116 -21.60 -3.86 -30.44
CA ARG A 1116 -20.40 -3.38 -29.79
C ARG A 1116 -20.76 -2.73 -28.45
N LYS A 1117 -21.89 -3.12 -27.88
CA LYS A 1117 -22.31 -2.57 -26.60
C LYS A 1117 -22.29 -3.58 -25.48
N GLY A 1118 -22.68 -4.83 -25.72
CA GLY A 1118 -22.59 -5.84 -24.68
C GLY A 1118 -21.16 -6.13 -24.29
N PHE A 1119 -20.28 -6.32 -25.28
CA PHE A 1119 -18.88 -6.55 -25.03
C PHE A 1119 -18.19 -5.34 -24.45
N ASP A 1120 -18.72 -4.14 -24.66
CA ASP A 1120 -18.09 -2.96 -24.11
C ASP A 1120 -18.62 -2.59 -22.74
N ILE A 1121 -19.83 -3.05 -22.39
CA ILE A 1121 -20.39 -2.81 -21.07
C ILE A 1121 -20.07 -3.95 -20.10
N ALA A 1122 -19.67 -5.11 -20.59
CA ALA A 1122 -19.15 -6.16 -19.74
C ALA A 1122 -17.73 -5.89 -19.28
N LEU A 1123 -16.84 -5.44 -20.16
CA LEU A 1123 -15.49 -5.10 -19.74
C LEU A 1123 -15.47 -3.92 -18.79
N ASN A 1124 -16.42 -3.03 -18.91
CA ASN A 1124 -16.48 -1.84 -18.07
C ASN A 1124 -16.92 -2.15 -16.66
N LEU A 1125 -17.66 -3.25 -16.48
CA LEU A 1125 -18.17 -3.72 -15.20
C LEU A 1125 -17.25 -4.76 -14.56
N LEU A 1126 -16.62 -5.62 -15.36
CA LEU A 1126 -15.62 -6.53 -14.85
C LEU A 1126 -14.41 -5.81 -14.30
N PHE A 1127 -14.22 -4.56 -14.64
CA PHE A 1127 -13.09 -3.76 -14.18
C PHE A 1127 -13.42 -2.97 -12.92
N ALA A 1128 -14.70 -2.78 -12.63
CA ALA A 1128 -15.12 -2.16 -11.39
C ALA A 1128 -15.52 -3.19 -10.34
N MET A 1129 -15.71 -4.44 -10.72
CA MET A 1129 -15.92 -5.51 -9.76
C MET A 1129 -14.62 -6.15 -9.33
N ALA A 1130 -13.47 -5.63 -9.75
CA ALA A 1130 -12.19 -6.10 -9.29
C ALA A 1130 -11.54 -5.17 -8.27
N PHE A 1131 -12.04 -3.96 -8.15
CA PHE A 1131 -11.66 -3.06 -7.07
C PHE A 1131 -12.60 -3.18 -5.89
N LEU A 1132 -13.57 -4.08 -5.98
CA LEU A 1132 -14.52 -4.33 -4.91
C LEU A 1132 -14.41 -5.72 -4.33
N ALA A 1133 -14.15 -6.72 -5.16
CA ALA A 1133 -14.01 -8.06 -4.63
C ALA A 1133 -12.79 -8.22 -3.74
N SER A 1134 -11.80 -7.35 -3.87
CA SER A 1134 -10.58 -7.47 -3.09
C SER A 1134 -10.67 -6.86 -1.71
N THR A 1135 -11.65 -6.02 -1.45
CA THR A 1135 -11.69 -5.41 -0.13
C THR A 1135 -12.19 -6.35 0.94
N PHE A 1136 -12.51 -7.58 0.60
CA PHE A 1136 -13.01 -8.50 1.62
C PHE A 1136 -11.90 -9.22 2.35
N SER A 1137 -10.73 -9.35 1.72
CA SER A 1137 -9.57 -9.92 2.37
C SER A 1137 -8.64 -8.81 2.87
N ILE A 1138 -9.12 -8.02 3.82
CA ILE A 1138 -8.26 -7.05 4.49
C ILE A 1138 -8.35 -7.23 5.99
N LEU A 1139 -9.56 -7.27 6.53
CA LEU A 1139 -9.65 -7.60 7.94
C LEU A 1139 -9.16 -9.01 8.19
N ALA A 1140 -9.45 -9.93 7.28
CA ALA A 1140 -9.03 -11.32 7.45
C ALA A 1140 -7.52 -11.48 7.37
N VAL A 1141 -6.80 -10.54 6.77
CA VAL A 1141 -5.35 -10.58 6.70
C VAL A 1141 -4.72 -9.85 7.88
N SER A 1142 -5.22 -8.67 8.21
CA SER A 1142 -4.64 -7.89 9.27
C SER A 1142 -5.04 -8.36 10.65
N GLU A 1143 -6.00 -9.28 10.75
CA GLU A 1143 -6.29 -9.89 12.03
C GLU A 1143 -5.46 -11.15 12.26
N ARG A 1144 -5.15 -11.89 11.22
CA ARG A 1144 -4.27 -13.03 11.33
C ARG A 1144 -2.80 -12.62 11.41
N ALA A 1145 -2.42 -11.47 10.85
CA ALA A 1145 -1.04 -11.04 10.94
C ALA A 1145 -0.69 -10.50 12.31
N VAL A 1146 -1.61 -9.82 13.00
CA VAL A 1146 -1.33 -9.32 14.34
C VAL A 1146 -1.50 -10.39 15.39
N GLN A 1147 -1.82 -11.62 14.99
CA GLN A 1147 -2.01 -12.77 15.87
C GLN A 1147 -3.30 -12.68 16.68
N ALA A 1148 -4.26 -11.87 16.27
CA ALA A 1148 -5.49 -11.72 17.03
C ALA A 1148 -6.43 -12.89 16.84
N LYS A 1149 -6.25 -13.66 15.78
CA LYS A 1149 -7.10 -14.82 15.55
C LYS A 1149 -6.70 -15.99 16.41
N HIS A 1150 -5.41 -16.13 16.67
CA HIS A 1150 -4.91 -17.24 17.46
C HIS A 1150 -5.45 -17.18 18.88
N VAL A 1151 -5.47 -16.01 19.49
CA VAL A 1151 -6.00 -15.89 20.84
C VAL A 1151 -7.49 -16.18 20.88
N GLN A 1152 -8.25 -15.72 19.89
CA GLN A 1152 -9.68 -16.00 19.87
C GLN A 1152 -9.97 -17.47 19.74
N PHE A 1153 -9.23 -18.17 18.87
CA PHE A 1153 -9.46 -19.60 18.75
C PHE A 1153 -8.99 -20.35 19.97
N VAL A 1154 -7.98 -19.85 20.67
CA VAL A 1154 -7.62 -20.44 21.95
C VAL A 1154 -8.75 -20.30 22.96
N SER A 1155 -9.39 -19.14 23.02
CA SER A 1155 -10.46 -18.91 23.98
C SER A 1155 -11.75 -19.66 23.68
N GLY A 1156 -11.85 -20.31 22.54
CA GLY A 1156 -12.92 -21.24 22.28
C GLY A 1156 -13.96 -20.86 21.25
N VAL A 1157 -13.66 -19.96 20.33
CA VAL A 1157 -14.63 -19.63 19.31
C VAL A 1157 -14.75 -20.80 18.35
N HIS A 1158 -15.94 -21.00 17.80
CA HIS A 1158 -16.20 -22.13 16.93
C HIS A 1158 -15.82 -21.79 15.49
N VAL A 1159 -15.34 -22.80 14.77
CA VAL A 1159 -14.85 -22.57 13.42
C VAL A 1159 -15.97 -22.19 12.47
N ALA A 1160 -17.22 -22.42 12.86
CA ALA A 1160 -18.35 -22.00 12.04
C ALA A 1160 -18.82 -20.62 12.40
N SER A 1161 -18.93 -20.30 13.68
CA SER A 1161 -19.33 -18.96 14.08
C SER A 1161 -18.31 -17.92 13.67
N PHE A 1162 -17.07 -18.33 13.43
CA PHE A 1162 -16.06 -17.38 13.01
C PHE A 1162 -16.25 -16.96 11.56
N TRP A 1163 -16.56 -17.90 10.67
CA TRP A 1163 -16.59 -17.64 9.23
C TRP A 1163 -17.99 -17.37 8.69
N LEU A 1164 -19.01 -18.08 9.17
CA LEU A 1164 -20.36 -17.80 8.73
C LEU A 1164 -20.88 -16.49 9.28
N SER A 1165 -20.13 -15.84 10.16
CA SER A 1165 -20.48 -14.51 10.61
C SER A 1165 -19.76 -13.42 9.85
N ALA A 1166 -18.61 -13.72 9.28
CA ALA A 1166 -17.99 -12.84 8.30
C ALA A 1166 -18.69 -12.89 6.97
N LEU A 1167 -19.12 -14.05 6.52
CA LEU A 1167 -19.83 -14.16 5.26
C LEU A 1167 -21.18 -13.46 5.28
N LEU A 1168 -21.93 -13.52 6.37
CA LEU A 1168 -23.21 -12.83 6.41
C LEU A 1168 -23.03 -11.33 6.24
N TRP A 1169 -22.07 -10.75 6.93
CA TRP A 1169 -21.87 -9.32 6.77
C TRP A 1169 -21.26 -8.98 5.43
N ASP A 1170 -20.42 -9.84 4.88
CA ASP A 1170 -19.87 -9.48 3.59
C ASP A 1170 -20.89 -9.61 2.47
N LEU A 1171 -21.91 -10.41 2.64
CA LEU A 1171 -23.05 -10.37 1.73
C LEU A 1171 -23.93 -9.16 1.94
N ILE A 1172 -24.22 -8.78 3.18
CA ILE A 1172 -24.98 -7.56 3.45
C ILE A 1172 -24.26 -6.33 2.92
N SER A 1173 -22.94 -6.33 2.88
CA SER A 1173 -22.17 -5.22 2.35
C SER A 1173 -21.97 -5.32 0.85
N PHE A 1174 -22.60 -6.30 0.19
CA PHE A 1174 -22.59 -6.48 -1.25
C PHE A 1174 -23.96 -6.20 -1.85
N LEU A 1175 -24.75 -5.36 -1.23
CA LEU A 1175 -25.96 -4.87 -1.88
C LEU A 1175 -25.91 -3.38 -2.14
N ILE A 1176 -25.26 -2.61 -1.27
CA ILE A 1176 -25.20 -1.18 -1.47
C ILE A 1176 -24.63 -0.82 -2.83
N PRO A 1177 -23.49 -1.39 -3.28
CA PRO A 1177 -23.09 -1.17 -4.67
C PRO A 1177 -23.96 -1.92 -5.66
N SER A 1178 -24.33 -3.14 -5.32
CA SER A 1178 -25.16 -3.95 -6.20
C SER A 1178 -26.54 -3.37 -6.40
N LEU A 1179 -27.00 -2.49 -5.52
CA LEU A 1179 -28.24 -1.77 -5.72
C LEU A 1179 -28.04 -0.36 -6.23
N LEU A 1180 -26.87 0.21 -6.04
CA LEU A 1180 -26.60 1.51 -6.64
C LEU A 1180 -26.24 1.40 -8.11
N LEU A 1181 -25.95 0.20 -8.60
CA LEU A 1181 -25.76 0.05 -10.04
C LEU A 1181 -27.06 0.04 -10.83
N LEU A 1182 -28.15 -0.45 -10.24
CA LEU A 1182 -29.43 -0.39 -10.93
C LEU A 1182 -29.83 1.06 -11.18
N VAL A 1183 -29.57 1.95 -10.23
CA VAL A 1183 -29.87 3.35 -10.43
C VAL A 1183 -29.11 3.90 -11.63
N VAL A 1184 -27.84 3.52 -11.78
CA VAL A 1184 -27.06 4.05 -12.89
C VAL A 1184 -27.56 3.49 -14.22
N PHE A 1185 -27.74 2.17 -14.31
CA PHE A 1185 -28.27 1.53 -15.50
C PHE A 1185 -29.67 1.98 -15.85
N LYS A 1186 -30.43 2.50 -14.89
CA LYS A 1186 -31.74 3.09 -15.14
C LYS A 1186 -31.63 4.52 -15.63
N ALA A 1187 -30.72 5.31 -15.04
CA ALA A 1187 -30.55 6.68 -15.46
C ALA A 1187 -30.03 6.77 -16.89
N PHE A 1188 -29.05 5.94 -17.24
CA PHE A 1188 -28.57 5.95 -18.62
C PHE A 1188 -29.51 5.21 -19.57
N ASP A 1189 -30.50 4.51 -19.03
CA ASP A 1189 -31.45 3.71 -19.81
C ASP A 1189 -30.75 2.67 -20.66
N VAL A 1190 -30.16 1.68 -19.99
CA VAL A 1190 -29.66 0.50 -20.67
C VAL A 1190 -30.80 -0.51 -20.70
N ARG A 1191 -31.48 -0.61 -21.83
CA ARG A 1191 -32.77 -1.30 -21.85
C ARG A 1191 -32.66 -2.81 -21.77
N ALA A 1192 -31.50 -3.40 -22.07
CA ALA A 1192 -31.43 -4.86 -22.15
C ALA A 1192 -31.77 -5.49 -20.81
N PHE A 1193 -31.65 -4.71 -19.76
CA PHE A 1193 -31.98 -5.09 -18.40
C PHE A 1193 -32.51 -3.94 -17.55
N THR A 1194 -33.49 -3.22 -18.07
CA THR A 1194 -34.37 -2.35 -17.30
C THR A 1194 -35.85 -2.51 -17.65
N ARG A 1195 -36.19 -2.84 -18.90
CA ARG A 1195 -37.55 -2.67 -19.39
C ARG A 1195 -38.53 -3.65 -18.77
N ASP A 1196 -38.35 -4.94 -19.03
CA ASP A 1196 -39.27 -5.94 -18.50
C ASP A 1196 -38.94 -6.18 -17.03
N GLY A 1197 -39.33 -7.31 -16.48
CA GLY A 1197 -38.91 -7.60 -15.12
C GLY A 1197 -37.46 -8.01 -15.01
N HIS A 1198 -36.56 -7.25 -15.64
CA HIS A 1198 -35.14 -7.57 -15.68
C HIS A 1198 -34.34 -6.85 -14.60
N MET A 1199 -34.91 -5.82 -13.99
CA MET A 1199 -34.27 -5.23 -12.82
C MET A 1199 -34.09 -6.25 -11.72
N ALA A 1200 -34.92 -7.29 -11.68
CA ALA A 1200 -34.74 -8.41 -10.78
C ALA A 1200 -34.07 -9.59 -11.46
N ASP A 1201 -33.32 -9.31 -12.52
CA ASP A 1201 -32.48 -10.32 -13.15
C ASP A 1201 -31.03 -9.90 -13.28
N THR A 1202 -30.72 -8.61 -13.25
CA THR A 1202 -29.33 -8.26 -12.99
C THR A 1202 -28.98 -8.41 -11.53
N LEU A 1203 -29.92 -8.15 -10.63
CA LEU A 1203 -29.63 -8.24 -9.21
C LEU A 1203 -29.31 -9.68 -8.83
N LEU A 1204 -30.03 -10.64 -9.38
CA LEU A 1204 -29.69 -12.04 -9.12
C LEU A 1204 -28.30 -12.37 -9.64
N LEU A 1205 -27.95 -11.87 -10.83
CA LEU A 1205 -26.65 -12.15 -11.41
C LEU A 1205 -25.52 -11.50 -10.64
N LEU A 1206 -25.77 -10.43 -9.92
CA LEU A 1206 -24.75 -9.82 -9.08
C LEU A 1206 -24.65 -10.45 -7.70
N LEU A 1207 -25.78 -10.81 -7.09
CA LEU A 1207 -25.73 -11.57 -5.85
C LEU A 1207 -25.06 -12.92 -6.04
N LEU A 1208 -25.33 -13.62 -7.14
CA LEU A 1208 -24.71 -14.90 -7.40
C LEU A 1208 -23.21 -14.78 -7.64
N TYR A 1209 -22.72 -13.60 -7.96
CA TYR A 1209 -21.29 -13.39 -8.13
C TYR A 1209 -20.63 -13.05 -6.81
N GLY A 1210 -21.28 -12.21 -6.01
CA GLY A 1210 -20.78 -11.98 -4.67
C GLY A 1210 -20.67 -13.26 -3.87
N TRP A 1211 -21.69 -14.12 -3.97
CA TRP A 1211 -21.69 -15.37 -3.23
C TRP A 1211 -20.56 -16.29 -3.67
N ALA A 1212 -20.13 -16.20 -4.92
CA ALA A 1212 -19.11 -17.08 -5.45
C ALA A 1212 -17.71 -16.54 -5.31
N ILE A 1213 -17.53 -15.24 -5.13
CA ILE A 1213 -16.19 -14.70 -5.01
C ILE A 1213 -15.80 -14.34 -3.59
N ILE A 1214 -16.74 -14.16 -2.67
CA ILE A 1214 -16.31 -13.84 -1.31
C ILE A 1214 -15.53 -15.03 -0.72
N PRO A 1215 -16.05 -16.25 -0.73
CA PRO A 1215 -15.27 -17.36 -0.18
C PRO A 1215 -13.98 -17.64 -0.92
N LEU A 1216 -13.84 -17.24 -2.17
CA LEU A 1216 -12.55 -17.39 -2.83
C LEU A 1216 -11.57 -16.35 -2.35
N MET A 1217 -12.03 -15.14 -2.04
CA MET A 1217 -11.13 -14.15 -1.48
C MET A 1217 -10.78 -14.44 -0.03
N TYR A 1218 -11.55 -15.28 0.65
CA TYR A 1218 -11.12 -15.74 1.96
C TYR A 1218 -9.97 -16.72 1.90
N LEU A 1219 -9.96 -17.61 0.91
CA LEU A 1219 -8.89 -18.59 0.79
C LEU A 1219 -7.56 -17.97 0.43
N MET A 1220 -7.56 -16.93 -0.40
CA MET A 1220 -6.31 -16.35 -0.86
C MET A 1220 -5.65 -15.45 0.15
N ASN A 1221 -6.23 -15.26 1.33
CA ASN A 1221 -5.56 -14.45 2.34
C ASN A 1221 -4.43 -15.20 3.03
N PHE A 1222 -4.43 -16.53 2.97
CA PHE A 1222 -3.39 -17.32 3.62
C PHE A 1222 -2.05 -17.16 2.95
N PHE A 1223 -1.95 -16.35 1.92
CA PHE A 1223 -0.69 -16.11 1.25
C PHE A 1223 0.01 -14.87 1.77
N PHE A 1224 -0.71 -13.95 2.40
CA PHE A 1224 -0.22 -12.60 2.61
C PHE A 1224 -0.02 -12.30 4.09
N LEU A 1225 0.80 -11.28 4.34
CA LEU A 1225 1.07 -10.80 5.69
C LEU A 1225 0.72 -9.34 5.89
N GLY A 1226 0.70 -8.54 4.85
CA GLY A 1226 0.37 -7.12 4.96
C GLY A 1226 -0.94 -6.84 4.24
N ALA A 1227 -1.77 -6.01 4.85
CA ALA A 1227 -3.07 -5.73 4.28
C ALA A 1227 -3.00 -4.90 3.02
N ALA A 1228 -1.84 -4.32 2.69
CA ALA A 1228 -1.71 -3.51 1.49
C ALA A 1228 -0.91 -4.16 0.39
N THR A 1229 -0.20 -5.24 0.69
CA THR A 1229 0.37 -6.04 -0.37
C THR A 1229 -0.57 -7.13 -0.84
N ALA A 1230 -1.73 -7.26 -0.22
CA ALA A 1230 -2.75 -8.18 -0.67
C ALA A 1230 -3.77 -7.52 -1.57
N TYR A 1231 -4.12 -6.27 -1.29
CA TYR A 1231 -5.05 -5.57 -2.17
C TYR A 1231 -4.47 -5.45 -3.57
N THR A 1232 -3.21 -5.09 -3.70
CA THR A 1232 -2.61 -4.84 -4.99
C THR A 1232 -2.22 -6.10 -5.74
N ARG A 1233 -2.16 -7.22 -5.03
CA ARG A 1233 -1.81 -8.49 -5.64
C ARG A 1233 -3.07 -9.28 -5.96
N LEU A 1234 -4.18 -8.92 -5.32
CA LEU A 1234 -5.44 -9.59 -5.58
C LEU A 1234 -6.31 -8.85 -6.58
N THR A 1235 -6.25 -7.52 -6.65
CA THR A 1235 -6.91 -6.84 -7.76
C THR A 1235 -6.26 -7.23 -9.08
N ILE A 1236 -4.95 -7.42 -9.09
CA ILE A 1236 -4.28 -7.83 -10.31
C ILE A 1236 -4.64 -9.25 -10.67
N PHE A 1237 -4.74 -10.13 -9.69
CA PHE A 1237 -5.21 -11.48 -9.97
C PHE A 1237 -6.63 -11.44 -10.52
N ASN A 1238 -7.49 -10.60 -9.97
CA ASN A 1238 -8.85 -10.50 -10.48
C ASN A 1238 -8.86 -10.02 -11.92
N ILE A 1239 -8.09 -8.98 -12.23
CA ILE A 1239 -8.08 -8.45 -13.59
C ILE A 1239 -7.56 -9.47 -14.59
N LEU A 1240 -6.46 -10.16 -14.25
CA LEU A 1240 -5.98 -11.17 -15.19
C LEU A 1240 -6.94 -12.35 -15.32
N SER A 1241 -7.51 -12.81 -14.21
CA SER A 1241 -8.47 -13.91 -14.27
C SER A 1241 -9.76 -13.51 -14.97
N GLY A 1242 -10.02 -12.22 -15.10
CA GLY A 1242 -11.24 -11.66 -15.65
C GLY A 1242 -11.01 -11.23 -17.08
N ILE A 1243 -10.54 -10.00 -17.26
CA ILE A 1243 -10.38 -9.37 -18.56
C ILE A 1243 -9.58 -10.25 -19.49
N ALA A 1244 -8.44 -10.77 -19.03
CA ALA A 1244 -7.57 -11.51 -19.93
C ALA A 1244 -8.26 -12.75 -20.48
N THR A 1245 -8.83 -13.57 -19.61
CA THR A 1245 -9.42 -14.82 -20.08
C THR A 1245 -10.83 -14.64 -20.63
N PHE A 1246 -11.41 -13.45 -20.55
CA PHE A 1246 -12.66 -13.19 -21.24
C PHE A 1246 -12.41 -12.57 -22.61
N LEU A 1247 -11.33 -11.82 -22.73
CA LEU A 1247 -10.88 -11.23 -23.98
C LEU A 1247 -10.09 -12.19 -24.84
N MET A 1248 -9.62 -13.28 -24.24
CA MET A 1248 -8.93 -14.34 -24.95
C MET A 1248 -9.90 -15.32 -25.59
N VAL A 1249 -11.19 -15.14 -25.35
CA VAL A 1249 -12.21 -15.94 -26.00
C VAL A 1249 -12.99 -15.16 -27.04
N THR A 1250 -13.36 -13.91 -26.78
CA THR A 1250 -14.08 -13.17 -27.79
C THR A 1250 -13.23 -12.93 -29.04
N ILE A 1251 -11.97 -12.52 -28.89
CA ILE A 1251 -11.17 -12.24 -30.08
C ILE A 1251 -10.40 -13.46 -30.53
N MET A 1252 -10.68 -14.62 -29.97
CA MET A 1252 -10.22 -15.89 -30.50
C MET A 1252 -11.36 -16.59 -31.23
N ARG A 1253 -12.33 -15.80 -31.67
CA ARG A 1253 -13.50 -16.33 -32.36
C ARG A 1253 -13.88 -15.42 -33.51
N ILE A 1254 -12.98 -14.52 -33.89
CA ILE A 1254 -13.24 -13.59 -34.98
C ILE A 1254 -13.62 -14.35 -36.25
N PRO A 1255 -14.69 -13.89 -36.92
CA PRO A 1255 -15.28 -14.43 -38.14
C PRO A 1255 -14.28 -15.08 -39.10
N ALA A 1256 -13.91 -16.34 -38.81
CA ALA A 1256 -12.98 -17.11 -39.63
C ALA A 1256 -11.73 -16.33 -40.07
N VAL A 1257 -11.08 -15.67 -39.13
CA VAL A 1257 -9.88 -14.92 -39.44
C VAL A 1257 -8.68 -15.61 -38.81
N LYS A 1258 -8.75 -15.81 -37.50
CA LYS A 1258 -7.70 -16.49 -36.77
C LYS A 1258 -8.20 -17.86 -36.31
N LEU A 1259 -9.21 -18.37 -37.01
CA LEU A 1259 -9.84 -19.66 -36.73
C LEU A 1259 -10.04 -19.95 -35.24
N GLU A 1260 -9.06 -20.61 -34.64
CA GLU A 1260 -9.09 -20.95 -33.21
C GLU A 1260 -10.40 -21.61 -32.79
N GLU A 1261 -10.66 -22.81 -33.31
CA GLU A 1261 -11.88 -23.53 -32.98
C GLU A 1261 -11.82 -24.09 -31.56
N LEU A 1262 -10.66 -24.00 -30.92
CA LEU A 1262 -10.52 -24.51 -29.55
C LEU A 1262 -11.16 -23.60 -28.52
N SER A 1263 -11.79 -22.51 -28.95
CA SER A 1263 -12.46 -21.61 -28.02
C SER A 1263 -13.52 -22.35 -27.24
N LYS A 1264 -14.11 -23.38 -27.83
CA LYS A 1264 -15.09 -24.18 -27.12
C LYS A 1264 -14.46 -24.94 -25.96
N THR A 1265 -13.19 -25.35 -26.10
CA THR A 1265 -12.50 -25.99 -24.99
C THR A 1265 -12.06 -24.97 -23.94
N LEU A 1266 -11.60 -23.80 -24.38
CA LEU A 1266 -11.20 -22.78 -23.42
C LEU A 1266 -12.38 -22.31 -22.59
N ASP A 1267 -13.54 -22.12 -23.21
CA ASP A 1267 -14.70 -21.68 -22.43
C ASP A 1267 -15.29 -22.77 -21.57
N HIS A 1268 -14.73 -23.97 -21.60
CA HIS A 1268 -15.08 -24.98 -20.61
C HIS A 1268 -14.02 -25.09 -19.52
N VAL A 1269 -12.76 -24.86 -19.85
CA VAL A 1269 -11.72 -24.83 -18.83
C VAL A 1269 -11.78 -23.54 -18.00
N PHE A 1270 -12.40 -22.48 -18.50
CA PHE A 1270 -12.48 -21.23 -17.77
C PHE A 1270 -13.79 -21.08 -17.01
N LEU A 1271 -14.62 -22.11 -16.94
CA LEU A 1271 -15.87 -22.02 -16.21
C LEU A 1271 -15.70 -22.09 -14.70
N VAL A 1272 -14.49 -22.38 -14.21
CA VAL A 1272 -14.26 -22.43 -12.77
C VAL A 1272 -13.88 -21.08 -12.20
N LEU A 1273 -13.59 -20.08 -13.03
CA LEU A 1273 -13.19 -18.76 -12.56
C LEU A 1273 -14.41 -17.87 -12.47
N PRO A 1274 -14.72 -17.28 -11.31
CA PRO A 1274 -15.98 -16.55 -11.17
C PRO A 1274 -15.98 -15.14 -11.73
N ASN A 1275 -14.95 -14.73 -12.46
CA ASN A 1275 -14.98 -13.46 -13.18
C ASN A 1275 -15.30 -13.66 -14.65
N HIS A 1276 -14.69 -14.67 -15.25
CA HIS A 1276 -15.03 -15.08 -16.60
C HIS A 1276 -16.45 -15.60 -16.70
N CYS A 1277 -17.05 -16.02 -15.60
CA CYS A 1277 -18.45 -16.40 -15.61
C CYS A 1277 -19.39 -15.23 -15.44
N LEU A 1278 -18.91 -14.07 -15.01
CA LEU A 1278 -19.76 -12.89 -14.95
C LEU A 1278 -19.69 -12.09 -16.25
N GLY A 1279 -18.50 -11.97 -16.81
CA GLY A 1279 -18.39 -11.25 -18.07
C GLY A 1279 -19.22 -11.89 -19.17
N MET A 1280 -19.10 -13.20 -19.32
CA MET A 1280 -19.77 -13.93 -20.37
C MET A 1280 -21.22 -14.20 -20.06
N ALA A 1281 -21.70 -13.78 -18.92
CA ALA A 1281 -23.12 -13.81 -18.65
C ALA A 1281 -23.78 -12.47 -18.89
N VAL A 1282 -23.14 -11.38 -18.50
CA VAL A 1282 -23.66 -10.06 -18.84
C VAL A 1282 -23.70 -9.86 -20.35
N SER A 1283 -22.62 -10.22 -21.05
CA SER A 1283 -22.60 -10.00 -22.49
C SER A 1283 -23.67 -10.83 -23.19
N SER A 1284 -23.82 -12.09 -22.81
CA SER A 1284 -24.80 -12.97 -23.41
C SER A 1284 -26.22 -12.67 -22.99
N PHE A 1285 -26.44 -11.92 -21.94
CA PHE A 1285 -27.76 -11.37 -21.65
C PHE A 1285 -28.11 -10.22 -22.58
N TYR A 1286 -27.20 -9.24 -22.67
CA TYR A 1286 -27.41 -8.12 -23.57
C TYR A 1286 -27.56 -8.55 -25.02
N GLU A 1287 -26.88 -9.61 -25.44
CA GLU A 1287 -27.04 -10.10 -26.80
C GLU A 1287 -28.39 -10.76 -27.05
N ASN A 1288 -28.82 -11.63 -26.14
CA ASN A 1288 -30.10 -12.30 -26.33
C ASN A 1288 -31.22 -11.29 -26.39
N TYR A 1289 -31.22 -10.30 -25.52
CA TYR A 1289 -32.32 -9.36 -25.56
C TYR A 1289 -32.39 -8.62 -26.88
N GLU A 1290 -31.26 -8.22 -27.45
CA GLU A 1290 -31.28 -7.54 -28.73
C GLU A 1290 -31.77 -8.45 -29.85
N THR A 1291 -31.18 -9.64 -29.99
CA THR A 1291 -31.60 -10.48 -31.11
C THR A 1291 -33.03 -10.97 -30.93
N ARG A 1292 -33.58 -10.87 -29.73
CA ARG A 1292 -35.00 -11.15 -29.59
C ARG A 1292 -35.85 -9.95 -29.99
N ARG A 1293 -35.47 -8.76 -29.53
CA ARG A 1293 -36.26 -7.58 -29.86
C ARG A 1293 -36.21 -7.28 -31.35
N TYR A 1294 -35.24 -7.83 -32.08
CA TYR A 1294 -35.25 -7.64 -33.52
C TYR A 1294 -36.16 -8.64 -34.22
N CYS A 1295 -36.02 -9.93 -33.93
CA CYS A 1295 -36.76 -10.95 -34.67
C CYS A 1295 -38.21 -11.00 -34.19
N THR A 1296 -38.67 -9.91 -33.59
CA THR A 1296 -40.06 -9.76 -33.17
C THR A 1296 -40.76 -8.57 -33.80
N SER A 1297 -40.01 -7.57 -34.27
CA SER A 1297 -40.62 -6.32 -34.71
C SER A 1297 -41.55 -6.51 -35.90
N SER A 1298 -41.20 -7.41 -36.82
CA SER A 1298 -42.02 -7.64 -38.01
C SER A 1298 -41.68 -9.00 -38.59
N GLU A 1299 -42.55 -9.47 -39.49
CA GLU A 1299 -42.39 -10.81 -40.05
C GLU A 1299 -41.15 -10.89 -40.95
N VAL A 1300 -40.83 -9.81 -41.66
CA VAL A 1300 -39.66 -9.81 -42.51
C VAL A 1300 -38.42 -10.12 -41.69
N ALA A 1301 -38.32 -9.50 -40.52
CA ALA A 1301 -37.19 -9.76 -39.63
C ALA A 1301 -37.17 -11.21 -39.19
N ALA A 1302 -38.34 -11.78 -38.89
CA ALA A 1302 -38.42 -13.18 -38.48
C ALA A 1302 -37.90 -14.10 -39.57
N HIS A 1303 -38.29 -13.83 -40.82
CA HIS A 1303 -37.80 -14.62 -41.94
C HIS A 1303 -36.29 -14.48 -42.10
N TYR A 1304 -35.77 -13.26 -41.92
CA TYR A 1304 -34.34 -13.06 -42.02
C TYR A 1304 -33.60 -13.87 -40.98
N CYS A 1305 -34.12 -13.84 -39.74
CA CYS A 1305 -33.50 -14.60 -38.65
C CYS A 1305 -33.55 -16.08 -38.96
N LYS A 1306 -34.68 -16.56 -39.50
CA LYS A 1306 -34.81 -17.96 -39.86
C LYS A 1306 -33.79 -18.38 -40.90
N LYS A 1307 -33.61 -17.54 -41.93
CA LYS A 1307 -32.65 -17.89 -42.97
C LYS A 1307 -31.23 -17.91 -42.42
N TYR A 1308 -30.87 -16.96 -41.57
CA TYR A 1308 -29.48 -16.81 -41.18
C TYR A 1308 -29.15 -17.47 -39.85
N ASN A 1309 -30.10 -18.15 -39.22
CA ASN A 1309 -29.85 -18.96 -38.03
C ASN A 1309 -29.26 -18.12 -36.89
N ILE A 1310 -30.09 -17.22 -36.38
CA ILE A 1310 -29.68 -16.31 -35.33
C ILE A 1310 -29.91 -16.93 -33.96
N GLN A 1311 -31.05 -17.60 -33.79
CA GLN A 1311 -31.31 -18.43 -32.61
C GLN A 1311 -31.28 -17.69 -31.29
N TYR A 1312 -32.29 -16.87 -31.03
CA TYR A 1312 -32.51 -16.31 -29.71
C TYR A 1312 -33.40 -17.25 -28.89
N GLN A 1313 -33.17 -17.27 -27.58
CA GLN A 1313 -33.94 -18.09 -26.67
C GLN A 1313 -34.85 -17.21 -25.82
N GLU A 1314 -36.08 -17.65 -25.61
CA GLU A 1314 -37.05 -16.87 -24.88
C GLU A 1314 -37.07 -17.16 -23.39
N ASN A 1315 -36.19 -18.02 -22.91
CA ASN A 1315 -36.15 -18.36 -21.50
C ASN A 1315 -35.13 -17.57 -20.72
N PHE A 1316 -34.08 -17.07 -21.38
CA PHE A 1316 -33.01 -16.30 -20.77
C PHE A 1316 -32.12 -17.11 -19.84
N TYR A 1317 -32.56 -18.30 -19.43
CA TYR A 1317 -31.80 -19.10 -18.48
C TYR A 1317 -31.47 -20.49 -18.98
N ALA A 1318 -31.84 -20.83 -20.20
CA ALA A 1318 -31.69 -22.19 -20.67
C ALA A 1318 -30.21 -22.48 -20.94
N TRP A 1319 -29.95 -23.66 -21.48
CA TRP A 1319 -28.60 -24.12 -21.75
C TRP A 1319 -28.27 -23.91 -23.22
N SER A 1320 -26.98 -24.06 -23.54
CA SER A 1320 -26.50 -24.14 -24.91
C SER A 1320 -27.15 -23.11 -25.81
N ALA A 1321 -26.83 -21.85 -25.60
CA ALA A 1321 -27.69 -20.82 -26.14
C ALA A 1321 -26.98 -19.47 -26.12
N PRO A 1322 -27.68 -18.38 -26.41
CA PRO A 1322 -27.33 -17.09 -25.77
C PRO A 1322 -27.87 -16.92 -24.36
N GLY A 1323 -28.39 -17.98 -23.73
CA GLY A 1323 -28.93 -17.86 -22.40
C GLY A 1323 -27.90 -18.15 -21.32
N VAL A 1324 -28.08 -17.50 -20.17
CA VAL A 1324 -27.13 -17.64 -19.07
C VAL A 1324 -27.56 -18.76 -18.15
N GLY A 1325 -27.33 -20.00 -18.56
CA GLY A 1325 -27.68 -21.11 -17.69
C GLY A 1325 -26.46 -21.72 -17.06
N ARG A 1326 -25.47 -22.02 -17.90
CA ARG A 1326 -24.24 -22.63 -17.44
C ARG A 1326 -23.31 -21.64 -16.77
N PHE A 1327 -23.74 -20.39 -16.61
CA PHE A 1327 -23.02 -19.43 -15.80
C PHE A 1327 -23.67 -19.22 -14.45
N VAL A 1328 -24.99 -19.16 -14.39
CA VAL A 1328 -25.66 -19.21 -13.10
C VAL A 1328 -25.33 -20.50 -12.38
N ALA A 1329 -25.43 -21.63 -13.08
CA ALA A 1329 -25.20 -22.92 -12.44
C ALA A 1329 -23.74 -23.13 -12.09
N SER A 1330 -22.83 -22.37 -12.65
CA SER A 1330 -21.42 -22.53 -12.35
C SER A 1330 -20.88 -21.47 -11.40
N MET A 1331 -21.64 -20.41 -11.14
CA MET A 1331 -21.32 -19.55 -10.01
C MET A 1331 -22.00 -19.98 -8.74
N ALA A 1332 -23.13 -20.68 -8.82
CA ALA A 1332 -23.73 -21.17 -7.58
C ALA A 1332 -23.10 -22.45 -7.08
N ALA A 1333 -22.46 -23.22 -7.95
CA ALA A 1333 -21.78 -24.44 -7.54
C ALA A 1333 -20.28 -24.24 -7.37
N SER A 1334 -19.80 -23.02 -7.54
CA SER A 1334 -18.42 -22.67 -7.24
C SER A 1334 -18.27 -21.94 -5.93
N GLY A 1335 -19.33 -21.31 -5.45
CA GLY A 1335 -19.31 -20.72 -4.13
C GLY A 1335 -19.64 -21.68 -3.03
N CYS A 1336 -19.98 -22.92 -3.37
CA CYS A 1336 -20.21 -23.97 -2.40
C CYS A 1336 -19.08 -24.99 -2.39
N ALA A 1337 -18.23 -25.01 -3.41
CA ALA A 1337 -17.02 -25.79 -3.37
C ALA A 1337 -15.85 -25.03 -2.78
N TYR A 1338 -16.02 -23.76 -2.46
CA TYR A 1338 -15.00 -23.01 -1.76
C TYR A 1338 -15.24 -22.95 -0.26
N LEU A 1339 -16.49 -22.91 0.17
CA LEU A 1339 -16.76 -23.02 1.60
C LEU A 1339 -16.30 -24.36 2.14
N ILE A 1340 -16.57 -25.44 1.42
CA ILE A 1340 -16.17 -26.76 1.87
C ILE A 1340 -14.66 -26.83 2.00
N LEU A 1341 -13.95 -26.34 1.00
CA LEU A 1341 -12.49 -26.33 1.05
C LEU A 1341 -11.95 -25.39 2.11
N LEU A 1342 -12.67 -24.32 2.46
CA LEU A 1342 -12.24 -23.44 3.54
C LEU A 1342 -12.32 -24.13 4.89
N PHE A 1343 -13.43 -24.82 5.14
CA PHE A 1343 -13.57 -25.54 6.39
C PHE A 1343 -12.63 -26.73 6.49
N LEU A 1344 -12.31 -27.39 5.38
CA LEU A 1344 -11.34 -28.46 5.40
C LEU A 1344 -9.90 -27.98 5.60
N ILE A 1345 -9.63 -26.70 5.37
CA ILE A 1345 -8.35 -26.13 5.77
C ILE A 1345 -8.35 -25.73 7.23
N GLU A 1346 -9.42 -25.08 7.69
CA GLU A 1346 -9.43 -24.60 9.07
C GLU A 1346 -9.44 -25.74 10.07
N THR A 1347 -10.26 -26.77 9.86
CA THR A 1347 -10.40 -27.80 10.88
C THR A 1347 -9.28 -28.82 10.85
N ASN A 1348 -8.16 -28.50 10.21
CA ASN A 1348 -6.95 -29.31 10.27
C ASN A 1348 -7.20 -30.72 9.75
N LEU A 1349 -7.40 -30.81 8.43
CA LEU A 1349 -7.40 -32.08 7.73
C LEU A 1349 -6.28 -32.17 6.70
N LEU A 1350 -5.24 -31.37 6.87
CA LEU A 1350 -4.00 -31.46 6.10
C LEU A 1350 -2.85 -32.02 6.91
N GLN A 1351 -2.61 -31.47 8.10
CA GLN A 1351 -1.54 -31.98 8.96
C GLN A 1351 -1.81 -33.39 9.44
N ARG A 1352 -3.06 -33.86 9.34
CA ARG A 1352 -3.39 -35.25 9.64
C ARG A 1352 -3.80 -36.01 8.37
N LEU A 1353 -3.21 -35.63 7.25
CA LEU A 1353 -3.42 -36.36 5.99
C LEU A 1353 -2.29 -36.08 5.01
N LEU A 1376 20.13 -42.67 38.67
CA LEU A 1376 19.50 -41.43 38.25
C LEU A 1376 18.79 -40.76 39.40
N PRO A 1377 19.55 -40.14 40.31
CA PRO A 1377 18.97 -39.49 41.49
C PRO A 1377 18.37 -38.13 41.13
N GLU A 1378 17.12 -38.16 40.66
CA GLU A 1378 16.51 -36.97 40.08
C GLU A 1378 16.47 -35.81 41.07
N ASP A 1379 15.72 -35.97 42.16
CA ASP A 1379 15.62 -35.02 43.26
C ASP A 1379 14.64 -35.61 44.26
N GLN A 1380 14.78 -35.22 45.52
CA GLN A 1380 13.88 -35.77 46.51
C GLN A 1380 12.50 -35.14 46.41
N ASP A 1381 12.42 -33.84 46.19
CA ASP A 1381 11.13 -33.17 46.18
C ASP A 1381 10.35 -33.48 44.92
N VAL A 1382 11.05 -33.61 43.79
CA VAL A 1382 10.36 -33.99 42.55
C VAL A 1382 9.74 -35.37 42.69
N ALA A 1383 10.50 -36.33 43.22
CA ALA A 1383 9.98 -37.67 43.42
C ALA A 1383 8.85 -37.69 44.45
N ASP A 1384 8.98 -36.89 45.51
CA ASP A 1384 7.90 -36.78 46.47
C ASP A 1384 6.62 -36.30 45.81
N GLU A 1385 6.72 -35.25 44.98
CA GLU A 1385 5.54 -34.76 44.29
C GLU A 1385 4.97 -35.83 43.37
N ARG A 1386 5.83 -36.53 42.64
CA ARG A 1386 5.35 -37.54 41.70
C ARG A 1386 4.60 -38.66 42.41
N THR A 1387 5.13 -39.15 43.53
CA THR A 1387 4.50 -40.24 44.25
C THR A 1387 3.43 -39.77 45.23
N ARG A 1388 3.18 -38.46 45.30
CA ARG A 1388 2.03 -37.97 46.03
C ARG A 1388 0.76 -37.88 45.21
N ILE A 1389 0.84 -37.93 43.88
CA ILE A 1389 -0.35 -37.91 43.04
C ILE A 1389 -0.62 -39.25 42.39
N LEU A 1390 0.20 -40.27 42.66
CA LEU A 1390 -0.09 -41.62 42.23
C LEU A 1390 -0.77 -42.44 43.31
N ALA A 1391 -0.49 -42.13 44.57
CA ALA A 1391 -1.12 -42.80 45.71
C ALA A 1391 -1.67 -41.73 46.64
N PRO A 1392 -2.73 -41.04 46.22
CA PRO A 1392 -3.20 -39.89 46.99
C PRO A 1392 -4.12 -40.33 48.14
N SER A 1393 -4.49 -39.34 48.95
CA SER A 1393 -5.52 -39.54 49.97
C SER A 1393 -6.87 -39.72 49.29
N PRO A 1394 -7.87 -40.25 50.01
CA PRO A 1394 -9.13 -40.60 49.33
C PRO A 1394 -9.73 -39.48 48.51
N ASP A 1395 -9.68 -38.25 49.01
CA ASP A 1395 -10.16 -37.08 48.29
C ASP A 1395 -9.08 -36.01 48.28
N SER A 1396 -7.86 -36.42 47.99
CA SER A 1396 -6.74 -35.48 47.95
C SER A 1396 -6.75 -34.65 46.66
N LEU A 1397 -7.21 -35.22 45.55
CA LEU A 1397 -7.25 -34.51 44.26
C LEU A 1397 -8.65 -34.65 43.67
N LEU A 1398 -9.57 -33.78 44.08
CA LEU A 1398 -10.83 -33.61 43.36
C LEU A 1398 -11.25 -32.16 43.20
N HIS A 1399 -10.82 -31.25 44.08
CA HIS A 1399 -11.19 -29.85 44.01
C HIS A 1399 -10.06 -28.98 43.46
N THR A 1400 -9.15 -29.58 42.71
CA THR A 1400 -7.95 -28.90 42.26
C THR A 1400 -8.01 -28.64 40.75
N PRO A 1401 -7.49 -27.51 40.31
CA PRO A 1401 -7.52 -27.18 38.88
C PRO A 1401 -6.61 -28.01 37.98
N LEU A 1402 -5.33 -28.17 38.29
CA LEU A 1402 -4.37 -28.74 37.34
C LEU A 1402 -3.73 -29.98 37.95
N ILE A 1403 -3.83 -31.12 37.25
CA ILE A 1403 -3.33 -32.40 37.76
C ILE A 1403 -2.46 -33.13 36.74
N ILE A 1404 -1.62 -32.42 36.00
CA ILE A 1404 -0.71 -33.05 35.04
C ILE A 1404 -0.15 -34.35 35.58
N LYS A 1405 -0.21 -35.43 34.80
CA LYS A 1405 0.18 -36.75 35.30
C LYS A 1405 0.91 -37.51 34.20
N GLU A 1406 2.18 -37.80 34.41
CA GLU A 1406 2.98 -38.64 33.52
C GLU A 1406 2.86 -38.19 32.07
N LEU A 1407 3.08 -36.90 31.87
CA LEU A 1407 2.86 -36.25 30.59
C LEU A 1407 4.15 -36.31 29.78
N SER A 1408 4.03 -36.53 28.47
CA SER A 1408 5.20 -36.64 27.63
C SER A 1408 4.87 -36.17 26.23
N LYS A 1409 5.90 -35.88 25.44
CA LYS A 1409 5.69 -35.59 24.02
C LYS A 1409 6.97 -35.88 23.26
N VAL A 1410 6.84 -36.65 22.18
CA VAL A 1410 7.96 -37.07 21.35
C VAL A 1410 7.78 -36.49 19.96
N TYR A 1411 8.80 -35.82 19.46
CA TYR A 1411 8.77 -35.44 18.06
C TYR A 1411 9.25 -36.59 17.18
N GLU A 1412 9.06 -36.42 15.88
CA GLU A 1412 9.57 -37.34 14.87
C GLU A 1412 10.29 -36.57 13.77
N GLN A 1413 11.15 -35.63 14.16
CA GLN A 1413 11.93 -34.84 13.21
C GLN A 1413 13.28 -35.53 12.98
N ARG A 1414 13.22 -36.60 12.19
CA ARG A 1414 14.40 -37.33 11.73
C ARG A 1414 15.09 -38.08 12.85
N VAL A 1415 14.67 -37.85 14.08
CA VAL A 1415 15.25 -38.51 15.25
C VAL A 1415 14.30 -38.30 16.43
N PRO A 1416 13.94 -39.39 17.14
CA PRO A 1416 13.10 -39.22 18.33
C PRO A 1416 13.66 -38.22 19.31
N LEU A 1417 12.91 -37.15 19.54
CA LEU A 1417 13.29 -36.10 20.47
C LEU A 1417 12.31 -36.12 21.62
N LEU A 1418 12.79 -36.47 22.82
CA LEU A 1418 11.95 -36.53 24.00
C LEU A 1418 11.98 -35.17 24.69
N ALA A 1419 11.15 -34.26 24.18
CA ALA A 1419 11.20 -32.87 24.61
C ALA A 1419 10.52 -32.66 25.96
N VAL A 1420 9.72 -33.62 26.41
CA VAL A 1420 9.08 -33.56 27.72
C VAL A 1420 9.09 -34.96 28.31
N ASP A 1421 9.41 -35.08 29.60
CA ASP A 1421 9.59 -36.40 30.22
C ASP A 1421 8.86 -36.50 31.56
N ARG A 1422 7.60 -36.90 31.49
CA ARG A 1422 6.80 -37.44 32.59
C ARG A 1422 6.30 -36.44 33.64
N LEU A 1423 6.84 -35.21 33.68
CA LEU A 1423 6.08 -34.04 34.11
C LEU A 1423 4.92 -34.27 35.06
N SER A 1424 5.17 -34.82 36.24
CA SER A 1424 4.11 -35.06 37.21
C SER A 1424 4.00 -33.86 38.14
N LEU A 1425 2.84 -33.20 38.14
CA LEU A 1425 2.66 -31.97 38.90
C LEU A 1425 1.20 -31.81 39.30
N ALA A 1426 0.95 -30.99 40.31
CA ALA A 1426 -0.41 -30.73 40.76
C ALA A 1426 -0.48 -29.35 41.41
N VAL A 1427 -1.04 -28.38 40.68
CA VAL A 1427 -1.18 -27.00 41.14
C VAL A 1427 -2.53 -26.88 41.82
N GLN A 1428 -2.65 -25.97 42.78
CA GLN A 1428 -3.83 -25.89 43.61
C GLN A 1428 -4.38 -24.47 43.64
N LYS A 1429 -5.50 -24.28 44.32
CA LYS A 1429 -6.13 -22.97 44.42
C LYS A 1429 -5.33 -22.09 45.35
N GLY A 1430 -5.04 -20.88 44.91
CA GLY A 1430 -4.20 -19.99 45.67
C GLY A 1430 -2.73 -20.13 45.39
N GLU A 1431 -2.36 -20.72 44.26
CA GLU A 1431 -0.97 -20.95 43.90
C GLU A 1431 -0.54 -20.00 42.80
N CYS A 1432 0.75 -20.01 42.53
CA CYS A 1432 1.32 -19.31 41.39
C CYS A 1432 2.60 -20.06 41.02
N PHE A 1433 2.49 -20.93 40.03
CA PHE A 1433 3.60 -21.77 39.65
C PHE A 1433 4.59 -21.01 38.80
N GLY A 1434 5.87 -21.38 38.91
CA GLY A 1434 6.92 -20.63 38.25
C GLY A 1434 7.31 -21.09 36.87
N LEU A 1435 7.80 -22.32 36.75
CA LEU A 1435 8.18 -22.91 35.46
C LEU A 1435 9.24 -22.07 34.74
N LEU A 1436 10.44 -22.10 35.28
CA LEU A 1436 11.60 -21.53 34.62
C LEU A 1436 12.33 -22.59 33.81
N GLY A 1437 13.09 -22.16 32.82
CA GLY A 1437 13.81 -23.13 32.04
C GLY A 1437 14.84 -22.48 31.14
N PHE A 1438 15.75 -23.30 30.64
CA PHE A 1438 16.79 -22.85 29.74
C PHE A 1438 16.27 -22.89 28.31
N ASN A 1439 16.98 -22.19 27.43
CA ASN A 1439 16.51 -22.03 26.06
C ASN A 1439 16.53 -23.38 25.35
N GLY A 1440 15.35 -23.91 25.08
CA GLY A 1440 15.23 -25.21 24.45
C GLY A 1440 15.03 -26.38 25.39
N ALA A 1441 14.67 -26.13 26.64
CA ALA A 1441 14.48 -27.19 27.61
C ALA A 1441 13.08 -27.77 27.60
N GLY A 1442 12.20 -27.27 26.76
CA GLY A 1442 10.84 -27.76 26.71
C GLY A 1442 9.86 -27.07 27.61
N LYS A 1443 10.16 -25.88 28.10
CA LYS A 1443 9.17 -25.13 28.86
C LYS A 1443 8.14 -24.46 27.97
N THR A 1444 8.36 -24.44 26.67
CA THR A 1444 7.45 -23.79 25.74
C THR A 1444 6.63 -24.76 24.92
N THR A 1445 6.85 -26.06 25.05
CA THR A 1445 5.89 -27.02 24.53
C THR A 1445 4.93 -27.48 25.61
N THR A 1446 5.37 -27.50 26.86
CA THR A 1446 4.45 -27.78 27.97
C THR A 1446 3.34 -26.75 28.03
N PHE A 1447 3.70 -25.48 27.86
CA PHE A 1447 2.74 -24.39 27.93
C PHE A 1447 1.70 -24.56 26.83
N LYS A 1448 2.15 -24.84 25.61
CA LYS A 1448 1.25 -25.06 24.48
C LYS A 1448 0.36 -26.27 24.72
N MET A 1449 0.95 -27.37 25.21
CA MET A 1449 0.21 -28.61 25.39
C MET A 1449 -0.86 -28.46 26.45
N LEU A 1450 -0.62 -27.60 27.45
CA LEU A 1450 -1.67 -27.31 28.41
C LEU A 1450 -2.74 -26.40 27.83
N THR A 1451 -2.37 -25.40 27.03
CA THR A 1451 -3.38 -24.52 26.45
C THR A 1451 -4.09 -25.14 25.25
N GLY A 1452 -3.87 -26.43 24.99
CA GLY A 1452 -4.63 -27.16 24.00
C GLY A 1452 -4.08 -27.13 22.59
N GLU A 1453 -3.01 -26.39 22.34
CA GLU A 1453 -2.57 -26.18 20.96
C GLU A 1453 -1.93 -27.43 20.38
N GLU A 1454 -1.09 -28.11 21.14
CA GLU A 1454 -0.20 -29.12 20.56
C GLU A 1454 -0.69 -30.52 20.85
N SER A 1455 -0.28 -31.45 19.99
CA SER A 1455 -0.71 -32.83 20.06
C SER A 1455 -0.06 -33.52 21.25
N LEU A 1456 -0.86 -34.25 22.01
CA LEU A 1456 -0.44 -34.88 23.24
C LEU A 1456 0.19 -36.24 22.93
N THR A 1457 0.89 -36.81 23.91
CA THR A 1457 1.45 -38.15 23.72
C THR A 1457 1.64 -38.83 25.06
N SER A 1458 0.83 -39.85 25.34
CA SER A 1458 1.07 -40.78 26.44
C SER A 1458 1.06 -40.08 27.80
N GLY A 1459 -0.13 -39.70 28.20
CA GLY A 1459 -0.37 -39.14 29.52
C GLY A 1459 -1.47 -38.14 29.32
N ASP A 1460 -2.08 -37.70 30.42
CA ASP A 1460 -3.13 -36.71 30.33
C ASP A 1460 -2.89 -35.55 31.29
N ALA A 1461 -3.87 -34.66 31.34
CA ALA A 1461 -3.86 -33.50 32.22
C ALA A 1461 -5.29 -33.09 32.45
N PHE A 1462 -5.64 -32.80 33.70
CA PHE A 1462 -7.04 -32.60 34.08
C PHE A 1462 -7.25 -31.13 34.41
N VAL A 1463 -7.53 -30.33 33.40
CA VAL A 1463 -7.65 -28.88 33.56
C VAL A 1463 -9.10 -28.60 33.98
N GLY A 1464 -9.32 -28.54 35.28
CA GLY A 1464 -10.63 -28.21 35.81
C GLY A 1464 -11.54 -29.38 36.05
N GLY A 1465 -11.16 -30.57 35.62
CA GLY A 1465 -11.99 -31.74 35.77
C GLY A 1465 -12.15 -32.49 34.46
N HIS A 1466 -11.72 -31.88 33.37
CA HIS A 1466 -11.92 -32.41 32.03
C HIS A 1466 -10.60 -32.82 31.43
N ARG A 1467 -10.51 -34.06 30.94
CA ARG A 1467 -9.27 -34.54 30.34
C ARG A 1467 -8.88 -33.70 29.16
N ILE A 1468 -7.57 -33.60 28.91
CA ILE A 1468 -7.06 -32.74 27.85
C ILE A 1468 -6.86 -33.52 26.57
N SER A 1469 -6.99 -34.84 26.59
CA SER A 1469 -6.89 -35.65 25.39
C SER A 1469 -8.24 -35.97 24.77
N SER A 1470 -9.34 -35.82 25.51
CA SER A 1470 -10.67 -36.05 25.00
C SER A 1470 -11.48 -34.76 24.90
N ASP A 1471 -11.73 -34.10 26.04
CA ASP A 1471 -12.61 -32.94 26.07
C ASP A 1471 -11.77 -31.67 26.03
N VAL A 1472 -11.21 -31.39 24.86
CA VAL A 1472 -10.42 -30.18 24.67
C VAL A 1472 -11.30 -29.03 24.15
N GLY A 1473 -12.59 -29.11 24.39
CA GLY A 1473 -13.47 -28.01 24.05
C GLY A 1473 -14.13 -27.44 25.29
N LYS A 1474 -14.40 -28.31 26.26
CA LYS A 1474 -14.91 -27.87 27.55
C LYS A 1474 -13.83 -27.28 28.43
N VAL A 1475 -12.57 -27.55 28.10
CA VAL A 1475 -11.46 -26.94 28.81
C VAL A 1475 -11.31 -25.49 28.40
N ARG A 1476 -11.14 -25.23 27.11
CA ARG A 1476 -10.83 -23.90 26.60
C ARG A 1476 -11.80 -22.83 27.07
N GLN A 1477 -12.93 -23.22 27.60
CA GLN A 1477 -13.87 -22.27 28.16
C GLN A 1477 -13.57 -21.95 29.62
N ARG A 1478 -12.61 -22.64 30.23
CA ARG A 1478 -12.29 -22.44 31.63
C ARG A 1478 -10.87 -21.98 31.86
N ILE A 1479 -10.15 -21.56 30.83
CA ILE A 1479 -8.79 -21.08 30.98
C ILE A 1479 -8.68 -19.68 30.38
N GLY A 1480 -7.97 -18.81 31.07
CA GLY A 1480 -7.56 -17.54 30.50
C GLY A 1480 -6.17 -17.64 29.91
N TYR A 1481 -5.82 -16.69 29.06
CA TYR A 1481 -4.56 -16.79 28.33
C TYR A 1481 -4.08 -15.40 27.94
N CYS A 1482 -2.89 -15.03 28.43
CA CYS A 1482 -2.23 -13.79 28.08
C CYS A 1482 -1.02 -14.09 27.23
N PRO A 1483 -0.95 -13.64 25.99
CA PRO A 1483 0.20 -13.97 25.15
C PRO A 1483 1.36 -13.03 25.42
N GLN A 1484 2.51 -13.37 24.85
CA GLN A 1484 3.66 -12.50 25.00
C GLN A 1484 3.51 -11.24 24.16
N PHE A 1485 3.09 -11.39 22.91
CA PHE A 1485 2.88 -10.31 21.98
C PHE A 1485 1.58 -9.56 22.29
N ASP A 1486 1.27 -8.56 21.48
CA ASP A 1486 0.04 -7.77 21.64
C ASP A 1486 -0.94 -8.12 20.53
N ALA A 1487 -1.90 -8.97 20.85
CA ALA A 1487 -2.88 -9.41 19.88
C ALA A 1487 -4.21 -8.69 20.13
N LEU A 1488 -4.24 -7.43 19.72
CA LEU A 1488 -5.42 -6.59 19.92
C LEU A 1488 -5.85 -6.00 18.59
N LEU A 1489 -7.13 -5.66 18.50
CA LEU A 1489 -7.73 -5.19 17.27
C LEU A 1489 -7.84 -3.68 17.31
N ASP A 1490 -7.04 -3.01 16.49
CA ASP A 1490 -6.86 -1.57 16.65
C ASP A 1490 -8.11 -0.76 16.40
N HIS A 1491 -9.12 -1.32 15.76
CA HIS A 1491 -10.34 -0.58 15.47
C HIS A 1491 -11.37 -0.72 16.56
N MET A 1492 -11.07 -1.42 17.64
CA MET A 1492 -12.02 -1.59 18.72
C MET A 1492 -11.62 -0.76 19.91
N THR A 1493 -12.38 -0.90 20.98
CA THR A 1493 -12.28 -0.03 22.13
C THR A 1493 -11.76 -0.82 23.32
N GLY A 1494 -11.35 -0.11 24.36
CA GLY A 1494 -10.91 -0.79 25.56
C GLY A 1494 -12.00 -1.65 26.16
N ARG A 1495 -13.24 -1.18 26.11
CA ARG A 1495 -14.35 -1.91 26.70
C ARG A 1495 -15.00 -2.90 25.74
N GLU A 1496 -15.02 -2.61 24.45
CA GLU A 1496 -15.57 -3.56 23.50
C GLU A 1496 -14.74 -4.83 23.41
N MET A 1497 -13.43 -4.76 23.60
CA MET A 1497 -12.61 -5.96 23.59
C MET A 1497 -12.83 -6.80 24.82
N LEU A 1498 -13.20 -6.20 25.94
CA LEU A 1498 -13.54 -7.00 27.11
C LEU A 1498 -14.92 -7.60 27.00
N VAL A 1499 -15.87 -6.89 26.37
CA VAL A 1499 -17.19 -7.46 26.16
C VAL A 1499 -17.12 -8.63 25.18
N MET A 1500 -16.33 -8.52 24.12
CA MET A 1500 -16.13 -9.64 23.22
C MET A 1500 -15.74 -10.91 23.96
N TYR A 1501 -14.73 -10.81 24.81
CA TYR A 1501 -14.20 -11.99 25.47
C TYR A 1501 -15.08 -12.45 26.62
N ALA A 1502 -15.86 -11.56 27.21
CA ALA A 1502 -16.86 -12.00 28.15
C ALA A 1502 -18.01 -12.71 27.48
N ARG A 1503 -18.20 -12.51 26.18
CA ARG A 1503 -19.20 -13.26 25.42
C ARG A 1503 -18.69 -14.57 24.85
N LEU A 1504 -17.44 -14.62 24.40
CA LEU A 1504 -16.92 -15.88 23.87
C LEU A 1504 -16.82 -16.97 24.92
N ARG A 1505 -17.13 -16.67 26.19
CA ARG A 1505 -16.93 -17.63 27.26
C ARG A 1505 -18.20 -18.00 27.99
N GLY A 1506 -19.29 -17.27 27.79
CA GLY A 1506 -20.51 -17.55 28.54
C GLY A 1506 -20.99 -16.27 29.18
N ILE A 1507 -21.01 -16.21 30.50
CA ILE A 1507 -21.32 -14.98 31.22
C ILE A 1507 -22.64 -14.41 30.74
N PRO A 1508 -23.77 -14.94 31.20
CA PRO A 1508 -25.10 -14.44 30.79
C PRO A 1508 -25.19 -12.94 30.69
N GLU A 1509 -26.01 -12.46 29.75
CA GLU A 1509 -25.93 -11.07 29.32
C GLU A 1509 -26.25 -10.08 30.42
N ARG A 1510 -26.84 -10.53 31.52
CA ARG A 1510 -27.17 -9.62 32.60
C ARG A 1510 -25.98 -9.32 33.50
N HIS A 1511 -24.95 -10.16 33.53
CA HIS A 1511 -23.76 -9.92 34.35
C HIS A 1511 -22.66 -9.18 33.63
N ILE A 1512 -22.67 -9.16 32.30
CA ILE A 1512 -21.52 -8.64 31.56
C ILE A 1512 -21.21 -7.22 31.99
N GLY A 1513 -22.22 -6.41 32.27
CA GLY A 1513 -21.97 -5.05 32.71
C GLY A 1513 -21.12 -4.99 33.95
N ALA A 1514 -21.49 -5.77 34.98
CA ALA A 1514 -20.74 -5.75 36.23
C ALA A 1514 -19.35 -6.36 36.05
N CYS A 1515 -19.28 -7.49 35.36
CA CYS A 1515 -18.01 -8.17 35.21
C CYS A 1515 -17.01 -7.33 34.44
N VAL A 1516 -17.48 -6.46 33.54
CA VAL A 1516 -16.54 -5.57 32.87
C VAL A 1516 -16.26 -4.36 33.71
N GLU A 1517 -17.28 -3.82 34.40
CA GLU A 1517 -17.11 -2.58 35.14
C GLU A 1517 -16.09 -2.74 36.26
N ASN A 1518 -16.14 -3.84 36.99
CA ASN A 1518 -15.18 -3.98 38.08
C ASN A 1518 -13.78 -4.33 37.60
N THR A 1519 -13.65 -5.09 36.51
CA THR A 1519 -12.32 -5.38 35.96
C THR A 1519 -11.64 -4.13 35.41
N LEU A 1520 -12.37 -3.27 34.72
CA LEU A 1520 -11.75 -2.09 34.14
C LEU A 1520 -11.14 -1.20 35.21
N ARG A 1521 -11.83 -1.02 36.33
CA ARG A 1521 -11.29 -0.21 37.40
C ARG A 1521 -10.37 -0.97 38.33
N GLY A 1522 -10.39 -2.30 38.30
CA GLY A 1522 -9.35 -3.05 38.96
C GLY A 1522 -7.99 -2.86 38.31
N LEU A 1523 -7.94 -2.90 36.98
CA LEU A 1523 -6.69 -2.67 36.30
C LEU A 1523 -6.35 -1.19 36.14
N LEU A 1524 -7.23 -0.29 36.60
CA LEU A 1524 -7.01 1.15 36.48
C LEU A 1524 -6.98 1.59 35.01
N LEU A 1525 -8.00 1.18 34.25
CA LEU A 1525 -8.12 1.53 32.85
C LEU A 1525 -9.29 2.46 32.55
N GLU A 1526 -9.98 2.93 33.58
CA GLU A 1526 -11.19 3.72 33.35
C GLU A 1526 -11.01 4.94 32.45
N PRO A 1527 -9.96 5.74 32.55
CA PRO A 1527 -9.82 6.87 31.62
C PRO A 1527 -9.86 6.44 30.16
N HIS A 1528 -9.29 5.28 29.83
CA HIS A 1528 -9.17 4.83 28.46
C HIS A 1528 -10.18 3.76 28.11
N ALA A 1529 -11.27 3.66 28.86
CA ALA A 1529 -12.25 2.61 28.59
C ALA A 1529 -12.86 2.77 27.21
N ASN A 1530 -13.14 4.00 26.81
CA ASN A 1530 -13.75 4.27 25.52
C ASN A 1530 -12.78 5.07 24.68
N LYS A 1531 -11.75 4.41 24.15
CA LYS A 1531 -10.73 5.17 23.44
C LYS A 1531 -10.09 4.46 22.26
N LEU A 1532 -10.71 3.43 21.68
CA LEU A 1532 -10.28 3.02 20.34
C LEU A 1532 -8.84 2.55 20.26
N VAL A 1533 -8.55 1.29 20.59
CA VAL A 1533 -7.20 0.92 20.95
C VAL A 1533 -6.23 1.03 19.78
N ARG A 1534 -5.86 2.28 19.50
CA ARG A 1534 -4.72 2.71 18.70
C ARG A 1534 -3.99 3.84 19.36
N THR A 1535 -4.66 4.60 20.19
CA THR A 1535 -4.09 5.64 21.02
C THR A 1535 -3.30 5.06 22.19
N TYR A 1536 -3.46 3.77 22.47
CA TYR A 1536 -2.91 3.19 23.67
C TYR A 1536 -1.40 3.18 23.65
N SER A 1537 -0.80 3.62 24.74
CA SER A 1537 0.63 3.51 24.90
C SER A 1537 1.04 2.06 25.08
N GLY A 1538 2.31 1.78 24.84
CA GLY A 1538 2.79 0.42 24.93
C GLY A 1538 2.67 -0.23 26.29
N GLY A 1539 2.21 0.51 27.28
CA GLY A 1539 2.04 -0.05 28.61
C GLY A 1539 0.60 -0.09 29.05
N ASN A 1540 -0.30 0.55 28.29
CA ASN A 1540 -1.72 0.33 28.48
C ASN A 1540 -2.22 -0.83 27.66
N LYS A 1541 -1.37 -1.44 26.84
CA LYS A 1541 -1.73 -2.64 26.14
C LYS A 1541 -1.43 -3.90 26.92
N ARG A 1542 -0.37 -3.89 27.73
CA ARG A 1542 -0.14 -4.99 28.65
C ARG A 1542 -1.10 -5.00 29.82
N LYS A 1543 -1.72 -3.87 30.13
CA LYS A 1543 -2.74 -3.87 31.16
C LYS A 1543 -4.07 -4.39 30.64
N LEU A 1544 -4.28 -4.33 29.33
CA LEU A 1544 -5.53 -4.82 28.76
C LEU A 1544 -5.42 -6.27 28.34
N SER A 1545 -4.27 -6.69 27.82
CA SER A 1545 -4.07 -8.08 27.51
C SER A 1545 -4.19 -8.98 28.74
N THR A 1546 -3.98 -8.45 29.94
CA THR A 1546 -4.14 -9.24 31.15
C THR A 1546 -5.43 -8.92 31.88
N GLY A 1547 -6.31 -8.14 31.27
CA GLY A 1547 -7.66 -8.02 31.76
C GLY A 1547 -8.50 -8.96 30.95
N ILE A 1548 -8.04 -9.22 29.72
CA ILE A 1548 -8.65 -10.23 28.88
C ILE A 1548 -8.42 -11.61 29.47
N ALA A 1549 -7.29 -11.84 30.13
CA ALA A 1549 -7.04 -13.14 30.75
C ALA A 1549 -7.91 -13.38 31.97
N LEU A 1550 -8.25 -12.32 32.69
CA LEU A 1550 -8.94 -12.45 33.97
C LEU A 1550 -10.44 -12.25 33.88
N ILE A 1551 -10.96 -11.83 32.72
CA ILE A 1551 -12.39 -11.61 32.58
C ILE A 1551 -13.12 -12.94 32.63
N GLY A 1552 -14.25 -12.97 33.33
CA GLY A 1552 -14.99 -14.20 33.50
C GLY A 1552 -14.60 -14.88 34.78
N GLU A 1553 -14.77 -16.20 34.84
CA GLU A 1553 -14.35 -16.98 36.00
C GLU A 1553 -13.52 -18.15 35.50
N PRO A 1554 -12.24 -17.94 35.24
CA PRO A 1554 -11.39 -19.01 34.73
C PRO A 1554 -10.85 -19.87 35.85
N ALA A 1555 -10.70 -21.15 35.55
CA ALA A 1555 -10.11 -22.06 36.53
C ALA A 1555 -8.61 -21.85 36.64
N VAL A 1556 -7.94 -21.64 35.52
CA VAL A 1556 -6.49 -21.48 35.45
C VAL A 1556 -6.21 -20.24 34.62
N ILE A 1557 -5.09 -19.60 34.85
CA ILE A 1557 -4.65 -18.46 34.05
C ILE A 1557 -3.24 -18.71 33.59
N PHE A 1558 -2.99 -18.55 32.30
CA PHE A 1558 -1.67 -18.80 31.72
C PHE A 1558 -1.06 -17.47 31.31
N LEU A 1559 -0.39 -16.82 32.25
CA LEU A 1559 0.29 -15.58 31.92
C LEU A 1559 1.65 -15.89 31.33
N ASP A 1560 2.14 -14.96 30.51
CA ASP A 1560 3.40 -15.19 29.80
C ASP A 1560 4.06 -13.83 29.59
N GLU A 1561 5.05 -13.52 30.41
CA GLU A 1561 5.70 -12.22 30.43
C GLU A 1561 4.64 -11.12 30.52
N PRO A 1562 3.85 -11.10 31.58
CA PRO A 1562 2.69 -10.20 31.61
C PRO A 1562 3.05 -8.75 31.55
N SER A 1563 4.28 -8.37 31.93
CA SER A 1563 4.71 -6.97 31.99
C SER A 1563 6.06 -6.83 31.30
N THR A 1564 6.07 -6.72 29.97
CA THR A 1564 7.35 -6.67 29.27
C THR A 1564 7.88 -5.23 29.19
N GLY A 1565 7.21 -4.37 28.44
CA GLY A 1565 7.74 -3.05 28.23
C GLY A 1565 7.20 -1.98 29.15
N MET A 1566 7.21 -2.19 30.46
CA MET A 1566 6.57 -1.26 31.37
C MET A 1566 7.57 -0.69 32.35
N ASP A 1567 7.36 0.57 32.70
CA ASP A 1567 8.16 1.26 33.69
C ASP A 1567 7.84 0.76 35.09
N PRO A 1568 8.73 0.98 36.05
CA PRO A 1568 8.58 0.33 37.36
C PRO A 1568 7.30 0.62 38.10
N VAL A 1569 6.76 1.82 38.05
CA VAL A 1569 5.55 2.11 38.81
C VAL A 1569 4.36 1.37 38.24
N ALA A 1570 4.15 1.49 36.93
CA ALA A 1570 3.03 0.80 36.31
C ALA A 1570 3.19 -0.70 36.36
N ARG A 1571 4.43 -1.19 36.37
CA ARG A 1571 4.66 -2.62 36.50
C ARG A 1571 4.32 -3.12 37.89
N ARG A 1572 4.66 -2.36 38.93
CA ARG A 1572 4.25 -2.72 40.28
C ARG A 1572 2.74 -2.73 40.43
N LEU A 1573 2.06 -1.71 39.90
CA LEU A 1573 0.62 -1.63 40.06
C LEU A 1573 -0.09 -2.79 39.39
N LEU A 1574 0.56 -3.48 38.45
CA LEU A 1574 -0.02 -4.65 37.79
C LEU A 1574 0.30 -5.94 38.51
N TRP A 1575 1.54 -6.08 38.98
CA TRP A 1575 1.84 -7.21 39.85
C TRP A 1575 0.97 -7.24 41.08
N ASP A 1576 0.44 -6.10 41.51
CA ASP A 1576 -0.48 -6.12 42.63
C ASP A 1576 -1.81 -6.78 42.29
N THR A 1577 -2.40 -6.45 41.13
CA THR A 1577 -3.68 -7.07 40.80
C THR A 1577 -3.51 -8.55 40.50
N VAL A 1578 -2.40 -8.93 39.86
CA VAL A 1578 -2.25 -10.36 39.56
C VAL A 1578 -2.17 -11.17 40.85
N ALA A 1579 -1.70 -10.57 41.94
CA ALA A 1579 -1.65 -11.27 43.22
C ALA A 1579 -2.93 -11.15 44.02
N ARG A 1580 -3.66 -10.05 43.89
CA ARG A 1580 -4.99 -9.96 44.48
C ARG A 1580 -5.98 -10.89 43.79
N ALA A 1581 -5.71 -11.30 42.56
CA ALA A 1581 -6.52 -12.32 41.92
C ALA A 1581 -6.12 -13.73 42.32
N ARG A 1582 -4.94 -13.89 42.90
CA ARG A 1582 -4.50 -15.19 43.37
C ARG A 1582 -4.85 -15.41 44.82
N GLU A 1583 -4.92 -14.35 45.61
CA GLU A 1583 -5.37 -14.49 46.99
C GLU A 1583 -6.78 -15.09 47.04
N SER A 1584 -7.64 -14.67 46.14
CA SER A 1584 -9.05 -15.09 46.14
C SER A 1584 -9.27 -16.34 45.30
N GLY A 1585 -8.50 -17.39 45.59
CA GLY A 1585 -8.79 -18.70 45.05
C GLY A 1585 -8.69 -18.87 43.56
N LYS A 1586 -7.49 -18.76 42.99
CA LYS A 1586 -7.26 -19.08 41.60
C LYS A 1586 -5.95 -19.85 41.49
N ALA A 1587 -5.56 -20.18 40.27
CA ALA A 1587 -4.28 -20.80 40.00
C ALA A 1587 -3.66 -20.07 38.82
N ILE A 1588 -2.42 -19.63 38.96
CA ILE A 1588 -1.74 -18.89 37.91
C ILE A 1588 -0.59 -19.76 37.43
N ILE A 1589 -0.13 -19.53 36.21
CA ILE A 1589 1.04 -20.21 35.67
C ILE A 1589 1.86 -19.17 34.93
N ILE A 1590 2.92 -18.68 35.55
CA ILE A 1590 3.77 -17.66 34.94
C ILE A 1590 4.84 -18.33 34.11
N THR A 1591 5.37 -17.60 33.13
CA THR A 1591 6.49 -18.08 32.33
C THR A 1591 7.17 -16.84 31.74
N SER A 1592 8.30 -16.47 32.31
CA SER A 1592 8.93 -15.20 31.97
C SER A 1592 10.44 -15.37 31.91
N HIS A 1593 11.09 -14.33 31.42
CA HIS A 1593 12.55 -14.29 31.31
C HIS A 1593 13.22 -13.50 32.41
N SER A 1594 12.48 -12.67 33.12
CA SER A 1594 13.10 -11.86 34.16
C SER A 1594 12.92 -12.54 35.50
N MET A 1595 14.03 -12.86 36.15
CA MET A 1595 13.97 -13.51 37.45
C MET A 1595 13.55 -12.56 38.55
N GLU A 1596 13.42 -11.27 38.25
CA GLU A 1596 12.92 -10.30 39.21
C GLU A 1596 11.41 -10.37 39.34
N GLU A 1597 10.72 -10.81 38.30
CA GLU A 1597 9.27 -10.96 38.28
C GLU A 1597 8.81 -12.32 38.73
N CYS A 1598 9.63 -13.34 38.55
CA CYS A 1598 9.35 -14.66 39.10
C CYS A 1598 9.64 -14.74 40.58
N GLU A 1599 9.77 -13.61 41.25
CA GLU A 1599 9.93 -13.60 42.69
C GLU A 1599 8.91 -12.66 43.30
N ALA A 1600 8.54 -11.62 42.56
CA ALA A 1600 7.52 -10.69 43.02
C ALA A 1600 6.12 -11.28 42.93
N LEU A 1601 5.92 -12.31 42.11
CA LEU A 1601 4.64 -13.02 42.15
C LEU A 1601 4.93 -14.48 41.82
N CYS A 1602 5.19 -15.26 42.86
CA CYS A 1602 5.30 -16.71 42.75
C CYS A 1602 5.23 -17.31 44.14
N THR A 1603 4.75 -18.54 44.19
CA THR A 1603 4.68 -19.31 45.41
C THR A 1603 5.43 -20.62 45.31
N ARG A 1604 5.72 -21.10 44.11
CA ARG A 1604 6.49 -22.31 43.94
C ARG A 1604 7.14 -22.28 42.56
N LEU A 1605 8.41 -22.63 42.47
CA LEU A 1605 9.19 -22.55 41.25
C LEU A 1605 9.61 -23.95 40.81
N ALA A 1606 10.07 -24.06 39.57
CA ALA A 1606 10.55 -25.35 39.07
C ALA A 1606 11.48 -25.12 37.89
N ILE A 1607 12.79 -25.20 38.13
CA ILE A 1607 13.74 -25.14 37.02
C ILE A 1607 13.61 -26.41 36.21
N MET A 1608 13.77 -26.28 34.89
CA MET A 1608 13.50 -27.37 33.97
C MET A 1608 14.60 -27.39 32.92
N VAL A 1609 15.45 -28.41 32.95
CA VAL A 1609 16.56 -28.50 32.01
C VAL A 1609 16.51 -29.83 31.28
N GLN A 1610 16.45 -29.73 29.95
CA GLN A 1610 16.72 -30.77 28.97
C GLN A 1610 15.63 -31.83 28.88
N GLY A 1611 14.86 -32.07 29.93
CA GLY A 1611 13.61 -32.75 29.71
C GLY A 1611 12.58 -32.68 30.82
N GLN A 1612 12.93 -32.12 31.97
CA GLN A 1612 12.20 -32.49 33.17
C GLN A 1612 12.62 -31.59 34.33
N PHE A 1613 11.86 -31.67 35.40
CA PHE A 1613 12.10 -30.85 36.58
C PHE A 1613 13.35 -31.30 37.31
N LYS A 1614 14.20 -30.34 37.67
CA LYS A 1614 15.36 -30.61 38.48
C LYS A 1614 15.26 -30.10 39.90
N CYS A 1615 14.28 -29.23 40.18
CA CYS A 1615 14.07 -28.76 41.53
C CYS A 1615 12.64 -28.26 41.63
N LEU A 1616 12.17 -28.09 42.86
CA LEU A 1616 10.79 -27.69 43.06
C LEU A 1616 10.64 -27.21 44.50
N GLY A 1617 9.90 -26.12 44.67
CA GLY A 1617 9.70 -25.52 45.97
C GLY A 1617 9.78 -24.01 45.89
N SER A 1618 9.46 -23.38 47.01
CA SER A 1618 9.37 -21.94 47.05
C SER A 1618 10.75 -21.33 46.87
N PRO A 1619 10.82 -20.05 46.50
CA PRO A 1619 12.14 -19.45 46.22
C PRO A 1619 13.08 -19.45 47.40
N GLN A 1620 12.59 -19.53 48.63
CA GLN A 1620 13.51 -19.61 49.76
C GLN A 1620 14.02 -21.02 49.98
N HIS A 1621 13.16 -22.02 49.85
CA HIS A 1621 13.60 -23.40 49.99
C HIS A 1621 14.60 -23.77 48.92
N LEU A 1622 14.56 -23.10 47.77
CA LEU A 1622 15.56 -23.31 46.74
C LEU A 1622 16.89 -22.66 47.10
N LYS A 1623 16.87 -21.47 47.67
CA LYS A 1623 18.10 -20.81 48.07
C LYS A 1623 18.79 -21.51 49.22
N SER A 1624 18.05 -22.11 50.13
CA SER A 1624 18.70 -22.90 51.18
C SER A 1624 19.31 -24.18 50.64
N LYS A 1625 18.60 -24.89 49.77
CA LYS A 1625 19.07 -26.19 49.31
C LYS A 1625 20.20 -26.06 48.31
N PHE A 1626 20.19 -25.03 47.46
CA PHE A 1626 21.23 -24.85 46.46
C PHE A 1626 22.11 -23.64 46.72
N GLY A 1627 22.05 -23.06 47.90
CA GLY A 1627 22.88 -21.91 48.20
C GLY A 1627 24.25 -22.30 48.68
N SER A 1628 25.15 -21.33 48.68
CA SER A 1628 26.55 -21.54 49.01
C SER A 1628 26.97 -20.83 50.28
N GLY A 1629 26.83 -19.53 50.34
CA GLY A 1629 27.32 -18.76 51.46
C GLY A 1629 26.75 -17.37 51.45
N TYR A 1630 27.55 -16.41 51.89
CA TYR A 1630 27.13 -15.03 52.06
C TYR A 1630 27.83 -14.16 51.05
N SER A 1631 27.68 -12.85 51.20
CA SER A 1631 28.38 -11.89 50.34
C SER A 1631 28.46 -10.56 51.05
N LEU A 1632 29.67 -10.15 51.39
CA LEU A 1632 29.92 -8.90 52.11
C LEU A 1632 30.07 -7.74 51.14
N ARG A 1633 29.77 -6.53 51.61
CA ARG A 1633 29.90 -5.36 50.77
C ARG A 1633 30.44 -4.16 51.53
N ALA A 1634 31.32 -4.36 52.50
CA ALA A 1634 31.72 -3.28 53.38
C ALA A 1634 32.56 -2.24 52.65
N LYS A 1635 32.58 -1.04 53.21
CA LYS A 1635 33.44 0.04 52.72
C LYS A 1635 34.14 0.71 53.88
N VAL A 1636 35.29 1.31 53.60
CA VAL A 1636 36.14 1.90 54.62
C VAL A 1636 36.28 3.38 54.35
N GLN A 1637 36.38 4.17 55.41
CA GLN A 1637 36.31 5.62 55.30
C GLN A 1637 37.56 6.17 54.63
N SER A 1638 37.64 7.50 54.53
CA SER A 1638 38.69 8.18 53.79
C SER A 1638 39.88 8.60 54.64
N GLU A 1639 39.86 8.29 55.94
CA GLU A 1639 40.90 8.73 56.85
C GLU A 1639 42.25 8.17 56.44
N GLY A 1640 42.41 6.86 56.52
CA GLY A 1640 43.65 6.20 56.17
C GLY A 1640 43.41 5.16 55.10
N GLN A 1641 42.62 5.54 54.09
CA GLN A 1641 42.19 4.58 53.07
C GLN A 1641 43.35 3.84 52.44
N GLN A 1642 44.49 4.52 52.27
CA GLN A 1642 45.67 3.82 51.80
C GLN A 1642 46.22 2.85 52.83
N GLU A 1643 45.86 3.01 54.11
CA GLU A 1643 46.38 2.18 55.18
C GLU A 1643 45.33 1.27 55.80
N ALA A 1644 44.06 1.69 55.84
CA ALA A 1644 43.00 0.90 56.43
C ALA A 1644 42.43 -0.16 55.49
N LEU A 1645 42.46 0.09 54.19
CA LEU A 1645 41.91 -0.88 53.24
C LEU A 1645 42.61 -2.22 53.31
N GLU A 1646 43.94 -2.26 53.24
CA GLU A 1646 44.65 -3.53 53.36
C GLU A 1646 44.64 -4.09 54.77
N GLU A 1647 44.58 -3.25 55.79
CA GLU A 1647 44.46 -3.76 57.16
C GLU A 1647 43.16 -4.53 57.34
N PHE A 1648 42.06 -4.01 56.79
CA PHE A 1648 40.78 -4.73 56.84
C PHE A 1648 40.79 -5.92 55.91
N LYS A 1649 41.39 -5.77 54.73
CA LYS A 1649 41.39 -6.83 53.74
C LYS A 1649 42.20 -8.03 54.20
N ALA A 1650 43.20 -7.81 55.05
CA ALA A 1650 43.95 -8.93 55.61
C ALA A 1650 43.18 -9.63 56.72
N PHE A 1651 42.45 -8.86 57.52
CA PHE A 1651 41.64 -9.45 58.58
C PHE A 1651 40.55 -10.36 58.00
N VAL A 1652 39.89 -9.90 56.93
CA VAL A 1652 38.83 -10.71 56.36
C VAL A 1652 39.34 -11.94 55.62
N ASP A 1653 40.64 -12.06 55.41
CA ASP A 1653 41.23 -13.30 54.93
C ASP A 1653 41.71 -14.20 56.05
N LEU A 1654 41.84 -13.67 57.25
CA LEU A 1654 42.25 -14.45 58.41
C LEU A 1654 41.08 -15.05 59.17
N THR A 1655 40.03 -14.26 59.42
CA THR A 1655 38.90 -14.74 60.19
C THR A 1655 37.85 -15.47 59.35
N PHE A 1656 37.97 -15.45 58.03
CA PHE A 1656 37.03 -16.11 57.13
C PHE A 1656 37.83 -16.91 56.11
N PRO A 1657 38.36 -18.07 56.48
CA PRO A 1657 39.22 -18.83 55.56
C PRO A 1657 38.52 -19.28 54.30
N GLY A 1658 38.85 -18.65 53.17
CA GLY A 1658 38.24 -19.01 51.91
C GLY A 1658 37.59 -17.87 51.15
N SER A 1659 37.86 -16.64 51.56
CA SER A 1659 37.25 -15.50 50.91
C SER A 1659 37.72 -15.38 49.47
N VAL A 1660 37.05 -14.50 48.72
CA VAL A 1660 37.46 -14.09 47.37
C VAL A 1660 37.18 -12.60 47.24
N LEU A 1661 38.20 -11.82 46.86
CA LEU A 1661 38.04 -10.37 46.85
C LEU A 1661 36.99 -9.93 45.83
N GLU A 1662 37.12 -10.35 44.58
CA GLU A 1662 36.01 -10.35 43.64
C GLU A 1662 35.57 -8.97 43.16
N ASP A 1663 36.00 -7.89 43.82
CA ASP A 1663 35.67 -6.54 43.35
C ASP A 1663 36.34 -5.51 44.24
N GLU A 1664 36.46 -4.31 43.71
CA GLU A 1664 37.11 -3.19 44.36
C GLU A 1664 36.80 -1.91 43.60
N HIS A 1665 36.16 -0.91 44.24
CA HIS A 1665 35.89 0.33 43.54
C HIS A 1665 35.83 1.49 44.53
N GLN A 1666 36.96 2.13 44.75
CA GLN A 1666 37.12 3.45 45.34
C GLN A 1666 36.86 3.56 46.83
N GLY A 1667 36.14 2.62 47.42
CA GLY A 1667 36.11 2.55 48.86
C GLY A 1667 35.77 1.18 49.39
N MET A 1668 35.51 0.25 48.49
CA MET A 1668 34.65 -0.88 48.79
C MET A 1668 35.32 -2.19 48.43
N VAL A 1669 34.82 -3.25 49.05
CA VAL A 1669 35.18 -4.61 48.70
C VAL A 1669 33.87 -5.36 48.49
N HIS A 1670 33.97 -6.59 48.00
CA HIS A 1670 32.80 -7.42 47.81
C HIS A 1670 33.25 -8.88 47.84
N TYR A 1671 33.02 -9.54 48.97
CA TYR A 1671 33.58 -10.86 49.19
C TYR A 1671 32.53 -11.94 48.90
N HIS A 1672 32.95 -13.18 49.05
CA HIS A 1672 32.09 -14.36 48.89
C HIS A 1672 32.33 -15.34 50.03
N LEU A 1673 32.23 -14.86 51.25
CA LEU A 1673 32.47 -15.59 52.48
C LEU A 1673 31.88 -16.99 52.40
N PRO A 1674 32.70 -18.05 52.34
CA PRO A 1674 32.13 -19.39 52.14
C PRO A 1674 31.21 -19.78 53.28
N GLY A 1675 30.15 -20.51 52.93
CA GLY A 1675 29.11 -20.83 53.88
C GLY A 1675 29.35 -22.03 54.75
N ARG A 1676 30.47 -22.72 54.58
CA ARG A 1676 30.79 -23.89 55.38
C ARG A 1676 31.06 -23.46 56.81
N ASP A 1677 30.13 -23.80 57.71
CA ASP A 1677 30.26 -23.54 59.14
C ASP A 1677 30.31 -22.04 59.44
N LEU A 1678 29.23 -21.36 59.07
CA LEU A 1678 28.97 -19.99 59.51
C LEU A 1678 27.48 -19.84 59.77
N SER A 1679 27.13 -19.74 61.05
CA SER A 1679 25.76 -19.44 61.40
C SER A 1679 25.44 -18.00 61.02
N TRP A 1680 24.14 -17.71 60.92
CA TRP A 1680 23.70 -16.35 60.69
C TRP A 1680 23.94 -15.47 61.91
N ALA A 1681 24.25 -16.06 63.06
CA ALA A 1681 24.58 -15.28 64.24
C ALA A 1681 26.07 -14.96 64.32
N LYS A 1682 26.92 -15.96 64.10
CA LYS A 1682 28.36 -15.74 64.21
C LYS A 1682 28.83 -14.68 63.22
N VAL A 1683 28.33 -14.74 61.98
CA VAL A 1683 28.80 -13.81 60.98
C VAL A 1683 28.42 -12.39 61.34
N PHE A 1684 27.27 -12.20 61.96
CA PHE A 1684 26.88 -10.86 62.40
C PHE A 1684 27.63 -10.40 63.63
N GLY A 1685 27.90 -11.29 64.58
CA GLY A 1685 28.67 -10.91 65.75
C GLY A 1685 30.08 -10.49 65.41
N ILE A 1686 30.73 -11.26 64.52
CA ILE A 1686 32.09 -10.93 64.11
C ILE A 1686 32.14 -9.53 63.52
N LEU A 1687 31.28 -9.27 62.54
CA LEU A 1687 31.34 -8.00 61.85
C LEU A 1687 30.87 -6.85 62.73
N GLU A 1688 29.93 -7.10 63.63
CA GLU A 1688 29.48 -6.04 64.52
C GLU A 1688 30.57 -5.67 65.51
N LYS A 1689 31.39 -6.63 65.94
CA LYS A 1689 32.53 -6.29 66.78
C LYS A 1689 33.62 -5.59 65.99
N ALA A 1690 33.89 -6.04 64.76
CA ALA A 1690 34.98 -5.48 63.96
C ALA A 1690 34.57 -4.21 63.23
N LYS A 1691 33.31 -3.79 63.32
CA LYS A 1691 32.91 -2.56 62.66
C LYS A 1691 33.66 -1.37 63.21
N GLU A 1692 33.80 -1.30 64.53
CA GLU A 1692 34.38 -0.11 65.16
C GLU A 1692 35.87 -0.22 65.39
N LYS A 1693 36.39 -1.40 65.72
CA LYS A 1693 37.81 -1.53 65.99
C LYS A 1693 38.67 -1.39 64.73
N TYR A 1694 38.10 -1.55 63.54
CA TYR A 1694 38.88 -1.48 62.30
C TYR A 1694 38.47 -0.33 61.41
N GLY A 1695 37.59 0.55 61.86
CA GLY A 1695 37.24 1.71 61.08
C GLY A 1695 36.57 1.40 59.77
N VAL A 1696 35.34 0.90 59.83
CA VAL A 1696 34.51 0.64 58.67
C VAL A 1696 33.32 1.58 58.72
N ASP A 1697 32.96 2.14 57.56
CA ASP A 1697 31.83 3.06 57.52
C ASP A 1697 30.50 2.32 57.52
N ASP A 1698 30.33 1.34 56.64
CA ASP A 1698 29.06 0.63 56.56
C ASP A 1698 29.29 -0.71 55.86
N TYR A 1699 28.31 -1.59 55.99
CA TYR A 1699 28.43 -2.93 55.44
C TYR A 1699 27.04 -3.52 55.26
N SER A 1700 26.97 -4.66 54.58
CA SER A 1700 25.69 -5.30 54.34
C SER A 1700 25.90 -6.75 53.93
N VAL A 1701 25.41 -7.68 54.73
CA VAL A 1701 25.51 -9.10 54.45
C VAL A 1701 24.19 -9.59 53.88
N SER A 1702 24.26 -10.36 52.80
CA SER A 1702 23.08 -10.90 52.16
C SER A 1702 23.36 -12.31 51.67
N GLN A 1703 22.30 -13.08 51.51
CA GLN A 1703 22.46 -14.45 51.03
C GLN A 1703 22.51 -14.47 49.51
N ILE A 1704 22.52 -15.68 48.95
CA ILE A 1704 22.62 -15.84 47.50
C ILE A 1704 21.37 -15.27 46.85
N SER A 1705 21.46 -14.94 45.57
CA SER A 1705 20.38 -14.37 44.81
C SER A 1705 19.70 -15.45 43.98
N LEU A 1706 18.40 -15.28 43.74
CA LEU A 1706 17.64 -16.33 43.07
C LEU A 1706 18.12 -16.53 41.64
N GLU A 1707 18.44 -15.44 40.96
CA GLU A 1707 18.91 -15.57 39.58
C GLU A 1707 20.26 -16.29 39.53
N GLN A 1708 21.09 -16.07 40.54
CA GLN A 1708 22.36 -16.77 40.65
C GLN A 1708 22.18 -18.24 40.96
N VAL A 1709 21.09 -18.60 41.65
CA VAL A 1709 20.76 -20.00 41.85
C VAL A 1709 20.31 -20.63 40.54
N PHE A 1710 19.48 -19.92 39.79
CA PHE A 1710 19.06 -20.41 38.49
C PHE A 1710 20.24 -20.65 37.57
N LEU A 1711 21.22 -19.76 37.60
CA LEU A 1711 22.36 -19.89 36.70
C LEU A 1711 23.29 -21.04 37.06
N SER A 1712 23.10 -21.68 38.21
CA SER A 1712 23.98 -22.80 38.58
C SER A 1712 23.81 -23.98 37.64
N PHE A 1713 22.59 -24.25 37.22
CA PHE A 1713 22.28 -25.37 36.34
C PHE A 1713 22.69 -25.13 34.90
N ALA A 1714 23.47 -24.08 34.63
CA ALA A 1714 23.77 -23.72 33.26
C ALA A 1714 24.72 -24.71 32.60
N HIS A 1715 25.43 -25.51 33.38
CA HIS A 1715 26.35 -26.49 32.81
C HIS A 1715 25.65 -27.76 32.38
N LEU A 1716 24.38 -27.93 32.74
CA LEU A 1716 23.63 -29.12 32.36
C LEU A 1716 23.07 -29.04 30.95
N GLN A 1717 23.29 -27.94 30.26
CA GLN A 1717 22.88 -27.85 28.87
C GLN A 1717 23.68 -28.85 28.04
N PRO A 1718 23.02 -29.60 27.16
CA PRO A 1718 23.71 -30.66 26.40
C PRO A 1718 24.88 -30.15 25.59
N PRO A 1719 24.80 -28.95 24.96
CA PRO A 1719 26.01 -28.60 24.22
C PRO A 1719 27.12 -28.03 25.10
C1 NAG B . -49.34 -1.30 -50.02
C2 NAG B . -50.15 -2.36 -49.30
C3 NAG B . -51.57 -2.42 -49.85
C4 NAG B . -52.20 -1.03 -49.87
C5 NAG B . -51.28 -0.02 -50.53
C6 NAG B . -51.77 1.40 -50.43
C7 NAG B . -49.15 -4.39 -48.32
C8 NAG B . -48.51 -5.71 -48.62
N2 NAG B . -49.51 -3.67 -49.39
O3 NAG B . -52.36 -3.30 -49.07
O4 NAG B . -53.43 -1.07 -50.59
O5 NAG B . -49.98 -0.04 -49.91
O6 NAG B . -50.76 2.33 -50.82
O7 NAG B . -49.36 -4.00 -47.17
C1 NAG C . -48.19 37.01 -48.19
C2 NAG C . -48.19 38.18 -47.20
C3 NAG C . -49.34 39.16 -47.48
C4 NAG C . -50.68 38.45 -47.61
C5 NAG C . -50.54 37.13 -48.35
C6 NAG C . -51.62 36.88 -49.37
C7 NAG C . -47.23 37.91 -44.95
C8 NAG C . -47.44 37.37 -43.57
N2 NAG C . -48.24 37.72 -45.81
O3 NAG C . -49.06 39.89 -48.66
O4 NAG C . -51.24 38.21 -46.32
O5 NAG C . -49.30 37.13 -49.07
O6 NAG C . -52.79 36.36 -48.75
O7 NAG C . -46.19 38.48 -45.28
O1 PX4 D . 0.18 4.85 6.79
O2 PX4 D . 1.40 5.46 4.58
P1 PX4 D . 0.67 5.90 5.83
O3 PX4 D . 1.58 6.95 6.64
C1 PX4 D . 1.28 8.35 6.66
C2 PX4 D . 2.50 9.14 6.18
N1 PX4 D . 2.56 10.46 6.81
C3 PX4 D . 2.92 10.33 8.22
C4 PX4 D . 3.57 11.30 6.15
C5 PX4 D . 1.25 11.11 6.70
O4 PX4 D . -0.58 6.81 5.38
C6 PX4 D . -0.99 6.87 4.02
C7 PX4 D . -1.70 8.18 3.77
C8 PX4 D . -0.67 9.30 3.64
O5 PX4 D . -1.26 10.42 3.00
C9 PX4 D . -1.22 10.54 1.55
O6 PX4 D . -1.23 9.55 0.86
C10 PX4 D . -1.15 11.91 0.92
C11 PX4 D . -1.70 11.84 -0.50
C12 PX4 D . -0.79 10.99 -1.38
C13 PX4 D . -0.91 11.43 -2.84
C14 PX4 D . -0.41 12.86 -3.02
C15 PX4 D . 0.99 12.86 -3.62
C16 PX4 D . 1.25 14.14 -4.39
C17 PX4 D . 2.53 14.05 -5.21
C18 PX4 D . 2.26 13.43 -6.58
C19 PX4 D . 1.29 14.27 -7.39
C20 PX4 D . 1.86 14.57 -8.77
C21 PX4 D . 0.83 15.25 -9.67
C22 PX4 D . -0.44 15.54 -8.92
O7 PX4 D . -2.46 8.11 2.57
C23 PX4 D . -3.36 6.97 2.57
O8 PX4 D . -3.71 6.48 3.62
C24 PX4 D . -3.86 6.41 1.26
C25 PX4 D . -5.34 6.75 1.09
C26 PX4 D . -6.19 5.48 1.12
C27 PX4 D . -6.81 5.19 -0.24
C28 PX4 D . -7.88 6.23 -0.58
C29 PX4 D . -9.18 5.56 -1.01
C30 PX4 D . -10.37 6.19 -0.32
C31 PX4 D . -11.43 6.62 -1.34
C32 PX4 D . -10.81 6.74 -2.73
C33 PX4 D . -10.94 8.17 -3.26
C34 PX4 D . -12.26 8.34 -4.00
C35 PX4 D . -12.62 7.07 -4.77
C36 PX4 D . -12.78 7.36 -6.25
O1 PX4 E . -3.75 1.04 7.53
O2 PX4 E . -4.33 -1.52 7.58
P1 PX4 E . -3.92 -0.28 6.81
O3 PX4 E . -2.55 -0.60 6.03
C1 PX4 E . -1.50 -1.33 6.67
C2 PX4 E . -0.92 -2.35 5.70
N1 PX4 E . 0.13 -1.71 4.90
C3 PX4 E . 0.94 -0.84 5.75
C4 PX4 E . 0.99 -2.76 4.32
C5 PX4 E . -0.47 -0.92 3.82
O4 PX4 E . -4.96 -0.06 5.60
C6 PX4 E . -4.75 -0.67 4.33
C7 PX4 E . -5.96 -0.45 3.44
C8 PX4 E . -5.75 -1.19 2.12
O5 PX4 E . -4.51 -0.77 1.54
C9 PX4 E . -4.51 0.15 0.41
O6 PX4 E . -5.20 1.16 0.46
C10 PX4 E . -3.66 -0.14 -0.80
C11 PX4 E . -3.90 0.94 -1.86
C12 PX4 E . -3.80 0.35 -3.26
C13 PX4 E . -4.22 1.39 -4.31
C14 PX4 E . -3.62 1.05 -5.67
C15 PX4 E . -4.36 -0.11 -6.31
C16 PX4 E . -3.39 -1.07 -6.98
C17 PX4 E . -3.86 -1.42 -8.39
C18 PX4 E . -2.66 -1.61 -9.33
C19 PX4 E . -1.41 -0.96 -8.74
C20 PX4 E . -0.14 -1.61 -9.29
C21 PX4 E . 0.07 -1.24 -10.75
C22 PX4 E . 1.30 -1.94 -11.31
O7 PX4 E . -7.12 -0.98 4.09
C23 PX4 E . -8.23 -0.04 4.03
O8 PX4 E . -8.35 0.78 4.93
C24 PX4 E . -9.21 -0.09 2.89
C25 PX4 E . -8.73 0.83 1.77
C26 PX4 E . -8.82 0.13 0.41
C27 PX4 E . -9.38 1.07 -0.65
C28 PX4 E . -8.30 1.44 -1.66
C29 PX4 E . -8.90 1.62 -3.06
C30 PX4 E . -8.49 2.96 -3.66
C31 PX4 E . -7.67 2.76 -4.93
C32 PX4 E . -8.03 3.79 -5.99
C33 PX4 E . -7.42 5.15 -5.65
C34 PX4 E . -7.91 6.22 -6.63
C35 PX4 E . -7.54 7.61 -6.12
C36 PX4 E . -8.33 8.67 -6.85
C210 POV F . 2.86 -6.99 -12.08
C211 POV F . 3.47 -8.21 -12.75
C212 POV F . 2.40 -9.07 -13.38
C213 POV F . 2.78 -9.47 -14.80
C214 POV F . 3.43 -10.86 -14.81
C215 POV F . 4.06 -11.16 -16.16
C216 POV F . 3.00 -11.58 -17.17
C21 POV F . 2.55 -3.25 -3.12
C22 POV F . 3.33 -4.54 -3.10
C23 POV F . 3.60 -4.98 -4.54
C24 POV F . 2.53 -4.43 -5.48
C25 POV F . 3.11 -4.18 -6.87
C26 POV F . 3.55 -5.48 -7.53
C27 POV F . 2.99 -5.58 -8.95
C28 POV F . 3.66 -6.70 -9.72
C29 POV F . 3.88 -6.30 -11.17
C210 POV G . 3.41 -10.87 -8.27
C211 POV G . 2.38 -11.17 -9.34
C212 POV G . 1.01 -11.44 -8.71
C213 POV G . -0.01 -11.83 -9.78
C214 POV G . 0.48 -13.02 -10.59
C215 POV G . -0.59 -14.11 -10.65
C216 POV G . -1.44 -13.95 -11.88
C21 POV G . 9.12 -8.15 -2.81
C22 POV G . 9.30 -9.45 -3.58
C23 POV G . 8.24 -9.53 -4.67
C24 POV G . 8.75 -8.91 -5.97
C25 POV G . 7.68 -8.98 -7.05
C26 POV G . 7.45 -10.42 -7.50
C27 POV G . 6.03 -10.61 -8.03
C28 POV G . 5.58 -12.06 -7.88
C29 POV G . 4.07 -12.15 -7.77
C210 POV H . 0.16 -13.85 -5.29
C211 POV H . -1.01 -14.07 -6.24
C212 POV H . -1.71 -15.39 -5.96
C213 POV H . -1.67 -16.30 -7.18
C214 POV H . -2.37 -17.63 -6.90
C215 POV H . -2.15 -18.61 -8.03
C216 POV H . -3.26 -19.64 -8.08
C21 POV H . 4.37 -10.29 1.47
C22 POV H . 4.84 -11.65 1.89
C23 POV H . 4.17 -12.70 1.02
C24 POV H . 4.53 -12.50 -0.44
C25 POV H . 3.28 -12.49 -1.32
C26 POV H . 3.30 -13.64 -2.33
C27 POV H . 2.06 -13.60 -3.20
C28 POV H . 1.70 -15.01 -3.67
C29 POV H . 0.32 -15.03 -4.33
#